data_5I0D
#
_entry.id   5I0D
#
_cell.length_a   74.753
_cell.length_b   101.233
_cell.length_c   166.391
_cell.angle_alpha   90.00
_cell.angle_beta   101.02
_cell.angle_gamma   90.00
#
_symmetry.space_group_name_H-M   'P 1 2 1'
#
loop_
_entity.id
_entity.type
_entity.pdbx_description
1 polymer 'Lmo2446 protein'
2 branched alpha-D-glucopyranose-(1-6)-alpha-D-glucopyranose
3 branched 'Cyclic alpha-D-glucopyranose-(1-3)-alpha-D-glucopyranose-(1-6)-alpha-D-glucopyranose-(1-3)-alpha-D-glucopyranose'
4 branched alpha-D-glucopyranose-(1-3)-alpha-D-glucopyranose-(1-6)-alpha-D-glucopyranose
5 branched 'Cyclic alpha-D-glucopyranose-(1-6)-alpha-D-glucopyranose-(1-3)-alpha-D-glucopyranose-(1-6)-alpha-D-glucopyranose'
6 non-polymer 'MAGNESIUM ION'
7 non-polymer 'CALCIUM ION'
8 non-polymer 'CHLORIDE ION'
9 non-polymer alpha-D-glucopyranose
10 water water
#
_entity_poly.entity_id   1
_entity_poly.type   'polypeptide(L)'
_entity_poly.pdbx_seq_one_letter_code
;SNA(MSE)DGEYHSPYGDDDLYTVQPTERSPRDPKAGEDVILNITTWPIENGQDVWVEWTKNGVAQENVTAAYDYNSGNN
TYWKADLGKFEKGDEITYTTKGSTNGGTAYESGPFTFYVTDWEYVQDVTSVVDNGDSITLN(MSE)TATAGDFSPKLYLS
FEDLDTLR(MSE)ELSPTGKETGHAGKSGYTVEDTAEKVTVTTEDLSIEIQKSPYR(MSE)EVHQADGTLLTSEYTTANS
LGWLTDGKNVINQYQNNF(MSE)TPSDEAFYGFGERYDTINQRGKDVETYVYNEYQDQAQTERTYLAVPFFVSANKYG
(MSE)YVNSDFHSQFQ(MSE)ASKVEDKYSFVLDNDGD(MSE)TN(MSE)LDYYVISGKDQNDIVNNYTDITGKTTLLPK
WAFGLW(MSE)SANEWDRESDVSSALSNAKANDIPATGFVLEQWSDEETYYIWNNATYTAKKNGEAFSYDDFTFNGKWTD
PKG(MSE)VDSVHDAG(MSE)NIVLWQVPVLKDDGTVYEQRDNDEEY(MSE)ISQGYSADDGTGAPYRVPASQWFGNGIL
LDFTNKDAVDWWTSQREYLLTEVGIDGFKTDGGE(MSE)VWGRDTTFSNGEKGQE(MSE)RNRYPTDYVSSYFDFAKSIN
PEAVSFSRSGTSGAQKSGIYWSGDQTSTFDSFQASLKAGLSASTSGVSYWAWD(MSE)AGFTGDYPTAELYKRATA
(MSE)AAFAPI(MSE)QFHSEKSDPSPSEERSPWNAVARTGDETILPTFQKYLYTR(MSE)NLLPYIYTAAKDTADNGKS
(MSE)(MSE)RQ(MSE)A(MSE)DYPEDVNARDLDEQY(MSE)FGDDLLVAPIVQEGQTEKEVYLPEGEWVDIWNGGVHP
GGETISYYADVDTLPVFAKAGAIIP(MSE)N(MSE)TDGYQLGQNVGNDLKSYDNLTFRVYPSGDSEYSFYDDVNGGE
(MSE)RDISVSEDFANEKVSVDLPA(MSE)ADETT(MSE)QVFSTEPTSVTIDGADVAKADTLDAFNEATTGYYYDTVQN
LTYVKAAAKDAKQAIVLNGVNHAPYEAEFGHLTNVTTASDHAGYTGTGFVAGFDAEKEAVEFDIDAVDGASDYT(MSE)E
VRYSAGVEDATRTVYINGKKQQITLPKTANWDTWNTVEVPVTLQAGNNQVVFDFEADDTAGINFDHVVIKK
;
_entity_poly.pdbx_strand_id   A,B
#
loop_
_chem_comp.id
_chem_comp.type
_chem_comp.name
_chem_comp.formula
CA non-polymer 'CALCIUM ION' 'Ca 2'
CL non-polymer 'CHLORIDE ION' 'Cl -1'
GLC D-saccharide, alpha linking alpha-D-glucopyranose 'C6 H12 O6'
MG non-polymer 'MAGNESIUM ION' 'Mg 2'
#
# COMPACT_ATOMS: atom_id res chain seq x y z
N MSE A 4 6.82 20.19 -61.10
CA MSE A 4 6.89 20.20 -59.59
C MSE A 4 6.96 18.78 -59.05
O MSE A 4 6.23 17.91 -59.52
CB MSE A 4 5.67 20.89 -58.96
CG MSE A 4 6.03 21.41 -57.56
SE MSE A 4 4.51 22.31 -56.68
CE MSE A 4 4.85 24.17 -57.28
N ASP A 5 7.83 18.57 -58.06
CA ASP A 5 7.95 17.27 -57.39
C ASP A 5 7.19 17.21 -56.09
N GLY A 6 7.08 18.33 -55.38
CA GLY A 6 6.20 18.38 -54.24
C GLY A 6 5.94 19.75 -53.64
N GLU A 7 5.08 19.75 -52.64
CA GLU A 7 4.74 20.93 -51.88
C GLU A 7 4.62 20.46 -50.43
N TYR A 8 4.87 21.35 -49.47
CA TYR A 8 4.69 20.99 -48.06
C TYR A 8 4.43 22.18 -47.15
N HIS A 9 3.45 22.01 -46.30
CA HIS A 9 3.14 22.90 -45.18
C HIS A 9 2.61 22.02 -44.04
N SER A 10 2.98 22.33 -42.81
CA SER A 10 2.47 21.63 -41.63
C SER A 10 2.50 22.63 -40.48
N PRO A 11 1.34 23.05 -39.97
CA PRO A 11 1.30 24.28 -39.19
C PRO A 11 2.14 24.32 -37.91
N TYR A 12 2.29 23.18 -37.24
CA TYR A 12 3.02 23.15 -35.95
C TYR A 12 4.45 22.65 -36.04
N GLY A 13 4.89 22.17 -37.22
CA GLY A 13 6.21 21.57 -37.36
C GLY A 13 6.38 20.43 -36.35
N ASP A 14 7.51 20.46 -35.63
CA ASP A 14 7.77 19.48 -34.56
C ASP A 14 7.27 19.98 -33.19
N ASP A 15 6.58 21.12 -33.19
CA ASP A 15 6.10 21.78 -31.98
C ASP A 15 7.25 22.22 -31.04
N ASP A 16 8.44 22.48 -31.57
CA ASP A 16 9.59 22.88 -30.75
C ASP A 16 9.31 24.24 -30.12
N LEU A 17 9.62 24.40 -28.83
CA LEU A 17 9.42 25.69 -28.14
C LEU A 17 10.36 26.75 -28.69
N TYR A 18 11.59 26.36 -29.02
CA TYR A 18 12.67 27.30 -29.31
C TYR A 18 12.90 27.63 -30.78
N THR A 19 12.52 26.72 -31.69
CA THR A 19 12.73 26.89 -33.12
C THR A 19 11.44 26.58 -33.86
N VAL A 20 11.43 26.95 -35.14
CA VAL A 20 10.35 26.60 -36.03
C VAL A 20 10.94 25.85 -37.20
N GLN A 21 10.21 24.87 -37.71
CA GLN A 21 10.46 24.36 -39.07
C GLN A 21 10.12 25.47 -40.09
N PRO A 22 10.69 25.40 -41.31
CA PRO A 22 10.49 26.52 -42.25
C PRO A 22 9.13 26.48 -43.00
N THR A 23 8.22 25.60 -42.57
CA THR A 23 6.96 25.38 -43.25
C THR A 23 5.78 25.39 -42.25
N GLU A 24 5.90 26.22 -41.21
CA GLU A 24 4.88 26.30 -40.16
C GLU A 24 3.90 27.46 -40.39
N ARG A 25 2.85 27.46 -39.57
CA ARG A 25 1.93 28.58 -39.47
C ARG A 25 2.41 29.47 -38.33
N SER A 26 2.37 30.78 -38.53
N SER A 26 2.39 30.79 -38.52
CA SER A 26 2.72 31.74 -37.50
CA SER A 26 2.74 31.72 -37.44
C SER A 26 1.60 32.78 -37.33
C SER A 26 1.67 32.80 -37.31
N PRO A 27 1.05 32.95 -36.11
CA PRO A 27 1.27 32.16 -34.90
C PRO A 27 0.72 30.75 -35.07
N ARG A 28 1.28 29.80 -34.33
CA ARG A 28 0.75 28.44 -34.34
C ARG A 28 -0.75 28.40 -33.99
N ASP A 29 -1.10 29.06 -32.90
CA ASP A 29 -2.47 29.10 -32.39
C ASP A 29 -2.93 30.56 -32.37
N PRO A 30 -3.48 31.06 -33.52
CA PRO A 30 -3.79 32.48 -33.63
C PRO A 30 -4.85 32.99 -32.64
N LYS A 31 -4.57 34.15 -32.06
CA LYS A 31 -5.53 34.84 -31.23
C LYS A 31 -6.18 35.97 -32.04
N ALA A 32 -7.24 36.53 -31.50
CA ALA A 32 -7.94 37.65 -32.13
C ALA A 32 -6.96 38.75 -32.51
N GLY A 33 -7.06 39.24 -33.73
CA GLY A 33 -6.28 40.40 -34.14
C GLY A 33 -4.85 40.15 -34.57
N GLU A 34 -4.42 38.89 -34.57
CA GLU A 34 -3.09 38.50 -35.00
C GLU A 34 -3.09 38.09 -36.47
N ASP A 35 -2.15 38.65 -37.23
CA ASP A 35 -2.00 38.32 -38.63
C ASP A 35 -1.48 36.89 -38.76
N VAL A 36 -2.08 36.09 -39.61
CA VAL A 36 -1.72 34.69 -39.74
C VAL A 36 -0.96 34.46 -41.04
N ILE A 37 0.28 34.00 -40.91
CA ILE A 37 1.15 33.70 -42.03
C ILE A 37 1.32 32.21 -42.15
N LEU A 38 1.20 31.70 -43.38
CA LEU A 38 1.50 30.31 -43.69
C LEU A 38 2.80 30.23 -44.50
N ASN A 39 3.79 29.51 -43.95
CA ASN A 39 5.03 29.26 -44.64
C ASN A 39 4.94 27.93 -45.37
N ILE A 40 5.20 27.97 -46.68
CA ILE A 40 4.99 26.82 -47.57
C ILE A 40 6.27 26.60 -48.37
N THR A 41 6.60 25.34 -48.62
CA THR A 41 7.70 25.03 -49.51
C THR A 41 7.31 24.21 -50.74
N THR A 42 8.02 24.46 -51.85
CA THR A 42 7.93 23.64 -53.05
C THR A 42 9.32 23.25 -53.50
N TRP A 43 9.38 22.20 -54.31
CA TRP A 43 10.60 21.73 -54.89
C TRP A 43 10.28 20.97 -56.18
N PRO A 44 11.20 20.89 -57.13
CA PRO A 44 12.49 21.61 -57.11
C PRO A 44 12.28 23.08 -57.43
N ILE A 45 13.36 23.85 -57.48
CA ILE A 45 13.27 25.26 -57.87
C ILE A 45 12.97 25.31 -59.37
N GLU A 46 11.91 26.02 -59.74
CA GLU A 46 11.46 26.12 -61.14
C GLU A 46 10.72 27.43 -61.38
N ASN A 47 10.89 28.02 -62.56
CA ASN A 47 10.05 29.14 -62.99
C ASN A 47 8.61 28.65 -63.17
N GLY A 48 7.67 29.58 -63.06
CA GLY A 48 6.25 29.28 -63.33
C GLY A 48 5.51 28.47 -62.28
N GLN A 49 6.09 28.34 -61.09
CA GLN A 49 5.41 27.72 -59.96
C GLN A 49 4.36 28.66 -59.39
N ASP A 50 3.23 28.09 -58.99
CA ASP A 50 2.16 28.81 -58.34
C ASP A 50 1.87 28.13 -57.02
N VAL A 51 1.71 28.92 -55.97
CA VAL A 51 1.40 28.43 -54.65
C VAL A 51 0.27 29.26 -54.10
N TRP A 52 -0.75 28.60 -53.60
CA TRP A 52 -1.97 29.28 -53.18
C TRP A 52 -2.64 28.51 -52.05
N VAL A 53 -3.62 29.17 -51.44
CA VAL A 53 -4.34 28.63 -50.30
C VAL A 53 -5.84 28.66 -50.58
N GLU A 54 -6.47 27.50 -50.44
CA GLU A 54 -7.92 27.37 -50.58
C GLU A 54 -8.47 27.24 -49.16
N TRP A 55 -9.46 28.06 -48.81
CA TRP A 55 -9.89 28.17 -47.42
C TRP A 55 -11.32 28.64 -47.20
N THR A 56 -11.80 28.35 -45.99
CA THR A 56 -13.11 28.76 -45.50
C THR A 56 -12.98 29.52 -44.16
N LYS A 57 -13.87 30.48 -43.97
CA LYS A 57 -13.96 31.18 -42.69
C LYS A 57 -15.37 30.95 -42.20
N ASN A 58 -15.51 30.29 -41.05
CA ASN A 58 -16.82 29.97 -40.49
C ASN A 58 -17.71 29.26 -41.52
N GLY A 59 -17.10 28.33 -42.25
CA GLY A 59 -17.81 27.50 -43.24
C GLY A 59 -18.10 28.15 -44.59
N VAL A 60 -17.68 29.39 -44.79
CA VAL A 60 -17.94 30.09 -46.04
C VAL A 60 -16.66 30.16 -46.85
N ALA A 61 -16.70 29.67 -48.09
CA ALA A 61 -15.54 29.68 -48.96
C ALA A 61 -15.06 31.10 -49.17
N GLN A 62 -13.76 31.32 -49.00
CA GLN A 62 -13.14 32.62 -49.21
C GLN A 62 -12.45 32.59 -50.57
N GLU A 63 -12.09 33.76 -51.10
CA GLU A 63 -11.26 33.80 -52.31
C GLU A 63 -9.87 33.26 -51.99
N ASN A 64 -9.30 32.47 -52.90
CA ASN A 64 -7.99 31.88 -52.68
C ASN A 64 -6.96 32.96 -52.36
N VAL A 65 -5.98 32.64 -51.50
CA VAL A 65 -4.89 33.56 -51.23
C VAL A 65 -3.69 33.06 -52.03
N THR A 66 -3.02 33.98 -52.72
CA THR A 66 -1.82 33.66 -53.48
C THR A 66 -0.63 33.82 -52.54
N ALA A 67 0.23 32.81 -52.48
CA ALA A 67 1.46 32.92 -51.69
C ALA A 67 2.51 33.64 -52.52
N ALA A 68 3.39 34.36 -51.82
CA ALA A 68 4.42 35.15 -52.46
C ALA A 68 5.76 34.50 -52.16
N TYR A 69 6.67 34.61 -53.12
CA TYR A 69 8.03 34.10 -52.94
C TYR A 69 8.64 34.75 -51.69
N ASP A 70 9.38 33.96 -50.91
CA ASP A 70 10.06 34.44 -49.71
C ASP A 70 11.59 34.28 -49.86
N TYR A 71 12.05 33.06 -50.09
CA TYR A 71 13.49 32.79 -50.32
C TYR A 71 13.73 31.42 -50.92
N ASN A 72 14.95 31.19 -51.40
CA ASN A 72 15.37 29.86 -51.81
C ASN A 72 16.44 29.30 -50.88
N SER A 73 16.38 27.99 -50.67
CA SER A 73 17.45 27.31 -49.92
C SER A 73 17.56 25.90 -50.47
N GLY A 74 18.78 25.53 -50.88
CA GLY A 74 19.01 24.22 -51.47
C GLY A 74 18.20 24.08 -52.75
N ASN A 75 17.43 23.00 -52.88
CA ASN A 75 16.58 22.81 -54.05
C ASN A 75 15.11 23.12 -53.73
N ASN A 76 14.88 23.99 -52.75
CA ASN A 76 13.53 24.36 -52.32
C ASN A 76 13.27 25.86 -52.44
N THR A 77 12.03 26.20 -52.75
CA THR A 77 11.54 27.57 -52.63
C THR A 77 10.60 27.63 -51.44
N TYR A 78 10.68 28.73 -50.70
CA TYR A 78 9.82 28.99 -49.55
C TYR A 78 8.97 30.20 -49.88
N TRP A 79 7.73 30.13 -49.44
CA TRP A 79 6.67 31.05 -49.79
C TRP A 79 5.93 31.43 -48.53
N LYS A 80 5.36 32.63 -48.52
CA LYS A 80 4.47 33.09 -47.45
C LYS A 80 3.11 33.41 -48.04
N ALA A 81 2.08 32.83 -47.43
CA ALA A 81 0.68 33.20 -47.71
C ALA A 81 0.13 33.95 -46.50
N ASP A 82 -0.47 35.11 -46.75
CA ASP A 82 -1.02 35.92 -45.66
C ASP A 82 -2.55 35.79 -45.62
N LEU A 83 -3.07 35.16 -44.57
CA LEU A 83 -4.52 35.02 -44.38
C LEU A 83 -5.19 36.21 -43.71
N GLY A 84 -4.41 37.15 -43.18
CA GLY A 84 -4.94 38.32 -42.47
C GLY A 84 -5.19 38.03 -41.00
N LYS A 85 -5.95 38.93 -40.36
CA LYS A 85 -6.35 38.81 -38.97
C LYS A 85 -7.78 38.33 -38.83
N PHE A 86 -8.09 37.79 -37.65
CA PHE A 86 -9.40 37.22 -37.38
C PHE A 86 -9.96 37.67 -36.05
N GLU A 87 -11.21 37.32 -35.81
CA GLU A 87 -11.91 37.66 -34.58
C GLU A 87 -12.09 36.43 -33.75
N LYS A 88 -12.19 36.63 -32.43
CA LYS A 88 -12.53 35.55 -31.50
C LYS A 88 -13.72 34.76 -32.00
N GLY A 89 -13.59 33.44 -31.99
CA GLY A 89 -14.64 32.54 -32.43
C GLY A 89 -14.53 32.10 -33.88
N ASP A 90 -13.74 32.80 -34.71
CA ASP A 90 -13.58 32.42 -36.11
C ASP A 90 -12.97 31.01 -36.22
N GLU A 91 -13.55 30.21 -37.10
CA GLU A 91 -13.06 28.88 -37.40
C GLU A 91 -12.56 28.92 -38.84
N ILE A 92 -11.25 28.68 -39.01
CA ILE A 92 -10.59 28.77 -40.32
C ILE A 92 -10.10 27.40 -40.73
N THR A 93 -10.42 26.97 -41.93
CA THR A 93 -9.93 25.71 -42.48
C THR A 93 -9.25 26.03 -43.81
N TYR A 94 -8.04 25.54 -44.01
CA TYR A 94 -7.32 25.84 -45.23
C TYR A 94 -6.56 24.66 -45.76
N THR A 95 -6.28 24.70 -47.06
CA THR A 95 -5.43 23.74 -47.73
C THR A 95 -4.43 24.56 -48.54
N THR A 96 -3.15 24.22 -48.40
CA THR A 96 -2.10 24.87 -49.20
C THR A 96 -1.84 24.01 -50.44
N LYS A 97 -1.58 24.67 -51.57
CA LYS A 97 -1.44 23.98 -52.85
C LYS A 97 -0.32 24.59 -53.69
N GLY A 98 0.32 23.74 -54.50
CA GLY A 98 1.39 24.14 -55.40
C GLY A 98 1.26 23.39 -56.72
N SER A 99 1.59 24.07 -57.81
CA SER A 99 1.76 23.40 -59.10
C SER A 99 2.58 24.30 -60.02
N THR A 100 3.18 23.68 -61.03
CA THR A 100 4.02 24.39 -61.98
C THR A 100 3.26 24.42 -63.29
N ASN A 101 3.10 25.62 -63.85
CA ASN A 101 2.48 25.81 -65.17
C ASN A 101 1.18 25.03 -65.36
N GLY A 102 0.31 25.13 -64.36
CA GLY A 102 -0.98 24.43 -64.37
C GLY A 102 -0.95 22.92 -64.42
N GLY A 103 0.18 22.31 -64.05
CA GLY A 103 0.34 20.84 -64.06
C GLY A 103 -0.17 20.19 -62.77
N THR A 104 0.36 19.00 -62.47
CA THR A 104 0.02 18.23 -61.27
C THR A 104 0.06 19.10 -60.02
N ALA A 105 -1.04 19.10 -59.26
CA ALA A 105 -1.17 19.90 -58.05
C ALA A 105 -0.82 19.05 -56.83
N TYR A 106 0.01 19.61 -55.95
CA TYR A 106 0.37 18.96 -54.69
C TYR A 106 -0.24 19.78 -53.58
N GLU A 107 -0.72 19.10 -52.54
CA GLU A 107 -1.46 19.79 -51.49
C GLU A 107 -1.04 19.32 -50.10
N SER A 108 -1.24 20.21 -49.14
CA SER A 108 -1.17 19.87 -47.73
C SER A 108 -2.44 20.38 -47.06
N GLY A 109 -2.98 19.56 -46.17
CA GLY A 109 -4.15 19.90 -45.40
C GLY A 109 -5.28 18.92 -45.68
N PRO A 110 -6.50 19.24 -45.29
CA PRO A 110 -6.87 20.52 -44.67
C PRO A 110 -6.42 20.64 -43.22
N PHE A 111 -6.21 21.89 -42.78
CA PHE A 111 -5.88 22.23 -41.42
C PHE A 111 -6.91 23.23 -40.90
N THR A 112 -7.26 23.11 -39.62
CA THR A 112 -8.23 23.99 -38.98
C THR A 112 -7.64 24.65 -37.74
N PHE A 113 -7.92 25.93 -37.55
CA PHE A 113 -7.65 26.61 -36.29
C PHE A 113 -8.85 27.40 -35.83
N TYR A 114 -8.95 27.57 -34.50
CA TYR A 114 -10.05 28.30 -33.85
C TYR A 114 -9.44 29.51 -33.17
N VAL A 115 -9.95 30.68 -33.51
CA VAL A 115 -9.34 31.94 -33.09
C VAL A 115 -9.83 32.29 -31.68
N THR A 116 -8.88 32.52 -30.78
CA THR A 116 -9.16 32.67 -29.35
C THR A 116 -8.95 34.08 -28.80
N ASP A 117 -9.48 34.33 -27.62
CA ASP A 117 -9.09 35.48 -26.81
C ASP A 117 -9.29 35.15 -25.35
N TRP A 118 -8.70 35.99 -24.50
CA TRP A 118 -8.74 35.79 -23.06
C TRP A 118 -10.07 36.17 -22.43
N GLU A 119 -10.55 35.30 -21.53
CA GLU A 119 -11.67 35.60 -20.64
C GLU A 119 -11.15 35.47 -19.22
N TYR A 120 -11.58 36.37 -18.34
CA TYR A 120 -11.10 36.36 -16.95
C TYR A 120 -12.28 36.23 -16.00
N VAL A 121 -11.97 35.77 -14.78
CA VAL A 121 -12.95 35.78 -13.70
C VAL A 121 -13.26 37.26 -13.41
N GLN A 122 -14.54 37.56 -13.23
CA GLN A 122 -14.97 38.90 -12.85
C GLN A 122 -15.31 38.89 -11.35
N ASP A 123 -16.52 38.43 -10.98
CA ASP A 123 -16.96 38.46 -9.58
C ASP A 123 -17.30 37.06 -9.05
N VAL A 124 -17.30 36.92 -7.72
CA VAL A 124 -17.87 35.74 -7.04
C VAL A 124 -19.34 36.05 -6.82
N THR A 125 -20.23 35.18 -7.30
CA THR A 125 -21.67 35.42 -7.14
C THR A 125 -22.30 34.57 -6.04
N SER A 126 -21.72 33.41 -5.73
CA SER A 126 -22.16 32.63 -4.56
C SER A 126 -21.07 31.66 -4.17
N VAL A 127 -21.11 31.24 -2.91
CA VAL A 127 -20.09 30.33 -2.34
C VAL A 127 -20.83 29.20 -1.64
N VAL A 128 -20.50 27.96 -2.01
CA VAL A 128 -21.08 26.78 -1.41
C VAL A 128 -19.95 26.07 -0.67
N ASP A 129 -20.10 25.92 0.64
CA ASP A 129 -19.16 25.15 1.46
C ASP A 129 -19.67 23.73 1.62
N ASN A 130 -18.98 22.80 0.96
CA ASN A 130 -19.34 21.36 1.02
C ASN A 130 -18.60 20.59 2.13
N GLY A 131 -17.95 21.29 3.04
CA GLY A 131 -17.29 20.63 4.18
C GLY A 131 -15.89 20.09 3.93
N ASP A 132 -15.63 19.52 2.76
CA ASP A 132 -14.28 19.12 2.33
C ASP A 132 -13.77 19.86 1.07
N SER A 133 -14.52 20.87 0.66
CA SER A 133 -14.26 21.62 -0.57
C SER A 133 -15.20 22.82 -0.54
N ILE A 134 -14.75 23.93 -1.16
CA ILE A 134 -15.56 25.14 -1.30
C ILE A 134 -15.65 25.47 -2.78
N THR A 135 -16.87 25.73 -3.26
CA THR A 135 -17.12 26.15 -4.62
C THR A 135 -17.41 27.65 -4.64
N LEU A 136 -16.64 28.41 -5.43
CA LEU A 136 -16.93 29.79 -5.73
C LEU A 136 -17.53 29.86 -7.12
N ASN A 137 -18.80 30.24 -7.21
CA ASN A 137 -19.45 30.45 -8.51
C ASN A 137 -19.13 31.84 -8.99
N MSE A 138 -18.70 31.96 -10.25
N MSE A 138 -18.72 31.97 -10.25
CA MSE A 138 -18.12 33.18 -10.81
CA MSE A 138 -18.19 33.23 -10.75
C MSE A 138 -18.85 33.67 -12.03
C MSE A 138 -18.83 33.67 -12.03
O MSE A 138 -19.52 32.90 -12.71
O MSE A 138 -19.42 32.87 -12.75
CB MSE A 138 -16.71 32.88 -11.29
CB MSE A 138 -16.70 33.04 -11.01
CG MSE A 138 -15.86 32.19 -10.22
CG MSE A 138 -16.01 32.71 -9.69
SE MSE A 138 -15.44 33.49 -8.82
SE MSE A 138 -14.24 32.00 -10.09
CE MSE A 138 -13.74 32.78 -8.17
CE MSE A 138 -13.45 32.90 -8.52
N THR A 139 -18.73 34.98 -12.28
CA THR A 139 -19.00 35.57 -13.60
C THR A 139 -17.65 35.72 -14.32
N ALA A 140 -17.72 35.94 -15.63
CA ALA A 140 -16.55 36.14 -16.47
C ALA A 140 -16.61 37.52 -17.13
N THR A 141 -15.44 38.03 -17.53
CA THR A 141 -15.35 39.34 -18.16
C THR A 141 -15.88 39.35 -19.58
N ALA A 142 -15.94 38.18 -20.22
CA ALA A 142 -16.39 38.05 -21.60
C ALA A 142 -16.81 36.62 -21.81
N GLY A 143 -17.62 36.37 -22.84
CA GLY A 143 -18.11 35.03 -23.12
C GLY A 143 -19.27 34.63 -22.26
N ASP A 144 -19.75 33.41 -22.49
N ASP A 144 -19.80 33.43 -22.50
CA ASP A 144 -20.99 32.89 -21.92
CA ASP A 144 -21.01 32.96 -21.83
C ASP A 144 -20.81 31.81 -20.85
C ASP A 144 -20.78 31.71 -20.97
N PHE A 145 -19.57 31.56 -20.43
CA PHE A 145 -19.30 30.54 -19.43
C PHE A 145 -19.79 30.97 -18.04
N SER A 146 -20.04 29.98 -17.19
CA SER A 146 -20.31 30.19 -15.77
C SER A 146 -19.21 29.47 -14.96
N PRO A 147 -18.06 30.13 -14.77
CA PRO A 147 -16.93 29.44 -14.15
C PRO A 147 -17.14 29.09 -12.68
N LYS A 148 -16.42 28.07 -12.24
CA LYS A 148 -16.39 27.66 -10.86
C LYS A 148 -14.92 27.49 -10.46
N LEU A 149 -14.55 28.08 -9.33
CA LEU A 149 -13.26 27.89 -8.71
C LEU A 149 -13.50 27.09 -7.44
N TYR A 150 -12.80 25.96 -7.31
CA TYR A 150 -12.90 25.08 -6.17
C TYR A 150 -11.66 25.21 -5.31
N LEU A 151 -11.88 25.39 -4.01
CA LEU A 151 -10.82 25.47 -3.02
C LEU A 151 -10.86 24.23 -2.16
N SER A 152 -9.70 23.64 -1.88
CA SER A 152 -9.59 22.54 -0.97
C SER A 152 -8.21 22.58 -0.30
N PHE A 153 -8.09 21.86 0.81
CA PHE A 153 -6.84 21.78 1.58
C PHE A 153 -6.20 20.40 1.44
N GLU A 154 -5.08 20.33 0.73
CA GLU A 154 -4.25 19.12 0.73
C GLU A 154 -3.76 18.83 2.15
N ASP A 155 -3.43 19.90 2.86
CA ASP A 155 -3.30 19.88 4.32
C ASP A 155 -3.65 21.27 4.81
N LEU A 156 -3.61 21.48 6.13
CA LEU A 156 -4.08 22.74 6.70
C LEU A 156 -3.17 23.93 6.36
N ASP A 157 -1.95 23.63 5.90
CA ASP A 157 -1.04 24.65 5.40
C ASP A 157 -0.80 24.61 3.87
N THR A 158 -1.61 23.85 3.12
CA THR A 158 -1.37 23.67 1.69
C THR A 158 -2.73 23.78 0.97
N LEU A 159 -2.90 24.88 0.25
CA LEU A 159 -4.15 25.23 -0.43
C LEU A 159 -4.12 24.81 -1.89
N ARG A 160 -5.20 24.18 -2.36
CA ARG A 160 -5.34 23.77 -3.75
C ARG A 160 -6.48 24.54 -4.42
N MSE A 161 -6.19 25.09 -5.60
N MSE A 161 -6.20 25.09 -5.60
CA MSE A 161 -7.16 25.80 -6.41
CA MSE A 161 -7.20 25.81 -6.39
C MSE A 161 -7.39 24.98 -7.65
C MSE A 161 -7.40 25.06 -7.67
O MSE A 161 -6.43 24.55 -8.30
O MSE A 161 -6.43 24.74 -8.37
CB MSE A 161 -6.53 27.10 -6.90
CB MSE A 161 -6.66 27.21 -6.70
CG MSE A 161 -7.05 28.32 -6.17
CG MSE A 161 -7.00 28.16 -5.55
SE MSE A 161 -6.43 28.33 -4.30
SE MSE A 161 -5.58 29.50 -5.34
CE MSE A 161 -4.49 28.22 -4.66
CE MSE A 161 -4.17 28.20 -4.88
N GLU A 162 -8.66 24.76 -7.99
CA GLU A 162 -9.02 24.06 -9.22
C GLU A 162 -10.09 24.87 -9.95
N LEU A 163 -9.77 25.34 -11.15
CA LEU A 163 -10.69 26.19 -11.93
C LEU A 163 -11.29 25.43 -13.11
N SER A 164 -12.61 25.45 -13.19
CA SER A 164 -13.38 24.95 -14.31
C SER A 164 -14.02 26.15 -15.02
N PRO A 165 -13.43 26.60 -16.13
CA PRO A 165 -14.02 27.76 -16.82
C PRO A 165 -15.50 27.60 -17.21
N THR A 166 -15.89 26.41 -17.67
CA THR A 166 -17.27 26.16 -18.07
C THR A 166 -18.17 25.86 -16.88
N GLY A 167 -17.60 25.47 -15.76
CA GLY A 167 -18.35 25.07 -14.58
C GLY A 167 -18.79 23.63 -14.61
N LYS A 168 -18.44 22.89 -15.67
CA LYS A 168 -18.92 21.53 -15.86
C LYS A 168 -18.08 20.48 -15.13
N GLU A 169 -16.86 20.85 -14.69
CA GLU A 169 -16.01 19.96 -13.89
C GLU A 169 -16.13 20.31 -12.40
N THR A 170 -15.70 19.37 -11.57
CA THR A 170 -15.80 19.47 -10.12
C THR A 170 -14.46 19.20 -9.47
N GLY A 171 -14.12 20.01 -8.46
CA GLY A 171 -12.86 19.93 -7.75
C GLY A 171 -12.79 18.72 -6.83
N HIS A 172 -11.61 18.49 -6.28
CA HIS A 172 -11.37 17.33 -5.41
C HIS A 172 -11.59 17.66 -3.95
N ALA A 173 -11.95 16.64 -3.17
CA ALA A 173 -12.04 16.80 -1.72
C ALA A 173 -10.65 17.04 -1.10
N GLY A 174 -10.62 17.75 0.02
CA GLY A 174 -9.42 17.85 0.86
C GLY A 174 -9.79 17.77 2.33
N LYS A 175 -8.92 18.26 3.20
CA LYS A 175 -9.17 18.22 4.65
C LYS A 175 -10.38 19.05 5.03
N SER A 176 -11.07 18.63 6.10
N SER A 176 -11.08 18.63 6.09
CA SER A 176 -12.26 19.33 6.59
CA SER A 176 -12.27 19.36 6.57
C SER A 176 -11.96 20.37 7.68
C SER A 176 -11.97 20.36 7.70
N GLY A 177 -10.71 20.45 8.14
CA GLY A 177 -10.35 21.33 9.26
C GLY A 177 -10.27 22.83 8.95
N TYR A 178 -11.34 23.43 8.42
CA TYR A 178 -11.37 24.85 8.09
C TYR A 178 -12.74 25.40 8.46
N THR A 179 -12.79 26.73 8.60
CA THR A 179 -14.05 27.44 8.75
C THR A 179 -14.12 28.54 7.71
N VAL A 180 -15.35 28.97 7.42
CA VAL A 180 -15.65 29.96 6.40
C VAL A 180 -16.49 31.08 6.98
N GLU A 181 -16.09 32.33 6.77
N GLU A 181 -16.07 32.32 6.75
CA GLU A 181 -16.93 33.49 7.07
CA GLU A 181 -16.86 33.52 7.04
C GLU A 181 -17.29 34.08 5.72
C GLU A 181 -17.26 34.07 5.68
N ASP A 182 -18.53 33.86 5.31
CA ASP A 182 -19.02 34.19 3.95
C ASP A 182 -20.02 35.34 4.00
N THR A 183 -19.58 36.55 3.64
CA THR A 183 -20.44 37.75 3.63
C THR A 183 -20.70 38.23 2.20
N ALA A 184 -21.55 39.24 2.08
CA ALA A 184 -21.89 39.83 0.77
C ALA A 184 -20.66 40.25 -0.05
N GLU A 185 -19.65 40.83 0.61
CA GLU A 185 -18.51 41.44 -0.06
C GLU A 185 -17.23 40.57 -0.08
N LYS A 186 -17.18 39.56 0.80
CA LYS A 186 -15.92 38.86 1.09
C LYS A 186 -16.18 37.47 1.66
N VAL A 187 -15.29 36.54 1.32
CA VAL A 187 -15.27 35.22 1.93
C VAL A 187 -13.86 34.98 2.48
N THR A 188 -13.78 34.57 3.74
CA THR A 188 -12.52 34.27 4.44
C THR A 188 -12.53 32.79 4.85
N VAL A 189 -11.55 32.05 4.36
CA VAL A 189 -11.38 30.64 4.70
C VAL A 189 -10.17 30.51 5.62
N THR A 190 -10.39 29.91 6.79
CA THR A 190 -9.40 29.88 7.87
C THR A 190 -9.09 28.45 8.32
N THR A 191 -7.79 28.13 8.44
CA THR A 191 -7.32 26.94 9.13
C THR A 191 -6.40 27.41 10.24
N GLU A 192 -5.90 26.49 11.04
CA GLU A 192 -4.92 26.85 12.05
C GLU A 192 -3.62 27.42 11.46
N ASP A 193 -3.35 27.16 10.17
CA ASP A 193 -2.14 27.65 9.51
C ASP A 193 -2.33 28.75 8.46
N LEU A 194 -3.53 28.91 7.91
CA LEU A 194 -3.78 29.83 6.80
C LEU A 194 -5.04 30.66 7.01
N SER A 195 -5.01 31.87 6.43
CA SER A 195 -6.19 32.74 6.32
C SER A 195 -6.28 33.18 4.87
N ILE A 196 -7.26 32.66 4.14
CA ILE A 196 -7.44 32.93 2.73
C ILE A 196 -8.54 33.99 2.63
N GLU A 197 -8.18 35.21 2.22
CA GLU A 197 -9.14 36.32 2.12
C GLU A 197 -9.49 36.57 0.67
N ILE A 198 -10.76 36.44 0.32
CA ILE A 198 -11.20 36.55 -1.06
C ILE A 198 -12.26 37.66 -1.18
N GLN A 199 -11.88 38.79 -1.79
CA GLN A 199 -12.88 39.80 -2.14
C GLN A 199 -13.77 39.23 -3.23
N LYS A 200 -15.05 39.56 -3.20
CA LYS A 200 -16.01 39.00 -4.15
C LYS A 200 -16.21 39.83 -5.45
N SER A 201 -15.99 41.14 -5.37
N SER A 201 -16.05 41.14 -5.38
CA SER A 201 -16.35 42.05 -6.46
CA SER A 201 -16.33 41.99 -6.54
C SER A 201 -15.38 43.23 -6.51
C SER A 201 -15.40 43.20 -6.55
N PRO A 202 -14.31 43.14 -7.33
CA PRO A 202 -13.92 42.02 -8.20
C PRO A 202 -13.30 40.89 -7.38
N TYR A 203 -13.41 39.66 -7.89
CA TYR A 203 -12.77 38.50 -7.30
C TYR A 203 -11.26 38.79 -7.18
N ARG A 204 -10.72 38.56 -5.99
CA ARG A 204 -9.30 38.69 -5.76
C ARG A 204 -8.92 37.97 -4.47
N MSE A 205 -7.88 37.13 -4.55
CA MSE A 205 -7.45 36.27 -3.44
C MSE A 205 -6.18 36.79 -2.84
O MSE A 205 -5.25 37.12 -3.56
CB MSE A 205 -7.21 34.83 -3.88
CG MSE A 205 -6.73 33.96 -2.72
SE MSE A 205 -6.43 32.13 -3.36
CE MSE A 205 -8.27 31.66 -3.82
N GLU A 206 -6.14 36.82 -1.49
CA GLU A 206 -4.90 37.03 -0.73
C GLU A 206 -4.72 35.83 0.17
N VAL A 207 -3.50 35.26 0.17
CA VAL A 207 -3.13 34.15 1.03
C VAL A 207 -2.28 34.68 2.19
N HIS A 208 -2.81 34.57 3.42
CA HIS A 208 -2.08 34.94 4.62
C HIS A 208 -1.77 33.72 5.46
N GLN A 209 -0.76 33.84 6.31
CA GLN A 209 -0.61 32.90 7.43
C GLN A 209 -1.73 33.16 8.42
N ALA A 210 -1.95 32.21 9.32
CA ALA A 210 -3.00 32.34 10.34
C ALA A 210 -2.88 33.63 11.17
N ASP A 211 -1.65 34.09 11.43
CA ASP A 211 -1.44 35.35 12.19
C ASP A 211 -1.69 36.65 11.42
N GLY A 212 -1.96 36.56 10.12
CA GLY A 212 -2.24 37.73 9.28
C GLY A 212 -1.12 38.12 8.33
N THR A 213 0.07 37.56 8.50
CA THR A 213 1.20 37.88 7.61
C THR A 213 0.88 37.46 6.17
N LEU A 214 1.03 38.39 5.23
CA LEU A 214 0.71 38.14 3.84
C LEU A 214 1.78 37.23 3.23
N LEU A 215 1.37 36.13 2.63
CA LEU A 215 2.30 35.29 1.89
C LEU A 215 2.40 35.73 0.43
N THR A 216 1.28 35.70 -0.28
CA THR A 216 1.21 36.20 -1.64
C THR A 216 -0.26 36.53 -1.97
N SER A 217 -0.46 37.21 -3.10
CA SER A 217 -1.78 37.68 -3.45
C SER A 217 -1.87 37.89 -4.94
N GLU A 218 -3.10 37.79 -5.44
CA GLU A 218 -3.38 38.06 -6.85
C GLU A 218 -3.15 39.52 -7.16
N TYR A 219 -2.89 39.82 -8.41
CA TYR A 219 -2.48 41.17 -8.77
C TYR A 219 -3.53 42.22 -8.38
N THR A 220 -3.04 43.41 -8.04
CA THR A 220 -3.82 44.50 -7.46
C THR A 220 -5.09 44.82 -8.25
N THR A 221 -5.00 44.80 -9.57
CA THR A 221 -6.11 45.25 -10.41
C THR A 221 -7.17 44.17 -10.68
N ALA A 222 -6.98 42.98 -10.11
CA ALA A 222 -7.97 41.89 -10.18
C ALA A 222 -8.15 41.42 -11.62
N ASN A 223 -9.23 40.71 -11.93
CA ASN A 223 -9.33 39.99 -13.21
C ASN A 223 -8.01 39.27 -13.54
N SER A 224 -7.40 38.69 -12.53
CA SER A 224 -6.05 38.12 -12.63
C SER A 224 -6.09 36.71 -13.25
N LEU A 225 -7.18 35.99 -13.02
CA LEU A 225 -7.29 34.57 -13.35
C LEU A 225 -8.13 34.38 -14.60
N GLY A 226 -7.56 33.71 -15.60
CA GLY A 226 -8.16 33.63 -16.92
C GLY A 226 -7.83 32.42 -17.75
N TRP A 227 -8.56 32.30 -18.87
CA TRP A 227 -8.41 31.19 -19.81
C TRP A 227 -8.56 31.74 -21.24
N LEU A 228 -7.89 31.08 -22.17
CA LEU A 228 -7.85 31.50 -23.55
C LEU A 228 -8.73 30.55 -24.36
N THR A 229 -9.78 31.11 -24.96
CA THR A 229 -10.81 30.31 -25.59
C THR A 229 -11.39 30.98 -26.84
N ASP A 230 -11.93 30.14 -27.73
CA ASP A 230 -12.77 30.63 -28.85
C ASP A 230 -14.25 30.73 -28.45
N GLY A 231 -14.54 30.28 -27.23
CA GLY A 231 -15.86 30.30 -26.66
C GLY A 231 -16.75 29.14 -27.07
N LYS A 232 -16.19 28.09 -27.68
CA LYS A 232 -16.99 27.04 -28.32
C LYS A 232 -16.31 25.66 -28.41
N ASN A 233 -15.09 25.63 -28.94
CA ASN A 233 -14.35 24.40 -29.22
C ASN A 233 -13.14 24.18 -28.31
N VAL A 234 -12.39 25.24 -28.02
CA VAL A 234 -11.09 25.09 -27.37
C VAL A 234 -10.85 25.99 -26.16
N ILE A 235 -10.10 25.46 -25.19
CA ILE A 235 -9.37 26.25 -24.18
C ILE A 235 -7.90 25.90 -24.35
N ASN A 236 -7.08 26.87 -24.75
CA ASN A 236 -5.67 26.64 -25.11
C ASN A 236 -4.64 27.06 -24.09
N GLN A 237 -5.01 27.94 -23.18
CA GLN A 237 -4.07 28.40 -22.16
C GLN A 237 -4.84 28.87 -20.93
N TYR A 238 -4.15 28.84 -19.80
CA TYR A 238 -4.63 29.43 -18.56
C TYR A 238 -3.59 30.39 -18.05
N GLN A 239 -4.01 31.38 -17.28
CA GLN A 239 -3.05 32.23 -16.55
C GLN A 239 -3.61 32.70 -15.21
N ASN A 240 -2.70 33.00 -14.29
CA ASN A 240 -3.00 33.85 -13.17
C ASN A 240 -1.84 34.81 -12.95
N ASN A 241 -2.14 35.88 -12.24
CA ASN A 241 -1.21 36.99 -12.04
C ASN A 241 -1.23 37.40 -10.57
N PHE A 242 -0.04 37.67 -10.04
CA PHE A 242 0.17 37.89 -8.61
C PHE A 242 1.05 39.12 -8.35
N MSE A 243 0.83 39.76 -7.20
N MSE A 243 0.85 39.75 -7.20
CA MSE A 243 1.61 40.93 -6.78
CA MSE A 243 1.61 40.93 -6.82
C MSE A 243 2.88 40.47 -6.12
C MSE A 243 2.86 40.49 -6.11
O MSE A 243 2.84 39.55 -5.31
O MSE A 243 2.80 39.61 -5.27
CB MSE A 243 0.82 41.74 -5.75
CB MSE A 243 0.68 41.76 -5.96
CG MSE A 243 1.45 43.12 -5.48
CG MSE A 243 1.45 42.64 -5.01
SE MSE A 243 2.88 43.17 -4.10
SE MSE A 243 1.83 44.33 -5.93
CE MSE A 243 1.83 43.06 -2.43
CE MSE A 243 1.34 45.49 -4.43
N THR A 244 4.01 41.08 -6.45
CA THR A 244 5.31 40.75 -5.80
C THR A 244 6.08 42.03 -5.46
N PRO A 245 6.47 42.21 -4.19
CA PRO A 245 7.29 43.36 -3.85
C PRO A 245 8.70 43.23 -4.40
N SER A 246 9.41 44.35 -4.48
N SER A 246 9.40 44.36 -4.45
CA SER A 246 10.68 44.40 -5.22
CA SER A 246 10.69 44.48 -5.14
C SER A 246 11.80 43.52 -4.66
C SER A 246 11.75 43.50 -4.67
N ASP A 247 11.72 43.17 -3.37
CA ASP A 247 12.76 42.34 -2.73
C ASP A 247 12.48 40.83 -2.77
N GLU A 248 11.38 40.41 -3.38
CA GLU A 248 11.02 39.00 -3.31
C GLU A 248 11.92 38.19 -4.27
N ALA A 249 12.47 37.09 -3.75
CA ALA A 249 13.32 36.18 -4.50
C ALA A 249 12.56 34.91 -4.77
N PHE A 250 12.84 34.29 -5.92
CA PHE A 250 12.14 33.11 -6.38
C PHE A 250 13.11 32.01 -6.76
N TYR A 251 12.97 30.88 -6.09
CA TYR A 251 13.93 29.79 -6.19
C TYR A 251 13.29 28.54 -6.76
N GLY A 252 14.12 27.68 -7.36
CA GLY A 252 13.67 26.36 -7.79
C GLY A 252 13.40 26.28 -9.27
N PHE A 253 12.16 25.93 -9.66
CA PHE A 253 11.75 25.74 -11.07
C PHE A 253 12.44 24.55 -11.73
N GLY A 254 12.86 23.58 -10.92
CA GLY A 254 13.66 22.47 -11.39
C GLY A 254 15.14 22.74 -11.30
N GLU A 255 15.88 22.30 -12.30
CA GLU A 255 17.32 22.45 -12.31
C GLU A 255 17.66 23.57 -13.27
N ARG A 256 18.21 24.66 -12.76
CA ARG A 256 18.49 25.86 -13.52
C ARG A 256 19.95 26.24 -13.42
N TYR A 257 20.50 26.62 -14.56
CA TYR A 257 21.95 26.80 -14.74
C TYR A 257 22.38 28.25 -14.79
N ASP A 258 21.43 29.15 -14.95
CA ASP A 258 21.71 30.55 -15.17
C ASP A 258 21.81 31.40 -13.89
N THR A 259 20.90 31.13 -12.95
CA THR A 259 20.80 31.85 -11.70
C THR A 259 19.99 31.00 -10.71
N ILE A 260 20.20 31.23 -9.42
CA ILE A 260 19.36 30.61 -8.40
C ILE A 260 18.13 31.42 -8.06
N ASN A 261 18.13 32.71 -8.39
CA ASN A 261 16.99 33.58 -8.14
C ASN A 261 16.42 34.03 -9.47
N GLN A 262 15.25 33.53 -9.83
CA GLN A 262 14.67 33.80 -11.15
C GLN A 262 13.96 35.13 -11.31
N ARG A 263 13.98 35.99 -10.30
CA ARG A 263 13.34 37.31 -10.46
C ARG A 263 13.89 38.04 -11.69
N GLY A 264 12.98 38.57 -12.51
CA GLY A 264 13.32 39.21 -13.77
C GLY A 264 13.32 38.33 -15.02
N LYS A 265 13.15 37.02 -14.87
CA LYS A 265 13.21 36.11 -15.98
C LYS A 265 11.86 35.50 -16.33
N ASP A 266 11.71 35.12 -17.60
CA ASP A 266 10.62 34.27 -18.05
C ASP A 266 11.19 32.87 -18.03
N VAL A 267 10.65 32.03 -17.16
CA VAL A 267 11.16 30.68 -16.95
C VAL A 267 10.25 29.67 -17.65
N GLU A 268 10.82 28.88 -18.54
CA GLU A 268 10.06 27.90 -19.32
C GLU A 268 10.08 26.54 -18.62
N THR A 269 8.91 25.97 -18.39
CA THR A 269 8.84 24.62 -17.85
C THR A 269 8.84 23.69 -19.06
N TYR A 270 10.02 23.34 -19.54
CA TYR A 270 10.16 22.62 -20.79
C TYR A 270 11.44 21.82 -20.76
N VAL A 271 11.33 20.51 -20.76
CA VAL A 271 12.55 19.70 -20.78
C VAL A 271 13.22 19.80 -22.15
N TYR A 272 14.54 19.87 -22.13
CA TYR A 272 15.27 20.00 -23.35
C TYR A 272 16.70 19.51 -23.16
N ASN A 273 17.22 18.84 -24.18
CA ASN A 273 18.61 18.41 -24.22
C ASN A 273 19.46 19.50 -24.85
N GLU A 274 20.06 20.35 -24.03
CA GLU A 274 20.97 21.40 -24.50
C GLU A 274 22.39 21.08 -24.05
N TYR A 275 23.27 20.86 -25.02
CA TYR A 275 24.67 20.49 -24.77
C TYR A 275 25.51 21.74 -24.49
N GLN A 276 26.23 21.71 -23.36
CA GLN A 276 27.25 22.72 -22.95
C GLN A 276 26.80 24.11 -22.53
N ASP A 277 25.78 24.65 -23.17
CA ASP A 277 25.45 26.06 -22.98
C ASP A 277 24.06 26.24 -22.35
N GLN A 278 23.80 25.43 -21.32
CA GLN A 278 22.52 25.49 -20.61
C GLN A 278 22.30 26.86 -19.96
N ALA A 279 23.35 27.42 -19.38
CA ALA A 279 23.21 28.69 -18.67
C ALA A 279 22.90 29.83 -19.63
N GLN A 280 23.61 29.86 -20.75
CA GLN A 280 23.46 30.96 -21.71
C GLN A 280 22.10 30.91 -22.40
N THR A 281 21.65 29.71 -22.76
CA THR A 281 20.36 29.54 -23.41
C THR A 281 19.21 29.49 -22.40
N GLU A 282 19.54 29.38 -21.12
CA GLU A 282 18.56 29.21 -20.04
C GLU A 282 17.66 28.02 -20.24
N ARG A 283 18.27 26.91 -20.65
CA ARG A 283 17.56 25.66 -20.87
C ARG A 283 17.93 24.63 -19.83
N THR A 284 17.14 23.57 -19.75
CA THR A 284 17.37 22.50 -18.78
C THR A 284 16.77 21.17 -19.19
N TYR A 285 17.43 20.10 -18.73
CA TYR A 285 16.94 18.71 -18.86
C TYR A 285 15.83 18.37 -17.87
N LEU A 286 15.74 19.15 -16.79
CA LEU A 286 14.91 18.81 -15.64
C LEU A 286 14.14 20.06 -15.18
N ALA A 287 12.87 20.15 -15.60
CA ALA A 287 12.06 21.37 -15.48
C ALA A 287 10.84 21.02 -14.67
N VAL A 288 10.59 21.81 -13.63
CA VAL A 288 9.56 21.51 -12.66
C VAL A 288 8.75 22.80 -12.44
N PRO A 289 7.39 22.74 -12.51
CA PRO A 289 6.59 23.96 -12.38
C PRO A 289 6.29 24.26 -10.90
N PHE A 290 7.36 24.40 -10.13
CA PHE A 290 7.29 24.60 -8.68
C PHE A 290 8.39 25.58 -8.32
N PHE A 291 8.05 26.57 -7.53
CA PHE A 291 9.05 27.48 -6.99
C PHE A 291 8.78 27.74 -5.54
N VAL A 292 9.82 28.17 -4.85
CA VAL A 292 9.74 28.57 -3.46
C VAL A 292 10.18 30.05 -3.40
N SER A 293 9.38 30.84 -2.71
CA SER A 293 9.69 32.24 -2.46
C SER A 293 10.27 32.41 -1.06
N ALA A 294 11.24 33.31 -0.93
CA ALA A 294 11.76 33.70 0.38
C ALA A 294 10.72 34.46 1.24
N ASN A 295 9.56 34.80 0.66
CA ASN A 295 8.42 35.27 1.44
C ASN A 295 7.55 34.17 2.05
N LYS A 296 8.09 32.95 2.10
CA LYS A 296 7.57 31.84 2.90
C LYS A 296 6.34 31.15 2.31
N TYR A 297 6.38 30.93 1.01
CA TYR A 297 5.40 30.05 0.38
C TYR A 297 6.05 29.44 -0.83
N GLY A 298 5.46 28.35 -1.31
CA GLY A 298 5.74 27.78 -2.62
C GLY A 298 4.50 27.76 -3.49
N MSE A 299 4.70 27.62 -4.80
CA MSE A 299 3.60 27.53 -5.76
C MSE A 299 3.93 26.40 -6.69
O MSE A 299 5.01 26.36 -7.23
CB MSE A 299 3.35 28.82 -6.58
CG MSE A 299 2.02 28.76 -7.32
SE MSE A 299 1.66 30.45 -8.28
CE MSE A 299 1.12 31.42 -6.66
N TYR A 300 2.97 25.50 -6.89
CA TYR A 300 3.11 24.34 -7.75
C TYR A 300 1.90 24.33 -8.70
N VAL A 301 2.16 24.45 -9.99
CA VAL A 301 1.13 24.32 -11.01
C VAL A 301 1.11 22.87 -11.44
N ASN A 302 0.02 22.17 -11.14
CA ASN A 302 -0.06 20.73 -11.32
C ASN A 302 -0.51 20.38 -12.75
N SER A 303 0.44 20.36 -13.66
CA SER A 303 0.19 20.00 -15.05
C SER A 303 1.51 19.65 -15.69
N ASP A 304 1.46 18.69 -16.60
CA ASP A 304 2.64 18.35 -17.39
C ASP A 304 2.79 19.15 -18.67
N PHE A 305 1.77 19.95 -19.04
CA PHE A 305 1.90 20.86 -20.18
C PHE A 305 2.98 21.90 -19.90
N HIS A 306 3.62 22.37 -20.95
CA HIS A 306 4.50 23.52 -20.86
C HIS A 306 3.82 24.74 -20.20
N SER A 307 4.57 25.39 -19.32
CA SER A 307 4.18 26.63 -18.71
C SER A 307 5.35 27.62 -18.76
N GLN A 308 5.01 28.91 -18.78
CA GLN A 308 5.96 29.97 -18.64
C GLN A 308 5.63 30.72 -17.35
N PHE A 309 6.65 30.86 -16.51
CA PHE A 309 6.59 31.65 -15.29
C PHE A 309 7.26 32.98 -15.57
N GLN A 310 6.48 34.05 -15.51
CA GLN A 310 6.95 35.41 -15.80
C GLN A 310 7.21 36.11 -14.45
N MSE A 311 8.47 36.10 -14.00
CA MSE A 311 8.80 36.45 -12.60
C MSE A 311 9.23 37.89 -12.53
O MSE A 311 10.42 38.20 -12.45
CB MSE A 311 9.82 35.48 -12.01
CG MSE A 311 9.41 34.01 -12.14
SE MSE A 311 7.59 33.55 -11.53
CE MSE A 311 7.76 33.96 -9.62
N ALA A 312 8.26 38.79 -12.59
CA ALA A 312 8.53 40.22 -12.62
C ALA A 312 9.39 40.56 -13.83
N SER A 313 9.11 39.88 -14.93
CA SER A 313 9.85 40.03 -16.17
C SER A 313 9.14 41.01 -17.11
N LYS A 314 7.85 41.28 -16.90
CA LYS A 314 7.06 42.20 -17.77
C LYS A 314 6.69 43.48 -17.04
N VAL A 315 6.10 43.31 -15.87
CA VAL A 315 5.73 44.40 -14.97
C VAL A 315 6.48 44.13 -13.66
N GLU A 316 7.11 45.18 -13.13
CA GLU A 316 8.10 45.02 -12.07
C GLU A 316 7.54 44.48 -10.74
N ASP A 317 6.24 44.63 -10.52
CA ASP A 317 5.59 44.11 -9.31
C ASP A 317 4.59 42.99 -9.59
N LYS A 318 4.77 42.27 -10.70
CA LYS A 318 3.85 41.20 -11.08
C LYS A 318 4.61 39.95 -11.42
N TYR A 319 4.16 38.81 -10.92
CA TYR A 319 4.56 37.52 -11.48
C TYR A 319 3.31 36.79 -11.95
N SER A 320 3.49 35.95 -12.96
CA SER A 320 2.40 35.32 -13.67
C SER A 320 2.84 33.94 -14.08
N PHE A 321 1.86 33.07 -14.21
CA PHE A 321 2.07 31.82 -14.95
C PHE A 321 1.10 31.77 -16.13
N VAL A 322 1.60 31.27 -17.26
CA VAL A 322 0.79 30.99 -18.43
C VAL A 322 1.00 29.51 -18.71
N LEU A 323 -0.07 28.75 -18.61
CA LEU A 323 -0.02 27.29 -18.75
C LEU A 323 -0.72 26.88 -20.03
N ASP A 324 -0.05 26.06 -20.83
CA ASP A 324 -0.63 25.57 -22.07
C ASP A 324 -1.64 24.45 -21.80
N ASN A 325 -2.48 24.22 -22.80
CA ASN A 325 -3.44 23.13 -22.78
C ASN A 325 -3.56 22.61 -24.21
N ASP A 326 -4.08 21.40 -24.36
CA ASP A 326 -4.29 20.83 -25.69
C ASP A 326 -5.61 21.22 -26.38
N GLY A 327 -6.37 22.16 -25.82
CA GLY A 327 -7.68 22.54 -26.37
C GLY A 327 -8.85 21.92 -25.62
N ASP A 328 -8.63 20.82 -24.93
CA ASP A 328 -9.69 20.10 -24.22
C ASP A 328 -10.30 21.03 -23.18
N MSE A 329 -11.58 21.33 -23.37
CA MSE A 329 -12.27 22.28 -22.49
C MSE A 329 -12.57 21.68 -21.11
O MSE A 329 -13.02 22.40 -20.23
CB MSE A 329 -13.56 22.73 -23.17
CG MSE A 329 -13.23 23.47 -24.48
SE MSE A 329 -14.90 24.08 -25.35
CE MSE A 329 -14.87 25.60 -24.14
N THR A 330 -12.35 20.38 -20.94
CA THR A 330 -12.65 19.71 -19.66
C THR A 330 -11.45 19.59 -18.73
N ASN A 331 -10.26 20.08 -19.13
CA ASN A 331 -9.05 20.05 -18.26
C ASN A 331 -9.04 21.27 -17.35
N MSE A 332 -9.24 21.08 -16.05
CA MSE A 332 -9.18 22.22 -15.11
C MSE A 332 -7.76 22.70 -14.90
O MSE A 332 -6.80 21.93 -15.00
CB MSE A 332 -9.73 21.83 -13.73
CG MSE A 332 -11.23 21.61 -13.78
SE MSE A 332 -11.91 21.25 -11.96
CE MSE A 332 -11.16 19.47 -11.84
N LEU A 333 -7.63 23.98 -14.61
CA LEU A 333 -6.42 24.52 -14.03
C LEU A 333 -6.33 24.05 -12.57
N ASP A 334 -5.16 23.56 -12.17
CA ASP A 334 -4.97 22.96 -10.86
C ASP A 334 -3.65 23.44 -10.29
N TYR A 335 -3.68 24.23 -9.23
CA TYR A 335 -2.44 24.71 -8.64
C TYR A 335 -2.54 24.87 -7.15
N TYR A 336 -1.37 24.85 -6.51
CA TYR A 336 -1.30 24.86 -5.08
C TYR A 336 -0.47 26.03 -4.58
N VAL A 337 -0.90 26.65 -3.48
CA VAL A 337 -0.05 27.56 -2.72
C VAL A 337 0.28 26.86 -1.42
N ILE A 338 1.59 26.76 -1.17
CA ILE A 338 2.13 25.85 -0.18
C ILE A 338 2.83 26.63 0.93
N SER A 339 2.35 26.44 2.16
CA SER A 339 2.96 27.04 3.32
C SER A 339 3.58 25.92 4.12
N GLY A 340 4.12 26.22 5.29
CA GLY A 340 4.83 25.22 6.09
C GLY A 340 5.51 25.82 7.31
N LYS A 341 6.13 24.97 8.12
CA LYS A 341 6.79 25.41 9.36
C LYS A 341 8.04 26.24 9.07
N ASP A 342 8.65 25.99 7.93
CA ASP A 342 9.85 26.69 7.47
C ASP A 342 10.01 26.38 5.98
N GLN A 343 11.06 26.88 5.36
CA GLN A 343 11.21 26.72 3.90
C GLN A 343 11.38 25.25 3.50
N ASN A 344 12.15 24.49 4.30
CA ASN A 344 12.33 23.10 3.99
C ASN A 344 11.04 22.30 4.15
N ASP A 345 10.18 22.73 5.05
CA ASP A 345 8.87 22.08 5.22
C ASP A 345 7.94 22.36 4.03
N ILE A 346 8.10 23.52 3.38
CA ILE A 346 7.36 23.81 2.15
C ILE A 346 7.74 22.75 1.08
N VAL A 347 9.03 22.49 0.96
CA VAL A 347 9.50 21.45 0.04
C VAL A 347 8.94 20.08 0.42
N ASN A 348 8.93 19.75 1.71
CA ASN A 348 8.31 18.51 2.19
C ASN A 348 6.83 18.42 1.75
N ASN A 349 6.09 19.51 1.90
CA ASN A 349 4.69 19.50 1.52
C ASN A 349 4.53 19.31 0.03
N TYR A 350 5.40 19.95 -0.74
CA TYR A 350 5.43 19.71 -2.18
C TYR A 350 5.68 18.22 -2.49
N THR A 351 6.62 17.58 -1.80
CA THR A 351 6.85 16.14 -2.03
C THR A 351 5.72 15.26 -1.51
N ASP A 352 4.90 15.75 -0.57
CA ASP A 352 3.63 15.08 -0.27
C ASP A 352 2.76 14.97 -1.51
N ILE A 353 2.71 16.03 -2.31
CA ILE A 353 1.89 16.07 -3.48
C ILE A 353 2.50 15.23 -4.61
N THR A 354 3.78 15.40 -4.87
CA THR A 354 4.39 14.87 -6.09
C THR A 354 5.29 13.64 -5.89
N GLY A 355 5.53 13.26 -4.66
CA GLY A 355 6.28 12.06 -4.34
C GLY A 355 7.56 12.31 -3.56
N LYS A 356 7.79 11.44 -2.58
CA LYS A 356 8.98 11.56 -1.76
C LYS A 356 10.18 11.01 -2.50
N THR A 357 11.35 11.59 -2.23
CA THR A 357 12.59 10.95 -2.58
C THR A 357 12.64 9.52 -2.01
N THR A 358 13.06 8.56 -2.83
CA THR A 358 13.22 7.19 -2.34
C THR A 358 14.63 7.05 -1.79
N LEU A 359 14.75 6.66 -0.52
CA LEU A 359 16.09 6.46 0.07
C LEU A 359 16.88 5.44 -0.78
N LEU A 360 18.09 5.81 -1.15
CA LEU A 360 18.99 4.91 -1.88
C LEU A 360 19.89 4.19 -0.92
N PRO A 361 20.45 3.04 -1.32
CA PRO A 361 21.49 2.39 -0.50
C PRO A 361 22.71 3.26 -0.33
N LYS A 362 23.43 3.00 0.75
CA LYS A 362 24.56 3.83 1.12
C LYS A 362 25.66 3.87 0.07
N TRP A 363 25.82 2.82 -0.73
CA TRP A 363 26.87 2.84 -1.77
C TRP A 363 26.73 3.99 -2.77
N ALA A 364 25.50 4.47 -2.96
CA ALA A 364 25.23 5.61 -3.82
C ALA A 364 25.92 6.89 -3.40
N PHE A 365 26.26 6.98 -2.11
CA PHE A 365 26.87 8.17 -1.54
C PHE A 365 28.39 8.15 -1.41
N GLY A 366 29.05 7.13 -1.97
CA GLY A 366 30.50 7.11 -2.13
C GLY A 366 30.88 7.65 -3.51
N LEU A 367 32.15 7.54 -3.89
CA LEU A 367 32.57 8.03 -5.18
C LEU A 367 32.11 7.10 -6.30
N TRP A 368 31.53 7.71 -7.34
CA TRP A 368 31.23 7.00 -8.58
C TRP A 368 32.34 7.27 -9.61
N MSE A 369 32.86 6.21 -10.23
CA MSE A 369 33.84 6.34 -11.31
C MSE A 369 33.20 6.02 -12.64
O MSE A 369 32.47 5.03 -12.77
CB MSE A 369 35.01 5.40 -11.04
CG MSE A 369 35.48 5.33 -9.59
SE MSE A 369 37.29 4.54 -9.50
CE MSE A 369 37.01 2.98 -10.59
N SER A 370 33.53 6.80 -13.66
CA SER A 370 32.93 6.69 -15.01
C SER A 370 33.88 7.26 -16.03
N ALA A 371 33.83 6.72 -17.25
CA ALA A 371 34.55 7.30 -18.39
C ALA A 371 33.98 6.62 -19.64
N ASN A 372 33.56 7.42 -20.60
CA ASN A 372 32.98 6.86 -21.81
C ASN A 372 33.97 5.94 -22.55
N GLU A 373 35.26 6.24 -22.45
CA GLU A 373 36.29 5.44 -23.11
C GLU A 373 36.44 4.01 -22.60
N TRP A 374 35.87 3.71 -21.42
CA TRP A 374 35.93 2.35 -20.90
C TRP A 374 34.98 1.48 -21.69
N ASP A 375 35.55 0.64 -22.56
CA ASP A 375 34.77 -0.10 -23.52
C ASP A 375 35.16 -1.56 -23.71
N ARG A 376 35.90 -2.10 -22.75
CA ARG A 376 36.31 -3.50 -22.79
C ARG A 376 36.76 -3.94 -21.39
N GLU A 377 36.85 -5.25 -21.20
CA GLU A 377 37.22 -5.77 -19.88
C GLU A 377 38.57 -5.27 -19.41
N SER A 378 39.53 -5.14 -20.30
CA SER A 378 40.86 -4.66 -19.87
C SER A 378 40.80 -3.22 -19.35
N ASP A 379 39.89 -2.40 -19.90
CA ASP A 379 39.70 -1.04 -19.39
C ASP A 379 39.13 -1.08 -17.96
N VAL A 380 38.16 -1.96 -17.73
CA VAL A 380 37.57 -2.08 -16.40
C VAL A 380 38.61 -2.54 -15.42
N SER A 381 39.36 -3.58 -15.78
CA SER A 381 40.44 -4.09 -14.94
C SER A 381 41.43 -3.01 -14.56
N SER A 382 41.86 -2.22 -15.54
CA SER A 382 42.83 -1.14 -15.30
C SER A 382 42.23 0.01 -14.49
N ALA A 383 40.94 0.31 -14.67
CA ALA A 383 40.28 1.31 -13.83
C ALA A 383 40.29 0.89 -12.35
N LEU A 384 39.96 -0.39 -12.10
CA LEU A 384 39.97 -0.92 -10.76
C LEU A 384 41.40 -0.98 -10.19
N SER A 385 42.39 -1.41 -10.98
CA SER A 385 43.75 -1.51 -10.45
C SER A 385 44.41 -0.13 -10.30
N ASN A 386 44.04 0.82 -11.16
CA ASN A 386 44.47 2.20 -10.99
C ASN A 386 43.89 2.80 -9.71
N ALA A 387 42.61 2.56 -9.45
CA ALA A 387 41.98 3.08 -8.23
C ALA A 387 42.65 2.49 -6.99
N LYS A 388 42.89 1.19 -7.02
CA LYS A 388 43.57 0.55 -5.90
C LYS A 388 45.00 1.05 -5.70
N ALA A 389 45.77 1.18 -6.78
CA ALA A 389 47.17 1.61 -6.68
C ALA A 389 47.29 3.04 -6.15
N ASN A 390 46.25 3.83 -6.39
CA ASN A 390 46.18 5.21 -5.92
C ASN A 390 45.31 5.42 -4.66
N ASP A 391 44.97 4.33 -3.98
CA ASP A 391 44.19 4.35 -2.74
C ASP A 391 42.90 5.18 -2.87
N ILE A 392 42.10 4.82 -3.87
CA ILE A 392 40.85 5.51 -4.17
C ILE A 392 39.74 4.48 -3.92
N PRO A 393 39.20 4.44 -2.71
CA PRO A 393 38.14 3.47 -2.38
C PRO A 393 36.73 3.92 -2.80
N ALA A 394 36.49 3.90 -4.10
CA ALA A 394 35.19 4.30 -4.68
C ALA A 394 34.16 3.22 -4.38
N THR A 395 32.90 3.56 -4.59
CA THR A 395 31.80 2.62 -4.39
C THR A 395 30.89 2.43 -5.61
N GLY A 396 30.96 3.33 -6.59
CA GLY A 396 30.12 3.27 -7.79
C GLY A 396 30.96 3.18 -9.05
N PHE A 397 30.43 2.47 -10.05
CA PHE A 397 31.11 2.24 -11.31
C PHE A 397 30.09 2.28 -12.45
N VAL A 398 30.38 3.07 -13.48
CA VAL A 398 29.48 3.21 -14.63
C VAL A 398 30.13 2.70 -15.89
N LEU A 399 29.39 1.90 -16.66
CA LEU A 399 29.77 1.56 -18.02
C LEU A 399 28.77 2.14 -19.02
N GLU A 400 29.30 2.88 -19.99
CA GLU A 400 28.52 3.42 -21.09
C GLU A 400 28.73 2.68 -22.39
N GLN A 401 29.99 2.50 -22.77
CA GLN A 401 30.37 1.91 -24.04
C GLN A 401 30.53 0.39 -23.88
N TRP A 402 29.41 -0.25 -23.50
CA TRP A 402 29.40 -1.65 -23.13
C TRP A 402 28.69 -2.53 -24.15
N SER A 403 27.72 -1.99 -24.91
CA SER A 403 26.79 -2.80 -25.68
C SER A 403 27.18 -2.94 -27.16
N ASP A 404 26.36 -3.67 -27.88
CA ASP A 404 26.43 -3.78 -29.35
C ASP A 404 26.16 -2.47 -30.12
N GLU A 405 25.72 -1.41 -29.43
CA GLU A 405 25.41 -0.11 -30.04
C GLU A 405 24.30 -0.17 -31.09
N GLU A 406 23.42 -1.14 -30.91
CA GLU A 406 22.25 -1.33 -31.76
C GLU A 406 21.03 -1.66 -30.92
N THR A 407 21.08 -2.74 -30.12
CA THR A 407 19.97 -3.11 -29.23
C THR A 407 20.04 -2.45 -27.85
N TYR A 408 21.26 -2.14 -27.41
CA TYR A 408 21.55 -1.63 -26.06
C TYR A 408 21.08 -2.57 -24.93
N TYR A 409 20.94 -3.87 -25.21
CA TYR A 409 20.78 -4.85 -24.13
C TYR A 409 21.67 -6.09 -24.28
N ILE A 410 22.56 -6.08 -25.28
CA ILE A 410 23.47 -7.18 -25.58
C ILE A 410 24.89 -6.61 -25.51
N TRP A 411 25.78 -7.35 -24.86
CA TRP A 411 27.19 -6.95 -24.74
C TRP A 411 27.86 -6.83 -26.11
N ASN A 412 28.74 -5.85 -26.24
CA ASN A 412 29.49 -5.71 -27.48
C ASN A 412 30.25 -7.00 -27.81
N ASN A 413 30.25 -7.34 -29.09
CA ASN A 413 30.91 -8.54 -29.64
C ASN A 413 30.25 -9.89 -29.31
N ALA A 414 29.16 -9.92 -28.53
CA ALA A 414 28.49 -11.18 -28.21
C ALA A 414 27.83 -11.73 -29.47
N THR A 415 27.91 -13.04 -29.67
CA THR A 415 27.23 -13.70 -30.75
C THR A 415 26.15 -14.64 -30.19
N TYR A 416 25.17 -14.97 -31.04
CA TYR A 416 23.95 -15.62 -30.60
C TYR A 416 23.08 -15.92 -31.79
N THR A 417 22.08 -16.75 -31.59
CA THR A 417 21.04 -16.95 -32.59
C THR A 417 19.98 -15.90 -32.35
N ALA A 418 19.75 -15.03 -33.33
CA ALA A 418 18.74 -13.97 -33.21
C ALA A 418 17.38 -14.55 -32.90
N LYS A 419 16.62 -13.80 -32.12
CA LYS A 419 15.30 -14.19 -31.71
C LYS A 419 14.25 -13.28 -32.34
N LYS A 420 13.19 -13.90 -32.81
CA LYS A 420 12.01 -13.22 -33.33
C LYS A 420 11.02 -12.93 -32.22
N ASN A 421 10.08 -12.06 -32.54
CA ASN A 421 8.92 -11.82 -31.70
C ASN A 421 9.27 -11.26 -30.36
N GLY A 422 10.37 -10.52 -30.29
CA GLY A 422 10.81 -9.89 -29.07
C GLY A 422 11.14 -10.77 -27.88
N GLU A 423 11.36 -12.07 -28.11
N GLU A 423 11.38 -12.06 -28.12
CA GLU A 423 11.67 -13.00 -27.02
CA GLU A 423 11.70 -13.03 -27.07
C GLU A 423 12.96 -12.59 -26.33
C GLU A 423 12.98 -12.60 -26.33
N ALA A 424 12.97 -12.70 -25.01
CA ALA A 424 14.13 -12.29 -24.18
C ALA A 424 15.24 -13.33 -24.22
N PHE A 425 16.47 -12.84 -24.12
CA PHE A 425 17.64 -13.67 -23.95
C PHE A 425 17.95 -13.97 -22.50
N SER A 426 18.62 -15.10 -22.31
N SER A 426 18.63 -15.09 -22.28
CA SER A 426 19.29 -15.46 -21.08
CA SER A 426 19.27 -15.38 -21.03
C SER A 426 20.79 -15.42 -21.31
C SER A 426 20.77 -15.48 -21.29
N TYR A 427 21.54 -15.38 -20.22
CA TYR A 427 23.01 -15.34 -20.28
C TYR A 427 23.61 -16.45 -21.14
N ASP A 428 23.06 -17.66 -21.00
N ASP A 428 23.05 -17.66 -21.00
CA ASP A 428 23.58 -18.81 -21.69
CA ASP A 428 23.56 -18.83 -21.71
C ASP A 428 23.30 -18.83 -23.21
C ASP A 428 23.20 -18.91 -23.21
N ASP A 429 22.39 -17.97 -23.70
CA ASP A 429 22.17 -17.82 -25.15
C ASP A 429 23.36 -17.17 -25.85
N PHE A 430 24.22 -16.49 -25.11
CA PHE A 430 25.34 -15.75 -25.70
C PHE A 430 26.64 -16.53 -25.70
N THR A 431 27.42 -16.32 -26.76
CA THR A 431 28.83 -16.62 -26.76
C THR A 431 29.51 -15.28 -26.61
N PHE A 432 30.27 -15.10 -25.54
CA PHE A 432 30.88 -13.80 -25.25
C PHE A 432 32.28 -13.79 -25.85
N ASN A 433 32.59 -12.71 -26.58
CA ASN A 433 33.80 -12.61 -27.39
C ASN A 433 34.47 -11.26 -27.23
N GLY A 434 35.72 -11.19 -27.71
CA GLY A 434 36.38 -9.91 -27.97
C GLY A 434 36.54 -9.04 -26.73
N LYS A 435 35.84 -7.91 -26.74
CA LYS A 435 35.92 -6.92 -25.68
C LYS A 435 35.30 -7.37 -24.35
N TRP A 436 34.36 -8.33 -24.40
CA TRP A 436 33.66 -8.81 -23.22
C TRP A 436 33.52 -10.34 -23.27
N THR A 437 34.55 -11.06 -22.83
CA THR A 437 34.49 -12.52 -22.84
C THR A 437 33.77 -13.13 -21.64
N ASP A 438 33.57 -12.36 -20.57
CA ASP A 438 32.93 -12.87 -19.35
C ASP A 438 32.32 -11.70 -18.54
N PRO A 439 31.15 -11.20 -18.97
CA PRO A 439 30.56 -10.06 -18.26
C PRO A 439 30.26 -10.34 -16.79
N LYS A 440 29.80 -11.56 -16.47
CA LYS A 440 29.53 -11.92 -15.08
C LYS A 440 30.81 -11.84 -14.22
N GLY A 441 31.90 -12.38 -14.75
CA GLY A 441 33.21 -12.28 -14.11
C GLY A 441 33.67 -10.84 -13.93
N MSE A 442 33.47 -10.00 -14.94
CA MSE A 442 33.83 -8.59 -14.86
C MSE A 442 33.08 -7.91 -13.73
O MSE A 442 33.68 -7.18 -12.91
CB MSE A 442 33.57 -7.98 -16.23
CG MSE A 442 33.93 -6.48 -16.34
SE MSE A 442 32.54 -5.29 -15.64
CE MSE A 442 31.18 -5.76 -16.99
N VAL A 443 31.77 -8.16 -13.66
CA VAL A 443 30.96 -7.60 -12.60
C VAL A 443 31.41 -8.10 -11.23
N ASP A 444 31.70 -9.39 -11.12
CA ASP A 444 32.23 -9.95 -9.89
C ASP A 444 33.49 -9.20 -9.46
N SER A 445 34.37 -8.87 -10.41
CA SER A 445 35.59 -8.12 -10.06
C SER A 445 35.27 -6.72 -9.53
N VAL A 446 34.27 -6.07 -10.10
CA VAL A 446 33.81 -4.76 -9.60
C VAL A 446 33.30 -4.89 -8.15
N HIS A 447 32.49 -5.91 -7.93
CA HIS A 447 31.99 -6.18 -6.58
C HIS A 447 33.13 -6.50 -5.61
N ASP A 448 34.13 -7.24 -6.07
CA ASP A 448 35.30 -7.57 -5.25
C ASP A 448 36.04 -6.31 -4.77
N ALA A 449 36.04 -5.25 -5.58
CA ALA A 449 36.61 -3.95 -5.20
C ALA A 449 35.72 -3.12 -4.25
N GLY A 450 34.56 -3.64 -3.86
CA GLY A 450 33.62 -2.90 -3.04
C GLY A 450 32.84 -1.87 -3.81
N MSE A 451 32.69 -2.09 -5.12
CA MSE A 451 31.97 -1.17 -5.98
C MSE A 451 30.72 -1.85 -6.51
O MSE A 451 30.59 -3.04 -6.44
CB MSE A 451 32.84 -0.65 -7.12
CG MSE A 451 34.11 -0.05 -6.57
SE MSE A 451 35.05 0.96 -7.97
CE MSE A 451 36.81 0.96 -7.09
N ASN A 452 29.82 -1.04 -7.02
N ASN A 452 29.79 -1.03 -6.98
CA ASN A 452 28.58 -1.48 -7.62
CA ASN A 452 28.57 -1.49 -7.63
C ASN A 452 28.51 -0.86 -9.00
C ASN A 452 28.41 -0.82 -8.98
N ILE A 453 27.88 -1.56 -9.94
CA ILE A 453 27.98 -1.18 -11.36
C ILE A 453 26.63 -0.90 -11.97
N VAL A 454 26.60 0.14 -12.79
CA VAL A 454 25.39 0.45 -13.55
C VAL A 454 25.74 0.56 -15.03
N LEU A 455 24.75 0.23 -15.86
CA LEU A 455 24.88 0.24 -17.33
C LEU A 455 24.03 1.33 -17.99
N TRP A 456 24.62 2.05 -18.94
CA TRP A 456 23.93 3.09 -19.71
C TRP A 456 22.81 2.53 -20.58
N GLN A 457 21.73 3.29 -20.65
CA GLN A 457 20.51 2.98 -21.39
C GLN A 457 19.92 4.25 -21.99
N VAL A 458 19.10 4.06 -23.03
CA VAL A 458 18.23 5.09 -23.60
C VAL A 458 16.80 4.54 -23.70
N PRO A 459 15.79 5.42 -23.86
CA PRO A 459 14.42 5.00 -23.94
C PRO A 459 13.91 4.74 -25.37
N VAL A 460 14.85 4.66 -26.32
CA VAL A 460 14.54 4.67 -27.73
C VAL A 460 15.15 3.42 -28.34
N LEU A 461 14.41 2.83 -29.29
CA LEU A 461 14.94 1.78 -30.13
C LEU A 461 15.66 2.44 -31.29
N LYS A 462 16.96 2.26 -31.31
CA LYS A 462 17.80 2.87 -32.34
C LYS A 462 17.41 2.37 -33.70
N ASP A 463 17.22 3.28 -34.65
CA ASP A 463 17.03 2.89 -36.05
C ASP A 463 17.86 3.85 -36.92
N ASP A 464 19.08 3.41 -37.23
CA ASP A 464 20.02 4.18 -38.08
C ASP A 464 19.88 3.83 -39.56
N GLY A 465 18.84 3.08 -39.92
CA GLY A 465 18.61 2.67 -41.30
C GLY A 465 19.45 1.50 -41.81
N THR A 466 20.39 1.01 -41.01
CA THR A 466 21.27 -0.07 -41.41
C THR A 466 20.58 -1.38 -41.04
N VAL A 467 21.08 -2.47 -41.62
CA VAL A 467 20.55 -3.79 -41.36
C VAL A 467 21.21 -4.31 -40.09
N TYR A 468 20.42 -4.64 -39.07
CA TYR A 468 20.94 -5.30 -37.87
C TYR A 468 19.89 -6.25 -37.31
N GLU A 469 20.12 -7.55 -37.52
CA GLU A 469 19.05 -8.55 -37.38
C GLU A 469 18.19 -8.45 -36.11
N GLN A 470 18.82 -8.49 -34.95
CA GLN A 470 18.06 -8.55 -33.69
C GLN A 470 17.27 -7.26 -33.49
N ARG A 471 17.86 -6.13 -33.84
CA ARG A 471 17.17 -4.85 -33.69
C ARG A 471 15.99 -4.75 -34.67
N ASP A 472 16.20 -5.19 -35.91
CA ASP A 472 15.11 -5.24 -36.88
C ASP A 472 13.97 -6.16 -36.41
N ASN A 473 14.32 -7.32 -35.84
CA ASN A 473 13.33 -8.24 -35.27
C ASN A 473 12.53 -7.56 -34.16
N ASP A 474 13.25 -6.88 -33.28
CA ASP A 474 12.62 -6.20 -32.16
C ASP A 474 11.72 -5.07 -32.62
N GLU A 475 12.19 -4.30 -33.63
CA GLU A 475 11.38 -3.21 -34.17
C GLU A 475 10.06 -3.75 -34.71
N GLU A 476 10.13 -4.83 -35.50
N GLU A 476 10.12 -4.83 -35.49
CA GLU A 476 8.95 -5.50 -36.08
CA GLU A 476 8.90 -5.43 -36.04
C GLU A 476 7.96 -5.90 -34.98
C GLU A 476 7.94 -5.86 -34.95
N TYR A 477 8.47 -6.55 -33.94
CA TYR A 477 7.67 -6.99 -32.81
C TYR A 477 7.03 -5.81 -32.06
N MSE A 478 7.86 -4.82 -31.75
CA MSE A 478 7.37 -3.63 -31.02
C MSE A 478 6.20 -2.99 -31.75
O MSE A 478 5.20 -2.70 -31.13
CB MSE A 478 8.55 -2.66 -30.76
CG MSE A 478 8.34 -1.16 -30.88
SE MSE A 478 10.11 -0.48 -30.33
CE MSE A 478 9.42 0.98 -29.23
N ILE A 479 6.30 -2.89 -33.07
CA ILE A 479 5.21 -2.26 -33.87
C ILE A 479 3.98 -3.15 -33.89
N SER A 480 4.18 -4.46 -33.99
CA SER A 480 3.05 -5.40 -34.05
C SER A 480 2.21 -5.41 -32.76
N GLN A 481 2.84 -5.08 -31.63
CA GLN A 481 2.15 -5.03 -30.34
C GLN A 481 1.60 -3.63 -30.00
N GLY A 482 1.95 -2.61 -30.78
CA GLY A 482 1.59 -1.23 -30.45
C GLY A 482 2.34 -0.69 -29.23
N TYR A 483 3.61 -1.06 -29.10
CA TYR A 483 4.47 -0.66 -27.98
C TYR A 483 5.17 0.69 -28.16
N SER A 484 5.15 1.21 -29.37
CA SER A 484 5.63 2.56 -29.61
C SER A 484 4.51 3.53 -29.30
N ALA A 485 4.85 4.82 -29.25
CA ALA A 485 3.84 5.88 -29.39
C ALA A 485 3.44 5.97 -30.85
N ASP A 486 2.33 6.62 -31.11
CA ASP A 486 1.85 6.78 -32.46
C ASP A 486 2.12 8.20 -32.94
N ASP A 487 2.45 8.35 -34.23
CA ASP A 487 2.73 9.67 -34.77
C ASP A 487 1.47 10.52 -35.00
N GLY A 488 0.28 9.94 -34.85
CA GLY A 488 -0.99 10.63 -35.09
C GLY A 488 -1.69 10.15 -36.36
N THR A 489 -0.99 9.42 -37.21
CA THR A 489 -1.55 8.87 -38.45
C THR A 489 -1.65 7.34 -38.44
N GLY A 490 -1.22 6.67 -37.36
CA GLY A 490 -1.19 5.21 -37.33
C GLY A 490 0.19 4.59 -37.44
N ALA A 491 1.22 5.41 -37.73
CA ALA A 491 2.58 4.91 -37.84
C ALA A 491 3.32 5.16 -36.52
N PRO A 492 4.34 4.34 -36.22
CA PRO A 492 5.12 4.56 -35.00
C PRO A 492 5.79 5.93 -34.96
N TYR A 493 5.75 6.58 -33.79
CA TYR A 493 6.47 7.84 -33.60
C TYR A 493 7.97 7.59 -33.62
N ARG A 494 8.67 8.43 -34.38
CA ARG A 494 10.11 8.45 -34.42
C ARG A 494 10.65 9.80 -34.01
N VAL A 495 11.78 9.79 -33.33
CA VAL A 495 12.44 11.04 -32.94
C VAL A 495 12.78 11.83 -34.24
N PRO A 496 12.52 13.15 -34.26
CA PRO A 496 12.88 13.90 -35.46
C PRO A 496 14.33 13.67 -35.91
N ALA A 497 14.51 13.57 -37.23
CA ALA A 497 15.75 13.11 -37.83
C ALA A 497 17.00 13.88 -37.41
N SER A 498 16.86 15.18 -37.15
CA SER A 498 18.02 16.01 -36.78
C SER A 498 18.48 15.84 -35.31
N GLN A 499 17.68 15.17 -34.48
CA GLN A 499 17.94 15.11 -33.04
C GLN A 499 18.74 13.87 -32.66
N TRP A 500 19.12 13.80 -31.40
CA TRP A 500 19.88 12.66 -30.87
C TRP A 500 18.98 11.44 -30.98
N PHE A 501 19.54 10.34 -31.53
CA PHE A 501 18.75 9.16 -31.88
C PHE A 501 17.58 9.45 -32.82
N GLY A 502 17.79 10.42 -33.71
CA GLY A 502 16.83 10.71 -34.77
C GLY A 502 16.47 9.45 -35.53
N ASN A 503 15.20 9.35 -35.93
CA ASN A 503 14.62 8.16 -36.59
C ASN A 503 14.35 6.99 -35.66
N GLY A 504 14.86 7.03 -34.42
CA GLY A 504 14.61 5.98 -33.43
C GLY A 504 13.17 5.98 -32.94
N ILE A 505 12.68 4.82 -32.55
CA ILE A 505 11.29 4.68 -32.10
C ILE A 505 11.27 4.68 -30.57
N LEU A 506 10.58 5.64 -29.95
CA LEU A 506 10.47 5.65 -28.49
C LEU A 506 9.60 4.50 -28.01
N LEU A 507 10.01 3.89 -26.90
CA LEU A 507 9.17 2.95 -26.19
C LEU A 507 8.12 3.76 -25.48
N ASP A 508 6.86 3.38 -25.62
CA ASP A 508 5.79 4.09 -24.90
C ASP A 508 5.72 3.65 -23.42
N PHE A 509 6.40 4.40 -22.55
CA PHE A 509 6.45 4.07 -21.12
C PHE A 509 5.12 4.29 -20.37
N THR A 510 4.10 4.81 -21.04
CA THR A 510 2.73 4.83 -20.48
C THR A 510 2.01 3.50 -20.65
N ASN A 511 2.57 2.59 -21.45
CA ASN A 511 1.94 1.31 -21.81
C ASN A 511 2.63 0.24 -20.98
N LYS A 512 1.94 -0.26 -19.97
N LYS A 512 1.92 -0.24 -19.97
CA LYS A 512 2.55 -1.21 -19.03
CA LYS A 512 2.44 -1.23 -19.03
C LYS A 512 3.03 -2.49 -19.72
C LYS A 512 3.01 -2.46 -19.73
N ASP A 513 2.29 -2.98 -20.73
CA ASP A 513 2.75 -4.13 -21.51
C ASP A 513 4.04 -3.85 -22.26
N ALA A 514 4.13 -2.65 -22.83
CA ALA A 514 5.34 -2.23 -23.53
C ALA A 514 6.53 -2.18 -22.59
N VAL A 515 6.31 -1.63 -21.40
CA VAL A 515 7.37 -1.50 -20.41
C VAL A 515 7.85 -2.87 -19.95
N ASP A 516 6.91 -3.74 -19.63
CA ASP A 516 7.24 -5.12 -19.25
C ASP A 516 8.05 -5.85 -20.32
N TRP A 517 7.72 -5.67 -21.60
CA TRP A 517 8.49 -6.26 -22.67
C TRP A 517 9.91 -5.66 -22.71
N TRP A 518 10.00 -4.33 -22.72
CA TRP A 518 11.28 -3.64 -22.84
C TRP A 518 12.23 -4.04 -21.71
N THR A 519 11.70 -4.04 -20.49
CA THR A 519 12.50 -4.42 -19.34
C THR A 519 12.82 -5.91 -19.33
N SER A 520 11.92 -6.76 -19.84
CA SER A 520 12.20 -8.20 -19.91
C SER A 520 13.48 -8.49 -20.69
N GLN A 521 13.80 -7.65 -21.66
CA GLN A 521 14.99 -7.86 -22.50
C GLN A 521 16.29 -7.58 -21.76
N ARG A 522 16.20 -6.77 -20.72
CA ARG A 522 17.30 -6.44 -19.82
C ARG A 522 17.38 -7.31 -18.55
N GLU A 523 16.36 -8.15 -18.31
CA GLU A 523 16.25 -8.90 -17.05
C GLU A 523 17.52 -9.69 -16.74
N TYR A 524 18.07 -10.37 -17.75
CA TYR A 524 19.27 -11.18 -17.56
C TYR A 524 20.48 -10.39 -17.03
N LEU A 525 20.52 -9.09 -17.33
CA LEU A 525 21.60 -8.23 -16.84
C LEU A 525 21.59 -8.12 -15.32
N LEU A 526 20.39 -8.14 -14.74
CA LEU A 526 20.21 -8.07 -13.30
C LEU A 526 20.26 -9.47 -12.67
N THR A 527 19.49 -10.42 -13.19
CA THR A 527 19.40 -11.75 -12.58
C THR A 527 20.66 -12.61 -12.76
N GLU A 528 21.38 -12.43 -13.87
CA GLU A 528 22.53 -13.30 -14.18
C GLU A 528 23.86 -12.58 -14.22
N VAL A 529 23.94 -11.42 -14.89
CA VAL A 529 25.18 -10.67 -14.94
C VAL A 529 25.45 -10.01 -13.56
N GLY A 530 24.39 -9.62 -12.88
CA GLY A 530 24.45 -9.14 -11.53
C GLY A 530 24.67 -7.64 -11.40
N ILE A 531 24.21 -6.86 -12.37
CA ILE A 531 24.40 -5.41 -12.31
C ILE A 531 23.58 -4.78 -11.18
N ASP A 532 23.95 -3.54 -10.85
CA ASP A 532 23.33 -2.81 -9.75
C ASP A 532 22.54 -1.56 -10.18
N GLY A 533 22.09 -1.52 -11.43
CA GLY A 533 21.17 -0.47 -11.88
C GLY A 533 21.52 0.06 -13.24
N PHE A 534 20.93 1.20 -13.58
CA PHE A 534 21.05 1.73 -14.93
C PHE A 534 21.32 3.24 -14.93
N LYS A 535 22.17 3.68 -15.83
CA LYS A 535 22.30 5.10 -16.12
C LYS A 535 21.32 5.37 -17.27
N THR A 536 20.11 5.74 -16.86
CA THR A 536 19.02 5.99 -17.80
C THR A 536 19.14 7.40 -18.36
N ASP A 537 19.83 7.49 -19.48
CA ASP A 537 20.12 8.76 -20.14
C ASP A 537 18.99 9.16 -21.10
N GLY A 538 19.01 10.40 -21.56
CA GLY A 538 18.05 10.85 -22.57
C GLY A 538 16.66 11.04 -21.99
N GLY A 539 15.68 11.02 -22.87
CA GLY A 539 14.29 11.18 -22.51
C GLY A 539 13.64 12.47 -22.97
N GLU A 540 14.45 13.41 -23.50
CA GLU A 540 13.97 14.72 -23.95
C GLU A 540 13.65 14.61 -25.46
N MSE A 541 12.82 13.62 -25.79
CA MSE A 541 12.71 13.11 -27.14
C MSE A 541 11.31 13.12 -27.74
O MSE A 541 11.15 12.63 -28.85
CB MSE A 541 13.26 11.67 -27.08
CG MSE A 541 14.79 11.71 -26.93
SE MSE A 541 15.48 9.93 -26.44
CE MSE A 541 17.40 10.26 -26.74
N VAL A 542 10.32 13.66 -27.02
CA VAL A 542 8.95 13.73 -27.51
C VAL A 542 8.70 15.10 -28.16
N TRP A 543 8.56 15.09 -29.48
CA TRP A 543 8.13 16.24 -30.25
C TRP A 543 6.80 15.85 -30.95
N GLY A 544 6.13 16.87 -31.49
CA GLY A 544 4.95 16.66 -32.32
C GLY A 544 3.66 16.74 -31.55
N ARG A 545 2.80 17.70 -31.91
CA ARG A 545 1.50 17.81 -31.23
C ARG A 545 0.58 16.60 -31.38
N ASP A 546 0.71 15.87 -32.49
CA ASP A 546 -0.18 14.72 -32.76
C ASP A 546 0.38 13.40 -32.22
N THR A 547 1.60 13.42 -31.69
CA THR A 547 2.21 12.25 -31.05
C THR A 547 1.31 11.77 -29.93
N THR A 548 0.93 10.49 -29.97
CA THR A 548 -0.12 9.97 -29.10
C THR A 548 0.33 8.71 -28.34
N PHE A 549 0.05 8.70 -27.03
CA PHE A 549 0.50 7.64 -26.13
C PHE A 549 -0.68 6.79 -25.71
N SER A 550 -0.38 5.62 -25.14
CA SER A 550 -1.43 4.67 -24.76
C SER A 550 -2.39 5.18 -23.68
N ASN A 551 -1.99 6.19 -22.92
CA ASN A 551 -2.89 6.81 -21.94
C ASN A 551 -3.84 7.83 -22.58
N GLY A 552 -3.80 7.96 -23.90
CA GLY A 552 -4.61 8.91 -24.62
C GLY A 552 -4.04 10.32 -24.66
N GLU A 553 -2.93 10.56 -23.96
CA GLU A 553 -2.33 11.91 -23.94
C GLU A 553 -1.48 12.09 -25.18
N LYS A 554 -1.33 13.36 -25.58
CA LYS A 554 -0.57 13.69 -26.77
C LYS A 554 0.73 14.44 -26.44
N GLY A 555 1.43 14.88 -27.48
CA GLY A 555 2.81 15.34 -27.37
C GLY A 555 3.00 16.56 -26.48
N GLN A 556 2.06 17.51 -26.54
CA GLN A 556 2.14 18.69 -25.69
C GLN A 556 2.14 18.35 -24.20
N GLU A 557 1.23 17.46 -23.82
CA GLU A 557 1.12 17.05 -22.43
C GLU A 557 2.27 16.13 -21.98
N MSE A 558 2.75 15.28 -22.87
CA MSE A 558 3.65 14.19 -22.50
C MSE A 558 5.10 14.52 -22.59
O MSE A 558 5.91 13.77 -22.05
CB MSE A 558 3.33 12.95 -23.36
CG MSE A 558 2.09 12.27 -22.81
SE MSE A 558 2.45 11.42 -21.07
CE MSE A 558 4.07 10.43 -21.54
N ARG A 559 5.48 15.63 -23.24
CA ARG A 559 6.90 15.91 -23.41
C ARG A 559 7.63 15.98 -22.10
N ASN A 560 7.11 16.76 -21.14
CA ASN A 560 7.79 16.89 -19.85
C ASN A 560 7.66 15.64 -18.98
N ARG A 561 6.57 14.90 -19.13
CA ARG A 561 6.29 13.70 -18.31
C ARG A 561 7.09 12.47 -18.76
N TYR A 562 7.25 12.33 -20.09
CA TYR A 562 7.90 11.12 -20.68
C TYR A 562 9.21 10.71 -19.96
N PRO A 563 10.17 11.65 -19.80
CA PRO A 563 11.43 11.21 -19.13
C PRO A 563 11.22 10.60 -17.76
N THR A 564 10.29 11.14 -16.97
CA THR A 564 10.03 10.62 -15.65
C THR A 564 9.30 9.27 -15.69
N ASP A 565 8.39 9.07 -16.65
CA ASP A 565 7.82 7.75 -16.86
C ASP A 565 8.90 6.70 -17.19
N TYR A 566 9.81 7.09 -18.07
CA TYR A 566 10.94 6.23 -18.46
C TYR A 566 11.86 5.90 -17.27
N VAL A 567 12.33 6.94 -16.60
CA VAL A 567 13.27 6.77 -15.48
C VAL A 567 12.61 5.95 -14.37
N SER A 568 11.38 6.29 -14.02
CA SER A 568 10.71 5.56 -12.95
C SER A 568 10.47 4.10 -13.27
N SER A 569 10.13 3.81 -14.53
CA SER A 569 9.90 2.43 -14.97
C SER A 569 11.15 1.56 -14.78
N TYR A 570 12.29 2.10 -15.20
CA TYR A 570 13.55 1.37 -15.04
C TYR A 570 13.98 1.23 -13.59
N PHE A 571 13.81 2.30 -12.79
CA PHE A 571 14.22 2.29 -11.37
C PHE A 571 13.45 1.21 -10.60
N ASP A 572 12.13 1.19 -10.79
CA ASP A 572 11.25 0.22 -10.13
C ASP A 572 11.55 -1.20 -10.60
N PHE A 573 11.79 -1.35 -11.90
CA PHE A 573 12.13 -2.64 -12.48
C PHE A 573 13.46 -3.18 -11.89
N ALA A 574 14.50 -2.34 -11.88
CA ALA A 574 15.79 -2.82 -11.37
C ALA A 574 15.68 -3.20 -9.89
N LYS A 575 15.04 -2.35 -9.11
CA LYS A 575 14.87 -2.59 -7.68
C LYS A 575 14.04 -3.84 -7.37
N SER A 576 13.11 -4.19 -8.26
CA SER A 576 12.27 -5.39 -8.04
C SER A 576 13.11 -6.68 -8.06
N ILE A 577 14.24 -6.65 -8.75
CA ILE A 577 15.14 -7.80 -8.84
C ILE A 577 16.32 -7.65 -7.87
N ASN A 578 16.92 -6.47 -7.84
CA ASN A 578 18.08 -6.16 -7.01
C ASN A 578 17.73 -4.98 -6.07
N PRO A 579 17.42 -5.27 -4.79
CA PRO A 579 16.94 -4.19 -3.91
C PRO A 579 17.96 -3.08 -3.68
N GLU A 580 19.24 -3.36 -3.93
CA GLU A 580 20.31 -2.37 -3.89
C GLU A 580 20.53 -1.58 -5.19
N ALA A 581 19.66 -1.73 -6.19
CA ALA A 581 19.87 -1.06 -7.47
C ALA A 581 19.60 0.43 -7.43
N VAL A 582 20.37 1.19 -8.21
CA VAL A 582 20.28 2.66 -8.21
C VAL A 582 20.21 3.11 -9.63
N SER A 583 19.31 4.07 -9.92
CA SER A 583 19.28 4.73 -11.22
C SER A 583 20.03 6.07 -11.18
N PHE A 584 20.54 6.45 -12.35
CA PHE A 584 21.39 7.65 -12.52
C PHE A 584 20.92 8.27 -13.84
N SER A 585 20.26 9.43 -13.76
CA SER A 585 19.49 10.01 -14.87
C SER A 585 19.70 11.51 -14.97
N ARG A 586 19.27 12.10 -16.09
CA ARG A 586 19.43 13.55 -16.24
C ARG A 586 18.13 14.33 -16.42
N SER A 587 17.07 13.67 -16.91
CA SER A 587 15.87 14.39 -17.34
C SER A 587 14.68 14.02 -16.48
N GLY A 588 13.76 14.96 -16.35
CA GLY A 588 12.51 14.69 -15.68
C GLY A 588 11.72 15.92 -15.38
N THR A 589 10.59 15.71 -14.71
CA THR A 589 9.74 16.79 -14.23
C THR A 589 9.30 16.47 -12.79
N SER A 590 8.21 17.08 -12.32
N SER A 590 8.22 17.09 -12.32
CA SER A 590 7.69 16.83 -10.99
CA SER A 590 7.70 16.81 -10.99
C SER A 590 7.48 15.32 -10.74
C SER A 590 7.57 15.30 -10.79
N GLY A 591 8.00 14.83 -9.62
CA GLY A 591 8.03 13.41 -9.33
C GLY A 591 9.34 12.73 -9.69
N ALA A 592 10.23 13.41 -10.40
CA ALA A 592 11.53 12.82 -10.75
C ALA A 592 12.27 12.29 -9.50
N GLN A 593 12.14 13.03 -8.39
CA GLN A 593 12.79 12.69 -7.14
C GLN A 593 12.49 11.30 -6.55
N LYS A 594 11.37 10.69 -6.94
N LYS A 594 11.37 10.69 -6.94
CA LYS A 594 11.07 9.32 -6.52
CA LYS A 594 11.05 9.33 -6.54
C LYS A 594 12.09 8.28 -7.00
C LYS A 594 12.00 8.25 -7.06
N SER A 595 12.79 8.55 -8.09
CA SER A 595 13.50 7.53 -8.84
C SER A 595 14.99 7.77 -9.08
N GLY A 596 15.74 7.92 -8.01
CA GLY A 596 17.20 7.86 -8.09
C GLY A 596 17.94 9.19 -8.23
N ILE A 597 19.17 9.09 -8.72
CA ILE A 597 20.09 10.21 -8.82
C ILE A 597 19.85 10.99 -10.11
N TYR A 598 20.04 12.31 -10.06
CA TYR A 598 20.04 13.18 -11.24
C TYR A 598 21.37 13.86 -11.33
N TRP A 599 22.02 13.80 -12.49
CA TRP A 599 23.25 14.54 -12.73
C TRP A 599 22.99 15.70 -13.68
N SER A 600 23.84 16.70 -13.61
CA SER A 600 23.61 17.98 -14.32
C SER A 600 23.96 18.03 -15.80
N GLY A 601 24.30 16.89 -16.38
CA GLY A 601 24.45 16.77 -17.81
C GLY A 601 25.79 17.20 -18.36
N ASP A 602 25.79 17.69 -19.60
CA ASP A 602 27.00 17.80 -20.39
C ASP A 602 27.56 19.20 -20.32
N GLN A 603 28.70 19.34 -19.66
CA GLN A 603 29.31 20.63 -19.43
C GLN A 603 30.81 20.55 -19.70
N THR A 604 31.39 21.72 -20.01
CA THR A 604 32.80 21.80 -20.31
C THR A 604 33.62 21.98 -19.06
N SER A 605 34.91 21.64 -19.14
CA SER A 605 35.83 21.77 -18.02
C SER A 605 36.36 23.22 -17.85
N THR A 606 35.49 24.10 -17.35
CA THR A 606 35.86 25.48 -17.07
C THR A 606 35.26 25.89 -15.73
N PHE A 607 35.79 26.97 -15.17
CA PHE A 607 35.20 27.58 -13.98
C PHE A 607 33.79 28.13 -14.20
N ASP A 608 33.50 28.63 -15.40
N ASP A 608 33.51 28.65 -15.39
CA ASP A 608 32.14 29.08 -15.72
CA ASP A 608 32.17 29.12 -15.74
C ASP A 608 31.13 27.96 -15.66
C ASP A 608 31.14 27.99 -15.68
N SER A 609 31.52 26.80 -16.18
CA SER A 609 30.68 25.63 -16.09
C SER A 609 30.47 25.16 -14.66
N PHE A 610 31.55 25.16 -13.88
CA PHE A 610 31.52 24.82 -12.45
C PHE A 610 30.49 25.71 -11.73
N GLN A 611 30.53 27.00 -12.01
CA GLN A 611 29.55 27.95 -11.44
C GLN A 611 28.12 27.59 -11.81
N ALA A 612 27.90 27.20 -13.06
CA ALA A 612 26.57 26.82 -13.53
C ALA A 612 26.11 25.50 -12.90
N SER A 613 27.04 24.56 -12.76
CA SER A 613 26.73 23.29 -12.10
C SER A 613 26.24 23.49 -10.68
N LEU A 614 26.92 24.35 -9.94
CA LEU A 614 26.52 24.61 -8.57
C LEU A 614 25.12 25.23 -8.52
N LYS A 615 24.82 26.14 -9.45
CA LYS A 615 23.46 26.71 -9.52
C LYS A 615 22.41 25.64 -9.81
N ALA A 616 22.75 24.76 -10.73
CA ALA A 616 21.90 23.62 -11.06
C ALA A 616 21.57 22.76 -9.84
N GLY A 617 22.58 22.43 -9.03
CA GLY A 617 22.35 21.64 -7.82
C GLY A 617 21.53 22.37 -6.79
N LEU A 618 21.76 23.66 -6.64
CA LEU A 618 21.05 24.44 -5.62
C LEU A 618 19.57 24.67 -5.99
N SER A 619 19.30 24.85 -7.27
CA SER A 619 17.93 25.01 -7.74
C SER A 619 17.22 23.66 -7.71
N ALA A 620 17.89 22.60 -8.16
CA ALA A 620 17.31 21.27 -8.10
C ALA A 620 16.90 20.93 -6.67
N SER A 621 17.79 21.24 -5.73
CA SER A 621 17.54 21.03 -4.30
C SER A 621 16.23 21.66 -3.81
N THR A 622 16.02 22.93 -4.14
CA THR A 622 14.77 23.62 -3.79
C THR A 622 13.56 22.96 -4.42
N SER A 623 13.76 22.38 -5.59
CA SER A 623 12.72 21.70 -6.32
C SER A 623 12.48 20.26 -5.90
N GLY A 624 13.11 19.82 -4.79
CA GLY A 624 12.88 18.48 -4.24
C GLY A 624 13.79 17.43 -4.83
N VAL A 625 14.73 17.82 -5.71
CA VAL A 625 15.68 16.86 -6.28
C VAL A 625 16.97 17.00 -5.47
N SER A 626 17.10 16.14 -4.48
CA SER A 626 18.14 16.18 -3.47
C SER A 626 19.35 15.35 -3.84
N TYR A 627 19.12 14.15 -4.39
CA TYR A 627 20.21 13.25 -4.76
C TYR A 627 20.76 13.67 -6.12
N TRP A 628 21.55 14.75 -6.10
CA TRP A 628 22.03 15.42 -7.27
C TRP A 628 23.54 15.25 -7.41
N ALA A 629 23.97 15.03 -8.65
CA ALA A 629 25.37 14.87 -9.00
C ALA A 629 25.74 15.79 -10.15
N TRP A 630 27.04 15.90 -10.38
CA TRP A 630 27.57 16.57 -11.56
C TRP A 630 28.84 15.84 -11.94
N ASP A 631 29.25 16.03 -13.18
CA ASP A 631 30.53 15.50 -13.66
C ASP A 631 31.60 16.43 -13.12
N MSE A 632 32.25 16.08 -12.02
CA MSE A 632 33.21 16.99 -11.38
C MSE A 632 34.28 17.46 -12.33
O MSE A 632 34.90 16.67 -13.07
CB MSE A 632 33.84 16.42 -10.09
CG MSE A 632 34.45 15.03 -10.27
SE MSE A 632 35.76 14.74 -8.84
CE MSE A 632 37.17 15.81 -9.63
N ALA A 633 34.49 18.79 -12.36
CA ALA A 633 35.45 19.46 -13.26
C ALA A 633 35.08 19.41 -14.75
N GLY A 634 33.85 19.00 -15.09
CA GLY A 634 33.38 18.90 -16.48
C GLY A 634 33.84 17.64 -17.18
N PHE A 635 33.01 17.15 -18.11
CA PHE A 635 33.31 15.87 -18.80
C PHE A 635 33.87 16.03 -20.21
N THR A 636 33.87 17.27 -20.70
CA THR A 636 34.31 17.53 -22.06
C THR A 636 35.00 18.88 -22.15
N GLY A 637 35.50 19.15 -23.35
CA GLY A 637 36.34 20.31 -23.59
C GLY A 637 37.77 19.92 -23.29
N ASP A 638 38.63 20.91 -23.36
CA ASP A 638 40.02 20.68 -23.02
C ASP A 638 40.14 20.23 -21.57
N TYR A 639 41.13 19.38 -21.32
CA TYR A 639 41.28 18.75 -20.01
C TYR A 639 41.36 19.85 -18.93
N PRO A 640 40.69 19.65 -17.77
CA PRO A 640 40.76 20.69 -16.74
C PRO A 640 42.17 21.00 -16.29
N THR A 641 42.39 22.25 -15.91
CA THR A 641 43.62 22.60 -15.21
C THR A 641 43.66 21.92 -13.84
N ALA A 642 44.87 21.81 -13.29
CA ALA A 642 45.06 21.29 -11.94
C ALA A 642 44.26 22.10 -10.92
N GLU A 643 44.27 23.43 -11.08
CA GLU A 643 43.48 24.32 -10.23
C GLU A 643 41.98 23.97 -10.27
N LEU A 644 41.42 23.88 -11.47
CA LEU A 644 39.98 23.58 -11.59
C LEU A 644 39.69 22.20 -11.01
N TYR A 645 40.55 21.25 -11.33
CA TYR A 645 40.33 19.89 -10.86
C TYR A 645 40.29 19.85 -9.31
N LYS A 646 41.24 20.54 -8.69
CA LYS A 646 41.30 20.61 -7.21
C LYS A 646 40.11 21.33 -6.58
N ARG A 647 39.72 22.48 -7.15
CA ARG A 647 38.53 23.20 -6.65
C ARG A 647 37.26 22.39 -6.81
N ALA A 648 37.13 21.72 -7.95
CA ALA A 648 35.96 20.88 -8.23
C ALA A 648 35.89 19.68 -7.30
N THR A 649 37.03 19.04 -7.10
CA THR A 649 37.10 17.87 -6.22
C THR A 649 36.54 18.22 -4.85
N ALA A 650 36.97 19.38 -4.32
CA ALA A 650 36.54 19.79 -2.97
C ALA A 650 35.03 19.98 -2.88
N MSE A 651 34.45 20.70 -3.83
CA MSE A 651 32.98 20.88 -3.87
C MSE A 651 32.28 19.54 -4.01
O MSE A 651 31.29 19.27 -3.31
CB MSE A 651 32.56 21.86 -4.97
CG MSE A 651 31.06 22.23 -5.01
SE MSE A 651 29.92 20.87 -5.88
CE MSE A 651 29.33 21.87 -7.51
N ALA A 652 32.78 18.69 -4.92
CA ALA A 652 32.13 17.43 -5.22
C ALA A 652 32.10 16.50 -3.99
N ALA A 653 33.16 16.52 -3.20
CA ALA A 653 33.23 15.72 -1.96
C ALA A 653 32.17 16.16 -0.94
N PHE A 654 31.76 17.42 -1.05
CA PHE A 654 30.76 18.02 -0.18
C PHE A 654 29.46 18.33 -0.93
N ALA A 655 29.13 17.48 -1.89
CA ALA A 655 27.86 17.57 -2.60
C ALA A 655 27.09 16.25 -2.40
N PRO A 656 25.82 16.21 -2.80
CA PRO A 656 25.04 15.02 -2.49
C PRO A 656 25.59 13.72 -3.09
N ILE A 657 26.00 13.79 -4.35
CA ILE A 657 26.53 12.62 -5.06
C ILE A 657 27.83 13.05 -5.72
N MSE A 658 28.90 12.27 -5.52
CA MSE A 658 30.24 12.57 -6.04
C MSE A 658 30.58 11.61 -7.17
O MSE A 658 30.54 10.38 -6.99
CB MSE A 658 31.24 12.41 -4.88
CG MSE A 658 32.66 12.78 -5.31
SE MSE A 658 33.98 12.44 -3.94
CE MSE A 658 35.47 13.55 -4.60
N GLN A 659 30.91 12.15 -8.34
CA GLN A 659 31.07 11.35 -9.55
C GLN A 659 31.99 12.04 -10.54
N PHE A 660 32.98 11.33 -11.06
CA PHE A 660 33.76 11.83 -12.19
C PHE A 660 33.39 11.07 -13.46
N HIS A 661 33.59 11.72 -14.60
CA HIS A 661 33.08 11.25 -15.89
C HIS A 661 33.76 11.99 -17.04
N SER A 662 33.76 11.38 -18.23
CA SER A 662 34.39 11.97 -19.42
C SER A 662 33.68 11.55 -20.69
N GLU A 663 33.64 12.47 -21.67
CA GLU A 663 32.87 12.29 -22.89
C GLU A 663 33.51 11.36 -23.93
N LYS A 664 34.80 11.54 -24.19
CA LYS A 664 35.38 10.95 -25.40
C LYS A 664 35.44 9.43 -25.39
N SER A 665 35.17 8.82 -26.54
CA SER A 665 34.97 7.37 -26.62
C SER A 665 36.27 6.59 -26.82
N ASP A 666 37.28 7.20 -27.46
CA ASP A 666 38.56 6.49 -27.66
C ASP A 666 39.73 7.47 -27.84
N PRO A 667 39.97 8.31 -26.84
CA PRO A 667 40.96 9.39 -26.99
C PRO A 667 42.39 8.94 -26.66
N SER A 668 43.36 9.65 -27.23
CA SER A 668 44.76 9.47 -26.86
C SER A 668 45.39 10.85 -26.78
N PRO A 669 45.87 11.31 -25.62
CA PRO A 669 45.84 10.60 -24.35
C PRO A 669 44.44 10.49 -23.73
N SER A 670 44.37 9.72 -22.66
CA SER A 670 43.11 9.50 -21.95
C SER A 670 42.48 10.81 -21.49
N GLU A 671 41.15 10.83 -21.55
CA GLU A 671 40.35 11.95 -21.07
C GLU A 671 39.69 11.67 -19.71
N GLU A 672 40.01 10.55 -19.06
CA GLU A 672 39.43 10.27 -17.73
C GLU A 672 39.63 11.47 -16.80
N ARG A 673 38.56 11.86 -16.11
CA ARG A 673 38.61 12.80 -15.00
C ARG A 673 38.91 12.10 -13.64
N SER A 674 39.58 10.96 -13.69
CA SER A 674 40.07 10.25 -12.51
C SER A 674 41.26 11.03 -11.95
N PRO A 675 41.53 10.89 -10.63
CA PRO A 675 42.65 11.65 -10.09
C PRO A 675 44.01 11.20 -10.66
N TRP A 676 44.17 9.92 -10.91
CA TRP A 676 45.41 9.43 -11.50
C TRP A 676 45.64 9.96 -12.92
N ASN A 677 44.58 10.01 -13.75
CA ASN A 677 44.74 10.59 -15.06
C ASN A 677 44.94 12.11 -15.04
N ALA A 678 44.32 12.77 -14.08
CA ALA A 678 44.54 14.21 -13.92
C ALA A 678 45.99 14.53 -13.59
N VAL A 679 46.62 13.74 -12.73
CA VAL A 679 48.06 13.84 -12.45
C VAL A 679 48.85 13.67 -13.76
N ALA A 680 48.53 12.61 -14.51
CA ALA A 680 49.19 12.35 -15.81
C ALA A 680 49.03 13.50 -16.82
N ARG A 681 47.82 14.00 -16.99
CA ARG A 681 47.54 15.03 -18.00
C ARG A 681 48.10 16.39 -17.62
N THR A 682 48.02 16.76 -16.34
CA THR A 682 48.47 18.09 -15.89
C THR A 682 49.94 18.12 -15.47
N GLY A 683 50.49 16.96 -15.11
CA GLY A 683 51.82 16.89 -14.50
C GLY A 683 51.89 17.31 -13.04
N ASP A 684 50.75 17.63 -12.42
CA ASP A 684 50.72 18.08 -11.03
C ASP A 684 50.42 16.90 -10.10
N GLU A 685 51.48 16.34 -9.53
CA GLU A 685 51.38 15.15 -8.67
C GLU A 685 50.62 15.41 -7.37
N THR A 686 50.54 16.69 -6.97
CA THR A 686 49.84 17.07 -5.75
C THR A 686 48.32 16.93 -5.88
N ILE A 687 47.81 16.76 -7.11
CA ILE A 687 46.40 16.45 -7.29
C ILE A 687 45.98 15.23 -6.48
N LEU A 688 46.83 14.21 -6.44
CA LEU A 688 46.45 12.96 -5.80
C LEU A 688 46.18 13.10 -4.29
N PRO A 689 47.16 13.60 -3.51
CA PRO A 689 46.89 13.77 -2.08
C PRO A 689 45.73 14.74 -1.80
N THR A 690 45.52 15.75 -2.64
CA THR A 690 44.38 16.64 -2.46
C THR A 690 43.06 15.92 -2.72
N PHE A 691 42.97 15.16 -3.80
CA PHE A 691 41.80 14.34 -4.06
C PHE A 691 41.56 13.34 -2.90
N GLN A 692 42.63 12.69 -2.45
CA GLN A 692 42.53 11.73 -1.34
C GLN A 692 41.98 12.39 -0.08
N LYS A 693 42.50 13.56 0.26
CA LYS A 693 42.00 14.30 1.41
C LYS A 693 40.48 14.46 1.36
N TYR A 694 39.98 14.96 0.23
CA TYR A 694 38.56 15.19 0.12
C TYR A 694 37.73 13.90 0.06
N LEU A 695 38.22 12.90 -0.67
CA LEU A 695 37.51 11.63 -0.70
C LEU A 695 37.49 11.00 0.70
N TYR A 696 38.63 11.00 1.38
CA TYR A 696 38.70 10.37 2.70
C TYR A 696 37.80 11.11 3.68
N THR A 697 37.79 12.44 3.57
CA THR A 697 36.92 13.24 4.42
C THR A 697 35.45 12.92 4.18
N ARG A 698 35.06 12.76 2.91
CA ARG A 698 33.69 12.37 2.59
C ARG A 698 33.36 11.03 3.25
N MSE A 699 34.26 10.06 3.15
CA MSE A 699 34.04 8.75 3.79
C MSE A 699 34.02 8.87 5.31
O MSE A 699 33.25 8.17 5.97
CB MSE A 699 35.06 7.74 3.26
CG MSE A 699 34.96 7.47 1.74
SE MSE A 699 33.11 7.14 1.10
CE MSE A 699 33.08 5.23 1.49
N ASN A 700 34.84 9.75 5.90
CA ASN A 700 34.77 10.04 7.37
C ASN A 700 33.39 10.58 7.72
N LEU A 701 32.82 11.39 6.84
CA LEU A 701 31.50 11.99 7.05
C LEU A 701 30.33 11.15 6.56
N LEU A 702 30.58 9.95 6.04
CA LEU A 702 29.51 9.14 5.47
C LEU A 702 28.35 8.90 6.43
N PRO A 703 28.60 8.70 7.75
CA PRO A 703 27.42 8.55 8.66
C PRO A 703 26.52 9.79 8.74
N TYR A 704 27.13 10.96 8.75
CA TYR A 704 26.40 12.24 8.63
C TYR A 704 25.70 12.39 7.28
N ILE A 705 26.41 12.07 6.20
CA ILE A 705 25.87 12.21 4.85
C ILE A 705 24.66 11.29 4.66
N TYR A 706 24.78 10.05 5.11
CA TYR A 706 23.70 9.10 4.90
C TYR A 706 22.51 9.38 5.80
N THR A 707 22.75 9.90 7.01
CA THR A 707 21.63 10.37 7.85
C THR A 707 20.88 11.52 7.13
N ALA A 708 21.64 12.42 6.51
CA ALA A 708 21.02 13.50 5.72
C ALA A 708 20.24 12.95 4.52
N ALA A 709 20.76 11.92 3.86
CA ALA A 709 20.03 11.26 2.76
C ALA A 709 18.68 10.72 3.25
N LYS A 710 18.67 10.10 4.42
CA LYS A 710 17.40 9.62 5.00
C LYS A 710 16.46 10.77 5.37
N ASP A 711 17.02 11.88 5.84
CA ASP A 711 16.24 13.07 6.17
C ASP A 711 15.54 13.66 4.93
N THR A 712 16.19 13.59 3.78
CA THR A 712 15.54 13.95 2.52
C THR A 712 14.33 13.07 2.29
N ALA A 713 14.53 11.76 2.39
CA ALA A 713 13.48 10.80 2.09
C ALA A 713 12.26 10.98 3.00
N ASP A 714 12.53 11.19 4.29
CA ASP A 714 11.46 11.25 5.30
C ASP A 714 10.79 12.62 5.43
N ASN A 715 11.60 13.68 5.37
CA ASN A 715 11.19 15.01 5.76
C ASN A 715 11.38 16.10 4.72
N GLY A 716 11.81 15.71 3.51
CA GLY A 716 11.89 16.61 2.37
C GLY A 716 12.99 17.64 2.46
N LYS A 717 13.94 17.46 3.38
CA LYS A 717 15.03 18.38 3.54
C LYS A 717 16.17 17.95 2.63
N SER A 718 16.45 18.76 1.62
CA SER A 718 17.48 18.41 0.65
C SER A 718 18.84 18.43 1.31
N MSE A 719 19.73 17.59 0.80
CA MSE A 719 21.09 17.48 1.35
C MSE A 719 21.92 18.74 1.18
O MSE A 719 22.63 19.12 2.11
CB MSE A 719 21.78 16.29 0.70
CG MSE A 719 21.17 15.00 1.20
SE MSE A 719 21.87 13.47 0.18
CE MSE A 719 23.65 13.38 0.99
N MSE A 720 21.85 19.38 0.02
CA MSE A 720 22.63 20.57 -0.28
C MSE A 720 21.65 21.68 -0.52
O MSE A 720 20.77 21.54 -1.37
CB MSE A 720 23.49 20.35 -1.53
CG MSE A 720 24.21 21.61 -1.96
SE MSE A 720 25.58 21.30 -3.35
CE MSE A 720 24.22 20.89 -4.64
N ARG A 721 21.75 22.80 0.21
CA ARG A 721 20.72 23.82 0.18
C ARG A 721 21.32 25.23 0.05
N GLN A 722 20.68 26.04 -0.80
CA GLN A 722 21.00 27.45 -0.94
C GLN A 722 20.66 28.14 0.40
N MSE A 723 21.44 29.16 0.75
CA MSE A 723 21.38 29.71 2.12
C MSE A 723 20.01 30.18 2.57
O MSE A 723 19.67 30.03 3.76
CB MSE A 723 22.36 30.85 2.32
CG MSE A 723 23.83 30.46 2.11
SE MSE A 723 24.56 29.07 3.31
CE MSE A 723 24.29 29.95 5.01
N ALA A 724 19.22 30.74 1.67
CA ALA A 724 17.89 31.28 2.01
C ALA A 724 16.84 30.19 2.32
N MSE A 725 17.15 28.94 2.00
CA MSE A 725 16.31 27.81 2.45
C MSE A 725 16.34 27.69 3.96
O MSE A 725 15.33 27.36 4.56
CB MSE A 725 16.72 26.46 1.85
CG MSE A 725 16.65 26.44 0.32
SE MSE A 725 14.89 26.89 -0.42
CE MSE A 725 13.87 25.40 0.40
N ASP A 726 17.49 27.93 4.57
CA ASP A 726 17.58 27.88 6.04
C ASP A 726 17.43 29.27 6.70
N TYR A 727 17.73 30.34 5.95
CA TYR A 727 17.72 31.69 6.50
C TYR A 727 16.89 32.62 5.60
N PRO A 728 15.58 32.35 5.45
CA PRO A 728 14.82 33.13 4.46
C PRO A 728 14.70 34.63 4.77
N GLU A 729 14.76 35.02 6.04
CA GLU A 729 14.67 36.44 6.36
C GLU A 729 15.99 37.18 6.27
N ASP A 730 17.10 36.47 6.11
CA ASP A 730 18.41 37.09 6.13
C ASP A 730 18.72 37.74 4.79
N VAL A 731 18.77 39.07 4.79
CA VAL A 731 18.96 39.81 3.53
C VAL A 731 20.29 39.52 2.83
N ASN A 732 21.31 39.09 3.58
CA ASN A 732 22.59 38.71 2.99
C ASN A 732 22.59 37.33 2.34
N ALA A 733 21.58 36.52 2.60
CA ALA A 733 21.54 35.14 2.13
C ALA A 733 20.78 34.96 0.79
N ARG A 734 20.09 36.02 0.34
CA ARG A 734 19.09 35.90 -0.74
C ARG A 734 19.63 35.40 -2.06
N ASP A 735 20.80 35.90 -2.44
CA ASP A 735 21.34 35.66 -3.78
C ASP A 735 22.61 34.83 -3.83
N LEU A 736 23.04 34.28 -2.68
CA LEU A 736 24.31 33.55 -2.61
C LEU A 736 24.26 32.28 -3.45
N ASP A 737 25.24 32.15 -4.33
CA ASP A 737 25.34 30.99 -5.22
C ASP A 737 26.70 30.32 -5.23
N GLU A 738 27.59 30.70 -4.29
CA GLU A 738 28.95 30.16 -4.17
C GLU A 738 29.22 29.65 -2.76
N GLN A 739 28.15 29.33 -2.03
CA GLN A 739 28.23 28.63 -0.75
C GLN A 739 26.88 28.01 -0.51
N TYR A 740 26.82 27.06 0.41
CA TYR A 740 25.60 26.35 0.68
C TYR A 740 25.68 25.60 2.00
N MSE A 741 24.52 25.17 2.50
CA MSE A 741 24.46 24.22 3.60
C MSE A 741 24.50 22.77 3.08
O MSE A 741 23.89 22.43 2.06
CB MSE A 741 23.18 24.37 4.40
CG MSE A 741 22.98 25.78 4.93
SE MSE A 741 24.37 26.37 6.18
CE MSE A 741 24.26 24.94 7.54
N PHE A 742 25.20 21.91 3.81
CA PHE A 742 25.34 20.49 3.50
C PHE A 742 24.95 19.70 4.74
N GLY A 743 23.88 18.93 4.66
CA GLY A 743 23.21 18.36 5.84
C GLY A 743 22.68 19.51 6.68
N ASP A 744 22.37 19.26 7.95
CA ASP A 744 21.79 20.30 8.82
C ASP A 744 22.84 21.30 9.29
N ASP A 745 24.10 20.90 9.33
CA ASP A 745 25.10 21.57 10.17
C ASP A 745 26.28 22.25 9.50
N LEU A 746 26.58 21.90 8.25
CA LEU A 746 27.83 22.34 7.64
C LEU A 746 27.57 23.42 6.61
N LEU A 747 28.32 24.51 6.73
CA LEU A 747 28.28 25.58 5.75
C LEU A 747 29.55 25.39 4.92
N VAL A 748 29.36 25.13 3.63
CA VAL A 748 30.44 24.84 2.69
C VAL A 748 30.58 26.02 1.71
N ALA A 749 31.81 26.50 1.51
CA ALA A 749 32.04 27.67 0.65
C ALA A 749 33.09 27.36 -0.39
N PRO A 750 32.70 26.68 -1.47
CA PRO A 750 33.72 26.38 -2.49
C PRO A 750 34.25 27.59 -3.22
N ILE A 751 35.48 27.49 -3.69
CA ILE A 751 36.08 28.51 -4.53
C ILE A 751 35.79 28.17 -5.97
N VAL A 752 34.96 28.98 -6.60
CA VAL A 752 34.49 28.71 -7.96
C VAL A 752 34.96 29.76 -8.98
N GLN A 753 36.03 30.48 -8.64
CA GLN A 753 36.58 31.53 -9.49
C GLN A 753 38.04 31.23 -9.76
N GLU A 754 38.46 31.30 -11.04
CA GLU A 754 39.87 31.05 -11.39
C GLU A 754 40.73 32.11 -10.74
N GLY A 755 41.82 31.67 -10.13
CA GLY A 755 42.81 32.53 -9.56
C GLY A 755 42.51 33.00 -8.15
N GLN A 756 41.34 32.65 -7.60
CA GLN A 756 40.92 33.16 -6.30
C GLN A 756 41.59 32.38 -5.15
N THR A 757 42.06 33.12 -4.14
CA THR A 757 42.47 32.56 -2.84
C THR A 757 41.85 33.23 -1.60
N GLU A 758 41.27 34.43 -1.72
CA GLU A 758 40.58 35.06 -0.62
C GLU A 758 39.09 34.86 -0.89
N LYS A 759 38.50 33.93 -0.15
CA LYS A 759 37.10 33.55 -0.33
C LYS A 759 36.24 34.30 0.67
N GLU A 760 35.25 35.03 0.18
CA GLU A 760 34.26 35.65 1.04
C GLU A 760 33.27 34.60 1.44
N VAL A 761 32.97 34.54 2.74
CA VAL A 761 31.94 33.60 3.24
C VAL A 761 30.95 34.39 4.07
N TYR A 762 29.67 34.35 3.70
CA TYR A 762 28.66 34.99 4.50
C TYR A 762 28.23 34.02 5.62
N LEU A 763 28.37 34.46 6.87
CA LEU A 763 28.05 33.66 8.02
C LEU A 763 26.78 34.21 8.65
N PRO A 764 25.67 33.45 8.64
CA PRO A 764 24.47 33.89 9.34
C PRO A 764 24.69 33.99 10.84
N GLU A 765 23.75 34.61 11.53
CA GLU A 765 23.90 34.86 12.98
C GLU A 765 24.11 33.53 13.70
N GLY A 766 24.96 33.53 14.71
CA GLY A 766 25.34 32.32 15.46
C GLY A 766 26.82 32.01 15.23
N GLU A 767 27.37 31.13 16.03
CA GLU A 767 28.81 30.87 16.01
C GLU A 767 29.07 29.75 15.05
N TRP A 768 30.09 29.90 14.21
CA TRP A 768 30.49 28.88 13.26
C TRP A 768 31.92 28.48 13.53
N VAL A 769 32.22 27.19 13.45
CA VAL A 769 33.56 26.72 13.76
C VAL A 769 34.12 25.98 12.55
N ASP A 770 35.33 26.38 12.16
CA ASP A 770 36.08 25.76 11.05
C ASP A 770 36.31 24.28 11.40
N ILE A 771 35.80 23.36 10.57
CA ILE A 771 35.86 21.95 10.92
C ILE A 771 37.25 21.35 10.80
N TRP A 772 38.14 22.04 10.07
CA TRP A 772 39.50 21.54 9.81
C TRP A 772 40.46 21.89 10.96
N ASN A 773 40.28 23.04 11.61
CA ASN A 773 41.28 23.54 12.55
C ASN A 773 40.73 24.15 13.84
N GLY A 774 39.42 24.24 14.00
CA GLY A 774 38.85 24.78 15.22
C GLY A 774 38.79 26.29 15.32
N GLY A 775 39.04 26.99 14.22
CA GLY A 775 38.90 28.45 14.19
C GLY A 775 37.46 28.85 14.44
N VAL A 776 37.24 29.79 15.37
CA VAL A 776 35.89 30.17 15.79
C VAL A 776 35.52 31.47 15.07
N HIS A 777 34.32 31.50 14.47
CA HIS A 777 33.85 32.67 13.74
C HIS A 777 32.46 33.03 14.17
N PRO A 778 32.31 34.11 14.96
CA PRO A 778 30.95 34.60 15.25
C PRO A 778 30.23 34.96 13.98
N GLY A 779 28.95 34.70 13.93
CA GLY A 779 28.19 34.96 12.73
C GLY A 779 27.70 36.38 12.61
N GLY A 780 27.00 36.62 11.51
CA GLY A 780 26.34 37.88 11.23
C GLY A 780 27.19 38.85 10.43
N GLU A 781 28.06 38.33 9.56
N GLU A 781 28.05 38.33 9.55
CA GLU A 781 28.89 39.14 8.68
CA GLU A 781 28.86 39.14 8.65
C GLU A 781 29.51 38.28 7.60
C GLU A 781 29.49 38.28 7.58
N THR A 782 30.13 38.96 6.62
CA THR A 782 30.93 38.29 5.60
C THR A 782 32.38 38.30 6.07
N ILE A 783 32.98 37.12 6.17
CA ILE A 783 34.39 37.00 6.53
C ILE A 783 35.18 36.74 5.25
N SER A 784 36.48 36.92 5.35
N SER A 784 36.48 36.97 5.32
CA SER A 784 37.42 36.61 4.28
CA SER A 784 37.41 36.60 4.24
C SER A 784 38.28 35.46 4.76
C SER A 784 38.28 35.47 4.76
N TYR A 785 38.25 34.35 4.05
CA TYR A 785 38.92 33.11 4.45
C TYR A 785 39.99 32.85 3.41
N TYR A 786 41.23 32.74 3.82
CA TYR A 786 42.31 32.42 2.92
C TYR A 786 42.25 30.95 2.62
N ALA A 787 42.11 30.62 1.34
CA ALA A 787 41.98 29.23 0.90
C ALA A 787 42.90 29.03 -0.29
N ASP A 788 44.04 28.43 -0.06
CA ASP A 788 44.90 28.06 -1.16
C ASP A 788 44.20 26.97 -2.00
N VAL A 789 44.81 26.57 -3.09
CA VAL A 789 44.14 25.66 -4.02
C VAL A 789 43.70 24.30 -3.44
N ASP A 790 44.32 23.88 -2.33
CA ASP A 790 44.02 22.61 -1.67
C ASP A 790 42.99 22.73 -0.53
N THR A 791 42.48 23.94 -0.32
CA THR A 791 41.73 24.26 0.89
C THR A 791 40.27 24.61 0.55
N LEU A 792 39.35 24.10 1.37
CA LEU A 792 37.90 24.31 1.27
C LEU A 792 37.35 24.85 2.59
N PRO A 793 36.82 26.08 2.60
CA PRO A 793 36.22 26.55 3.86
C PRO A 793 34.95 25.76 4.19
N VAL A 794 34.92 25.10 5.34
CA VAL A 794 33.74 24.39 5.81
C VAL A 794 33.60 24.65 7.31
N PHE A 795 32.38 24.99 7.74
CA PHE A 795 32.11 25.36 9.10
C PHE A 795 30.95 24.62 9.68
N ALA A 796 31.01 24.32 10.96
CA ALA A 796 29.94 23.64 11.69
C ALA A 796 29.15 24.65 12.51
N LYS A 797 27.82 24.58 12.44
N LYS A 797 27.84 24.49 12.47
CA LYS A 797 26.97 25.51 13.16
CA LYS A 797 26.88 25.29 13.19
C LYS A 797 26.92 25.14 14.64
C LYS A 797 26.98 25.11 14.70
N ALA A 798 26.63 26.15 15.46
CA ALA A 798 26.54 26.02 16.90
C ALA A 798 25.55 24.93 17.29
N GLY A 799 25.95 24.02 18.18
CA GLY A 799 25.09 22.93 18.63
C GLY A 799 25.18 21.66 17.82
N ALA A 800 25.91 21.70 16.70
CA ALA A 800 26.06 20.54 15.81
C ALA A 800 26.55 19.27 16.51
N ILE A 801 25.93 18.15 16.13
CA ILE A 801 26.35 16.82 16.51
C ILE A 801 26.53 16.07 15.19
N ILE A 802 27.77 15.72 14.87
CA ILE A 802 28.12 15.21 13.55
C ILE A 802 28.74 13.82 13.63
N PRO A 803 28.00 12.78 13.16
CA PRO A 803 28.57 11.45 13.27
C PRO A 803 29.63 11.25 12.20
N MSE A 804 30.70 10.55 12.55
CA MSE A 804 31.86 10.34 11.71
C MSE A 804 32.35 8.93 11.88
O MSE A 804 32.14 8.32 12.93
CB MSE A 804 32.95 11.32 12.09
CG MSE A 804 32.58 12.77 11.81
SE MSE A 804 34.04 13.93 12.47
CE MSE A 804 33.19 15.67 12.06
N ASN A 805 33.02 8.42 10.86
CA ASN A 805 33.67 7.12 10.87
C ASN A 805 35.15 7.41 10.73
N MSE A 806 35.91 7.28 11.84
N MSE A 806 35.91 7.26 11.83
CA MSE A 806 37.31 7.67 11.91
CA MSE A 806 37.31 7.66 11.86
C MSE A 806 38.22 6.47 12.04
C MSE A 806 38.22 6.47 12.05
O MSE A 806 37.81 5.39 12.49
O MSE A 806 37.81 5.41 12.52
CB MSE A 806 37.52 8.52 13.15
CB MSE A 806 37.44 8.66 13.00
CG MSE A 806 36.72 9.82 13.16
CG MSE A 806 36.44 9.80 12.79
SE MSE A 806 37.18 11.00 11.63
SE MSE A 806 37.07 11.50 13.58
CE MSE A 806 37.44 12.71 12.59
CE MSE A 806 37.65 12.30 11.89
N THR A 807 39.49 6.67 11.68
CA THR A 807 40.56 5.71 11.93
C THR A 807 41.06 5.94 13.36
N ASP A 808 42.00 5.12 13.82
CA ASP A 808 42.68 5.38 15.07
C ASP A 808 43.46 6.72 15.11
N GLY A 809 43.65 7.37 13.95
CA GLY A 809 44.23 8.70 13.90
C GLY A 809 43.28 9.81 14.32
N TYR A 810 41.98 9.58 14.17
CA TYR A 810 40.91 10.48 14.65
C TYR A 810 40.90 11.90 14.03
N GLN A 811 41.50 12.05 12.84
CA GLN A 811 41.47 13.32 12.08
C GLN A 811 40.69 13.17 10.78
N LEU A 812 40.04 14.26 10.37
CA LEU A 812 39.44 14.30 9.03
C LEU A 812 40.49 14.11 7.93
N GLY A 813 40.12 13.35 6.90
CA GLY A 813 40.95 13.12 5.75
C GLY A 813 41.90 11.95 5.90
N GLN A 814 41.60 11.04 6.85
CA GLN A 814 42.33 9.78 6.98
C GLN A 814 41.48 8.64 6.48
N ASN A 815 42.08 7.76 5.68
CA ASN A 815 41.37 6.78 4.89
C ASN A 815 40.82 5.62 5.72
N VAL A 816 39.50 5.57 5.82
CA VAL A 816 38.80 4.57 6.58
C VAL A 816 38.36 3.42 5.67
N GLY A 817 38.60 3.56 4.37
CA GLY A 817 38.22 2.57 3.36
C GLY A 817 36.82 2.80 2.82
N ASN A 818 36.19 1.74 2.33
CA ASN A 818 34.84 1.82 1.76
C ASN A 818 33.93 0.71 2.29
N ASP A 819 34.20 0.23 3.50
CA ASP A 819 33.32 -0.77 4.12
C ASP A 819 32.02 -0.04 4.44
N LEU A 820 30.92 -0.56 3.93
CA LEU A 820 29.60 0.00 4.22
C LEU A 820 28.83 -0.74 5.29
N LYS A 821 29.39 -1.83 5.81
CA LYS A 821 28.65 -2.69 6.73
C LYS A 821 29.22 -2.71 8.15
N SER A 822 30.21 -1.87 8.42
CA SER A 822 30.75 -1.69 9.77
C SER A 822 31.42 -0.33 9.88
N TYR A 823 31.62 0.11 11.11
CA TYR A 823 32.40 1.30 11.38
C TYR A 823 33.78 0.88 11.84
N ASP A 824 34.71 1.80 11.70
CA ASP A 824 36.02 1.69 12.28
C ASP A 824 35.89 2.29 13.70
N ASN A 825 36.12 3.58 13.89
CA ASN A 825 35.79 4.25 15.13
C ASN A 825 34.62 5.21 14.92
N LEU A 826 33.43 4.78 15.34
CA LEU A 826 32.25 5.60 15.21
C LEU A 826 32.42 6.75 16.21
N THR A 827 32.25 7.96 15.70
CA THR A 827 32.64 9.14 16.42
C THR A 827 31.54 10.16 16.30
N PHE A 828 31.29 10.93 17.35
CA PHE A 828 30.36 12.09 17.27
C PHE A 828 31.09 13.39 17.62
N ARG A 829 31.26 14.25 16.62
CA ARG A 829 31.87 15.57 16.76
C ARG A 829 30.79 16.52 17.26
N VAL A 830 31.07 17.22 18.38
CA VAL A 830 30.07 18.06 19.05
C VAL A 830 30.62 19.46 19.27
N TYR A 831 29.84 20.47 18.88
CA TYR A 831 30.13 21.88 19.13
C TYR A 831 29.07 22.37 20.12
N PRO A 832 29.35 22.27 21.44
CA PRO A 832 28.29 22.50 22.45
C PRO A 832 27.80 23.94 22.45
N SER A 833 26.49 24.08 22.44
CA SER A 833 25.85 25.38 22.48
C SER A 833 24.39 25.17 22.90
N GLY A 834 24.08 25.52 24.13
CA GLY A 834 22.78 25.22 24.71
C GLY A 834 22.45 23.72 24.66
N ASP A 835 21.18 23.42 24.45
CA ASP A 835 20.69 22.05 24.37
C ASP A 835 20.50 21.72 22.91
N SER A 836 21.21 20.71 22.44
CA SER A 836 21.01 20.27 21.07
C SER A 836 20.75 18.77 21.04
N GLU A 837 20.20 18.31 19.92
CA GLU A 837 19.85 16.91 19.78
C GLU A 837 19.97 16.51 18.32
N TYR A 838 20.18 15.23 18.10
CA TYR A 838 20.37 14.71 16.76
C TYR A 838 19.90 13.28 16.72
N SER A 839 19.22 12.91 15.64
N SER A 839 19.20 12.91 15.66
CA SER A 839 18.76 11.54 15.42
CA SER A 839 18.79 11.53 15.44
C SER A 839 19.66 10.89 14.36
C SER A 839 19.67 10.90 14.36
N PHE A 840 20.57 10.03 14.79
CA PHE A 840 21.52 9.35 13.90
C PHE A 840 20.89 8.11 13.26
N TYR A 841 20.99 7.98 11.94
CA TYR A 841 20.53 6.78 11.23
C TYR A 841 21.63 5.71 11.24
N ASP A 842 21.51 4.75 12.15
CA ASP A 842 22.53 3.74 12.32
C ASP A 842 22.22 2.58 11.37
N ASP A 843 22.54 2.80 10.09
CA ASP A 843 22.24 1.82 9.04
C ASP A 843 23.04 0.53 9.18
N VAL A 844 24.25 0.64 9.72
CA VAL A 844 25.12 -0.53 10.01
C VAL A 844 24.43 -1.54 10.96
N ASN A 845 23.61 -1.03 11.89
CA ASN A 845 22.94 -1.87 12.90
C ASN A 845 21.42 -1.81 12.72
N GLY A 846 20.98 -2.27 11.56
CA GLY A 846 19.56 -2.48 11.28
C GLY A 846 18.73 -1.23 11.08
N GLY A 847 19.38 -0.08 10.89
CA GLY A 847 18.67 1.15 10.63
C GLY A 847 18.01 1.78 11.83
N GLU A 848 18.45 1.42 13.03
CA GLU A 848 17.95 2.03 14.25
C GLU A 848 18.29 3.52 14.31
N MSE A 849 17.32 4.34 14.70
CA MSE A 849 17.58 5.78 14.92
C MSE A 849 18.13 5.89 16.33
O MSE A 849 17.52 5.38 17.27
CB MSE A 849 16.32 6.64 14.81
CG MSE A 849 15.58 6.53 13.47
SE MSE A 849 16.73 6.94 11.90
CE MSE A 849 17.23 8.79 12.30
N ARG A 850 19.28 6.53 16.47
CA ARG A 850 19.94 6.74 17.76
C ARG A 850 19.82 8.20 18.15
N ASP A 851 19.02 8.47 19.18
CA ASP A 851 18.72 9.85 19.61
C ASP A 851 19.75 10.32 20.61
N ILE A 852 20.61 11.24 20.19
CA ILE A 852 21.71 11.75 21.02
C ILE A 852 21.41 13.20 21.40
N SER A 853 21.67 13.56 22.65
N SER A 853 21.69 13.54 22.65
CA SER A 853 21.47 14.95 23.06
CA SER A 853 21.46 14.90 23.15
C SER A 853 22.63 15.44 23.89
C SER A 853 22.73 15.42 23.79
N VAL A 854 22.89 16.73 23.76
CA VAL A 854 24.00 17.40 24.43
C VAL A 854 23.39 18.59 25.16
N SER A 855 23.78 18.76 26.41
CA SER A 855 23.41 19.93 27.21
C SER A 855 24.68 20.68 27.63
N GLU A 856 24.88 21.84 27.03
CA GLU A 856 26.03 22.72 27.30
C GLU A 856 25.70 23.60 28.50
N ASP A 857 26.57 23.58 29.51
CA ASP A 857 26.40 24.38 30.72
C ASP A 857 27.76 24.96 31.12
N PHE A 858 28.37 25.69 30.20
CA PHE A 858 29.67 26.31 30.48
C PHE A 858 29.62 27.28 31.66
N ALA A 859 28.46 27.86 31.98
CA ALA A 859 28.33 28.71 33.20
C ALA A 859 28.74 27.96 34.46
N ASN A 860 28.48 26.65 34.49
CA ASN A 860 28.91 25.76 35.56
C ASN A 860 30.05 24.83 35.17
N GLU A 861 30.77 25.20 34.11
CA GLU A 861 31.92 24.45 33.59
C GLU A 861 31.62 22.98 33.28
N LYS A 862 30.45 22.74 32.67
N LYS A 862 30.48 22.75 32.62
CA LYS A 862 30.00 21.39 32.36
CA LYS A 862 29.94 21.41 32.39
C LYS A 862 29.40 21.26 30.97
C LYS A 862 29.38 21.25 30.99
N VAL A 863 29.62 20.09 30.37
CA VAL A 863 28.92 19.68 29.14
C VAL A 863 28.48 18.25 29.40
N SER A 864 27.21 17.97 29.15
CA SER A 864 26.66 16.65 29.38
C SER A 864 26.18 16.06 28.07
N VAL A 865 26.41 14.76 27.86
CA VAL A 865 25.98 14.07 26.64
C VAL A 865 25.13 12.88 27.06
N ASP A 866 23.90 12.79 26.54
N ASP A 866 23.89 12.81 26.56
CA ASP A 866 23.04 11.65 26.80
CA ASP A 866 23.02 11.65 26.75
C ASP A 866 23.15 10.73 25.58
C ASP A 866 23.21 10.76 25.54
N LEU A 867 23.93 9.66 25.76
CA LEU A 867 24.23 8.72 24.70
C LEU A 867 23.18 7.62 24.78
N PRO A 868 22.49 7.35 23.65
CA PRO A 868 21.53 6.27 23.67
C PRO A 868 22.24 4.92 23.68
N ALA A 869 21.48 3.86 23.85
CA ALA A 869 21.96 2.51 23.64
C ALA A 869 22.60 2.45 22.26
N MSE A 870 23.79 1.88 22.17
CA MSE A 870 24.48 1.73 20.90
C MSE A 870 24.96 0.31 20.80
O MSE A 870 25.17 -0.36 21.81
CB MSE A 870 25.70 2.62 20.74
CG MSE A 870 25.49 4.08 21.09
SE MSE A 870 24.49 4.96 19.63
CE MSE A 870 25.95 5.04 18.32
N ALA A 871 25.17 -0.13 19.56
CA ALA A 871 25.72 -1.42 19.26
C ALA A 871 27.25 -1.40 19.17
N ASP A 872 27.84 -0.20 19.09
CA ASP A 872 29.28 -0.04 18.89
C ASP A 872 29.89 0.82 19.98
N GLU A 873 31.17 0.61 20.22
CA GLU A 873 31.99 1.57 20.92
C GLU A 873 31.85 2.93 20.22
N THR A 874 31.76 3.99 21.00
CA THR A 874 31.64 5.35 20.47
C THR A 874 32.70 6.27 21.06
N THR A 875 33.15 7.21 20.24
CA THR A 875 34.04 8.27 20.68
C THR A 875 33.36 9.64 20.47
N MSE A 876 33.19 10.41 21.53
CA MSE A 876 32.75 11.80 21.40
C MSE A 876 33.97 12.63 21.10
O MSE A 876 35.02 12.33 21.65
CB MSE A 876 32.18 12.30 22.72
CG MSE A 876 31.08 11.42 23.32
SE MSE A 876 29.57 11.15 22.11
CE MSE A 876 29.16 13.02 21.67
N GLN A 877 33.87 13.63 20.23
CA GLN A 877 34.91 14.68 20.11
C GLN A 877 34.23 16.02 20.42
N VAL A 878 34.42 16.52 21.64
CA VAL A 878 33.71 17.71 22.13
C VAL A 878 34.65 18.91 22.06
N PHE A 879 34.22 19.92 21.32
CA PHE A 879 34.96 21.17 21.18
C PHE A 879 34.83 21.89 22.52
N SER A 880 35.94 21.98 23.23
CA SER A 880 35.98 22.54 24.58
C SER A 880 37.44 22.74 25.00
N THR A 881 37.64 23.32 26.19
CA THR A 881 38.92 23.24 26.87
C THR A 881 39.03 21.85 27.53
N GLU A 882 40.23 21.54 28.01
CA GLU A 882 40.49 20.22 28.60
C GLU A 882 39.73 20.03 29.91
N PRO A 883 38.95 18.95 30.03
CA PRO A 883 38.20 18.76 31.27
C PRO A 883 39.14 18.49 32.44
N THR A 884 38.68 18.75 33.65
CA THR A 884 39.42 18.31 34.85
C THR A 884 38.98 16.89 35.24
N SER A 885 37.77 16.50 34.84
CA SER A 885 37.33 15.11 34.95
C SER A 885 36.18 14.81 33.99
N VAL A 886 35.96 13.52 33.75
CA VAL A 886 34.86 13.04 32.92
C VAL A 886 34.25 11.82 33.62
N THR A 887 32.93 11.76 33.66
CA THR A 887 32.26 10.60 34.22
C THR A 887 31.32 10.01 33.18
N ILE A 888 31.11 8.71 33.28
CA ILE A 888 30.10 8.00 32.51
C ILE A 888 29.22 7.26 33.50
N ASP A 889 27.95 7.63 33.55
CA ASP A 889 27.00 7.14 34.57
C ASP A 889 27.53 7.34 35.99
N GLY A 890 28.21 8.46 36.22
CA GLY A 890 28.76 8.77 37.53
C GLY A 890 30.14 8.19 37.82
N ALA A 891 30.60 7.26 36.99
CA ALA A 891 31.87 6.59 37.18
C ALA A 891 32.98 7.38 36.52
N ASP A 892 34.04 7.63 37.26
CA ASP A 892 35.22 8.33 36.74
C ASP A 892 35.81 7.59 35.54
N VAL A 893 36.18 8.31 34.48
CA VAL A 893 36.97 7.70 33.39
C VAL A 893 38.33 8.37 33.27
N ALA A 894 39.36 7.57 33.15
CA ALA A 894 40.73 8.06 33.33
C ALA A 894 41.19 8.80 32.10
N LYS A 895 41.99 9.85 32.33
CA LYS A 895 42.66 10.57 31.28
C LYS A 895 43.74 9.70 30.65
N ALA A 896 43.74 9.64 29.33
CA ALA A 896 44.82 9.05 28.57
C ALA A 896 45.75 10.18 28.16
N ASP A 897 47.04 10.01 28.40
CA ASP A 897 48.00 11.08 28.13
C ASP A 897 48.32 11.25 26.65
N THR A 898 48.21 10.16 25.89
CA THR A 898 48.52 10.12 24.48
C THR A 898 47.42 9.46 23.68
N LEU A 899 47.43 9.72 22.37
CA LEU A 899 46.47 9.10 21.45
C LEU A 899 46.59 7.56 21.47
N ASP A 900 47.82 7.04 21.50
CA ASP A 900 48.05 5.59 21.62
C ASP A 900 47.37 5.01 22.85
N ALA A 901 47.52 5.67 23.99
CA ALA A 901 46.89 5.23 25.25
C ALA A 901 45.36 5.27 25.16
N PHE A 902 44.84 6.30 24.52
CA PHE A 902 43.39 6.43 24.29
C PHE A 902 42.87 5.24 23.47
N ASN A 903 43.56 4.91 22.38
CA ASN A 903 43.16 3.79 21.53
C ASN A 903 43.23 2.42 22.25
N GLU A 904 44.18 2.24 23.16
CA GLU A 904 44.26 1.01 23.98
C GLU A 904 43.16 0.91 25.05
N ALA A 905 42.74 2.06 25.59
CA ALA A 905 41.78 2.08 26.68
C ALA A 905 40.42 1.56 26.22
N THR A 906 39.67 0.99 27.16
CA THR A 906 38.29 0.57 26.94
C THR A 906 37.32 1.76 27.08
N THR A 907 37.55 2.57 28.12
CA THR A 907 36.93 3.87 28.28
C THR A 907 38.01 4.84 28.72
N GLY A 908 37.79 6.12 28.48
CA GLY A 908 38.78 7.12 28.82
C GLY A 908 38.50 8.42 28.09
N TYR A 909 39.31 9.41 28.41
CA TYR A 909 39.28 10.65 27.66
C TYR A 909 40.68 11.10 27.30
N TYR A 910 40.77 11.92 26.27
CA TYR A 910 42.03 12.42 25.76
C TYR A 910 41.75 13.81 25.22
N TYR A 911 42.69 14.73 25.41
CA TYR A 911 42.54 16.08 24.89
C TYR A 911 43.50 16.32 23.72
N ASP A 912 42.91 16.65 22.58
CA ASP A 912 43.62 16.97 21.36
C ASP A 912 43.90 18.46 21.40
N THR A 913 45.16 18.84 21.68
CA THR A 913 45.49 20.26 21.93
C THR A 913 45.46 21.10 20.64
N VAL A 914 45.69 20.44 19.51
CA VAL A 914 45.72 21.12 18.23
C VAL A 914 44.32 21.54 17.82
N GLN A 915 43.35 20.63 17.99
CA GLN A 915 41.96 20.84 17.56
C GLN A 915 41.06 21.36 18.68
N ASN A 916 41.59 21.42 19.90
CA ASN A 916 40.81 21.71 21.09
C ASN A 916 39.57 20.83 21.18
N LEU A 917 39.81 19.52 21.10
CA LEU A 917 38.74 18.52 21.17
C LEU A 917 39.01 17.56 22.31
N THR A 918 37.98 17.34 23.12
CA THR A 918 38.01 16.32 24.15
C THR A 918 37.42 15.05 23.56
N TYR A 919 38.22 13.99 23.48
CA TYR A 919 37.74 12.68 23.03
C TYR A 919 37.26 11.90 24.25
N VAL A 920 36.07 11.30 24.18
CA VAL A 920 35.57 10.51 25.28
C VAL A 920 35.10 9.18 24.70
N LYS A 921 35.67 8.09 25.19
CA LYS A 921 35.34 6.75 24.69
C LYS A 921 34.42 6.05 25.68
N ALA A 922 33.30 5.55 25.14
CA ALA A 922 32.28 4.81 25.88
C ALA A 922 32.10 3.45 25.22
N ALA A 923 31.90 2.43 26.05
CA ALA A 923 31.65 1.09 25.57
C ALA A 923 30.26 0.98 24.96
N ALA A 924 30.06 0.01 24.07
CA ALA A 924 28.72 -0.37 23.62
C ALA A 924 27.93 -0.87 24.80
N LYS A 925 26.67 -0.47 24.91
CA LYS A 925 25.84 -0.88 26.04
C LYS A 925 24.40 -0.83 25.57
N ASP A 926 23.58 -1.75 26.06
CA ASP A 926 22.19 -1.78 25.64
C ASP A 926 21.36 -0.96 26.62
N ALA A 927 21.79 0.27 26.85
CA ALA A 927 21.17 1.17 27.80
C ALA A 927 21.80 2.53 27.60
N LYS A 928 21.04 3.58 27.89
CA LYS A 928 21.54 4.95 27.84
C LYS A 928 22.77 5.10 28.76
N GLN A 929 23.71 5.95 28.38
CA GLN A 929 24.85 6.31 29.21
C GLN A 929 24.96 7.82 29.31
N ALA A 930 25.03 8.35 30.54
CA ALA A 930 25.18 9.77 30.79
C ALA A 930 26.67 10.12 30.92
N ILE A 931 27.19 10.86 29.93
CA ILE A 931 28.55 11.35 29.93
C ILE A 931 28.54 12.78 30.42
N VAL A 932 29.44 13.10 31.33
CA VAL A 932 29.56 14.47 31.84
C VAL A 932 31.04 14.87 31.81
N LEU A 933 31.31 16.01 31.21
CA LEU A 933 32.63 16.62 31.19
C LEU A 933 32.62 17.77 32.22
N ASN A 934 33.54 17.71 33.19
CA ASN A 934 33.60 18.66 34.31
C ASN A 934 34.79 19.59 34.16
N GLY A 935 34.69 20.80 34.71
CA GLY A 935 35.76 21.78 34.63
C GLY A 935 36.08 22.26 33.23
N VAL A 936 35.10 22.19 32.34
CA VAL A 936 35.32 22.55 30.91
C VAL A 936 34.76 23.94 30.63
N ASN A 937 35.39 24.63 29.70
CA ASN A 937 34.91 25.87 29.15
C ASN A 937 34.83 25.83 27.65
N HIS A 938 34.19 26.85 27.09
CA HIS A 938 34.21 27.02 25.65
C HIS A 938 35.64 26.89 25.17
N ALA A 939 35.84 26.23 24.02
CA ALA A 939 37.17 26.05 23.48
C ALA A 939 37.90 27.40 23.36
N PRO A 940 39.23 27.37 23.48
CA PRO A 940 40.00 28.60 23.35
C PRO A 940 39.82 29.28 22.01
N TYR A 941 39.98 30.59 22.04
CA TYR A 941 40.14 31.40 20.86
C TYR A 941 41.64 31.52 20.62
N GLU A 942 42.14 30.78 19.61
CA GLU A 942 43.59 30.77 19.34
C GLU A 942 44.08 32.12 18.81
N ALA A 943 45.14 32.65 19.41
CA ALA A 943 45.72 33.92 18.97
C ALA A 943 46.15 33.84 17.50
N GLU A 944 46.70 32.70 17.14
CA GLU A 944 47.14 32.40 15.78
C GLU A 944 46.00 32.47 14.74
N PHE A 945 44.74 32.30 15.17
CA PHE A 945 43.57 32.45 14.27
C PHE A 945 42.91 33.83 14.35
N GLY A 946 43.49 34.74 15.13
CA GLY A 946 42.97 36.09 15.26
C GLY A 946 43.29 36.94 14.04
N HIS A 947 42.69 38.12 14.01
CA HIS A 947 43.05 39.11 13.02
C HIS A 947 44.33 39.77 13.47
N LEU A 948 45.41 39.53 12.71
CA LEU A 948 46.75 39.97 13.10
C LEU A 948 47.19 41.21 12.32
N THR A 949 47.77 42.18 13.03
CA THR A 949 48.34 43.36 12.41
C THR A 949 49.80 43.44 12.79
N ASN A 950 50.68 43.31 11.78
CA ASN A 950 52.13 43.51 11.96
C ASN A 950 52.78 42.54 12.97
N VAL A 951 52.22 41.35 13.04
CA VAL A 951 52.71 40.33 13.94
C VAL A 951 52.53 38.98 13.25
N THR A 952 53.39 38.02 13.58
CA THR A 952 53.37 36.71 12.95
C THR A 952 53.33 35.62 14.00
N THR A 953 53.19 34.39 13.52
CA THR A 953 53.04 33.22 14.35
C THR A 953 54.31 32.37 14.38
N ALA A 954 54.42 31.54 15.41
CA ALA A 954 55.47 30.52 15.50
C ALA A 954 54.96 29.33 16.28
N SER A 955 55.79 28.29 16.35
CA SER A 955 55.45 27.08 17.09
C SER A 955 56.67 26.34 17.65
N ASP A 956 57.71 27.11 18.00
CA ASP A 956 59.02 26.54 18.35
C ASP A 956 59.23 26.34 19.86
N HIS A 957 58.21 26.61 20.67
CA HIS A 957 58.18 26.24 22.08
C HIS A 957 56.93 25.41 22.31
N ALA A 958 57.10 24.20 22.81
CA ALA A 958 56.00 23.25 22.97
C ALA A 958 55.01 23.65 24.04
N GLY A 959 53.81 23.09 23.95
CA GLY A 959 52.78 23.21 24.99
C GLY A 959 51.66 24.18 24.70
N TYR A 960 51.75 24.90 23.57
CA TYR A 960 50.65 25.72 23.06
C TYR A 960 49.44 24.88 22.67
N THR A 961 48.27 25.51 22.69
CA THR A 961 47.10 24.93 22.04
C THR A 961 47.02 25.47 20.61
N GLY A 962 46.21 24.78 19.80
CA GLY A 962 46.08 25.11 18.39
C GLY A 962 47.34 24.71 17.68
N THR A 963 47.69 25.47 16.65
CA THR A 963 48.85 25.19 15.79
C THR A 963 50.10 25.99 16.18
N GLY A 964 49.97 26.89 17.15
CA GLY A 964 51.10 27.68 17.60
C GLY A 964 50.70 28.84 18.48
N PHE A 965 51.37 29.98 18.29
CA PHE A 965 51.14 31.17 19.10
C PHE A 965 51.57 32.39 18.30
N VAL A 966 51.18 33.57 18.76
CA VAL A 966 51.65 34.81 18.17
C VAL A 966 52.96 35.14 18.88
N ALA A 967 53.99 35.39 18.07
CA ALA A 967 55.39 35.49 18.57
C ALA A 967 55.85 36.93 18.81
N GLY A 968 56.32 37.23 20.02
CA GLY A 968 56.94 38.53 20.32
C GLY A 968 55.94 39.63 20.64
N PHE A 969 55.25 40.10 19.61
CA PHE A 969 54.13 41.01 19.79
C PHE A 969 54.55 42.21 20.61
N ASP A 970 55.66 42.82 20.25
CA ASP A 970 56.36 43.73 21.15
C ASP A 970 56.75 45.07 20.53
N ALA A 971 55.97 45.55 19.57
CA ALA A 971 56.21 46.88 19.02
C ALA A 971 54.88 47.60 18.80
N GLU A 972 54.94 48.93 18.78
CA GLU A 972 53.74 49.71 18.54
C GLU A 972 53.16 49.41 17.16
N LYS A 973 51.84 49.57 17.06
CA LYS A 973 51.05 49.28 15.87
C LYS A 973 50.92 47.78 15.57
N GLU A 974 51.29 46.94 16.52
CA GLU A 974 51.03 45.51 16.41
C GLU A 974 49.77 45.25 17.21
N ALA A 975 48.93 44.37 16.68
CA ALA A 975 47.67 44.05 17.35
C ALA A 975 47.22 42.64 16.99
N VAL A 976 46.39 42.10 17.90
CA VAL A 976 45.73 40.81 17.71
C VAL A 976 44.30 41.04 18.11
N GLU A 977 43.39 40.89 17.16
CA GLU A 977 41.97 41.13 17.39
C GLU A 977 41.21 39.83 17.37
N PHE A 978 40.32 39.66 18.34
CA PHE A 978 39.45 38.50 18.43
C PHE A 978 38.00 38.95 18.30
N ASP A 979 37.21 38.15 17.58
CA ASP A 979 35.76 38.26 17.59
C ASP A 979 35.25 37.15 18.51
N ILE A 980 34.71 37.53 19.67
CA ILE A 980 34.42 36.57 20.72
C ILE A 980 32.95 36.60 21.08
N ASP A 981 32.35 35.41 21.14
CA ASP A 981 30.96 35.29 21.58
C ASP A 981 30.85 35.22 23.09
N ALA A 982 29.84 35.92 23.61
CA ALA A 982 29.50 35.79 25.01
C ALA A 982 28.92 34.39 25.17
N VAL A 983 29.66 33.55 25.89
CA VAL A 983 29.36 32.12 25.97
C VAL A 983 27.94 31.90 26.40
N ASP A 984 27.52 32.57 27.47
CA ASP A 984 26.18 32.37 28.04
C ASP A 984 25.44 33.70 28.27
N GLY A 985 25.47 34.57 27.24
CA GLY A 985 24.76 35.83 27.26
C GLY A 985 25.54 36.99 27.87
N ALA A 986 24.91 38.16 27.88
CA ALA A 986 25.55 39.37 28.40
C ALA A 986 25.84 39.17 29.89
N SER A 987 27.08 39.43 30.27
CA SER A 987 27.53 39.14 31.62
C SER A 987 28.96 39.63 31.79
N ASP A 988 29.38 39.76 33.04
CA ASP A 988 30.80 39.78 33.35
C ASP A 988 31.36 38.38 33.14
N TYR A 989 32.59 38.30 32.64
CA TYR A 989 33.31 37.04 32.44
C TYR A 989 34.74 37.22 32.89
N THR A 990 35.45 36.11 32.97
CA THR A 990 36.88 36.11 33.18
C THR A 990 37.51 35.68 31.87
N MSE A 991 38.44 36.49 31.36
CA MSE A 991 39.19 36.12 30.17
C MSE A 991 40.53 35.57 30.62
O MSE A 991 41.33 36.29 31.23
CB MSE A 991 39.30 37.32 29.24
CG MSE A 991 40.17 36.98 28.02
SE MSE A 991 40.13 38.45 26.71
CE MSE A 991 41.09 39.76 27.80
N GLU A 992 40.78 34.30 30.36
CA GLU A 992 42.10 33.72 30.58
C GLU A 992 42.99 34.10 29.42
N VAL A 993 44.17 34.63 29.68
CA VAL A 993 45.15 34.96 28.65
C VAL A 993 46.34 34.05 28.87
N ARG A 994 46.62 33.15 27.92
CA ARG A 994 47.72 32.19 28.07
C ARG A 994 48.87 32.66 27.21
N TYR A 995 50.05 32.74 27.83
CA TYR A 995 51.21 33.39 27.24
C TYR A 995 52.49 32.81 27.87
N SER A 996 53.61 33.16 27.26
CA SER A 996 54.92 32.94 27.84
C SER A 996 55.68 34.26 27.78
N ALA A 997 56.50 34.52 28.79
CA ALA A 997 57.30 35.75 28.92
C ALA A 997 58.60 35.39 29.63
N GLY A 998 59.48 34.74 28.89
CA GLY A 998 60.66 34.11 29.44
C GLY A 998 61.78 35.01 29.90
N VAL A 999 61.74 36.29 29.55
CA VAL A 999 62.82 37.24 29.90
C VAL A 999 62.42 38.17 31.04
N GLU A 1000 61.22 38.72 30.99
CA GLU A 1000 60.82 39.75 31.95
C GLU A 1000 59.30 39.97 31.97
N ASP A 1001 58.81 40.59 33.04
CA ASP A 1001 57.39 40.97 33.16
C ASP A 1001 56.95 41.79 31.95
N ALA A 1002 55.75 41.52 31.47
CA ALA A 1002 55.23 42.19 30.28
C ALA A 1002 53.90 42.85 30.60
N THR A 1003 53.51 43.80 29.75
CA THR A 1003 52.15 44.37 29.79
C THR A 1003 51.65 44.53 28.37
N ARG A 1004 50.34 44.42 28.22
CA ARG A 1004 49.68 44.71 26.96
C ARG A 1004 48.41 45.46 27.27
N THR A 1005 47.88 46.11 26.26
CA THR A 1005 46.63 46.87 26.38
C THR A 1005 45.53 46.06 25.70
N VAL A 1006 44.34 46.00 26.31
N VAL A 1006 44.35 45.98 26.32
CA VAL A 1006 43.21 45.33 25.67
CA VAL A 1006 43.21 45.32 25.68
C VAL A 1006 42.00 46.27 25.64
C VAL A 1006 42.02 46.27 25.64
N TYR A 1007 41.24 46.20 24.55
CA TYR A 1007 39.99 46.91 24.42
C TYR A 1007 38.88 45.90 24.28
N ILE A 1008 37.84 46.03 25.10
CA ILE A 1008 36.68 45.16 25.07
C ILE A 1008 35.54 46.03 24.58
N ASN A 1009 35.13 45.84 23.33
CA ASN A 1009 34.12 46.72 22.70
C ASN A 1009 34.45 48.19 22.95
N GLY A 1010 35.72 48.54 22.74
CA GLY A 1010 36.18 49.92 22.93
C GLY A 1010 36.62 50.33 24.32
N LYS A 1011 36.38 49.49 25.34
CA LYS A 1011 36.73 49.84 26.72
C LYS A 1011 38.12 49.33 27.04
N LYS A 1012 39.00 50.25 27.41
CA LYS A 1012 40.43 49.98 27.58
C LYS A 1012 40.83 49.51 28.98
N GLN A 1013 41.76 48.58 29.05
CA GLN A 1013 42.47 48.27 30.30
C GLN A 1013 43.86 47.76 29.94
N GLN A 1014 44.80 47.87 30.88
CA GLN A 1014 46.14 47.32 30.69
C GLN A 1014 46.24 46.07 31.54
N ILE A 1015 46.87 45.03 31.00
CA ILE A 1015 47.01 43.75 31.71
C ILE A 1015 48.48 43.51 31.97
N THR A 1016 48.77 42.87 33.11
CA THR A 1016 50.12 42.57 33.57
C THR A 1016 50.31 41.08 33.37
N LEU A 1017 51.40 40.74 32.68
CA LEU A 1017 51.74 39.38 32.33
C LEU A 1017 53.09 39.02 32.98
N PRO A 1018 53.06 38.48 34.22
CA PRO A 1018 54.32 38.25 34.92
C PRO A 1018 55.26 37.32 34.15
N LYS A 1019 56.56 37.52 34.36
CA LYS A 1019 57.60 36.69 33.77
C LYS A 1019 57.31 35.20 34.01
N THR A 1020 57.60 34.38 33.02
CA THR A 1020 57.61 32.92 33.17
C THR A 1020 59.06 32.47 33.28
N ALA A 1021 59.26 31.30 33.88
CA ALA A 1021 60.62 30.77 34.15
C ALA A 1021 61.50 30.79 32.92
N ASN A 1022 60.90 30.48 31.78
CA ASN A 1022 61.57 30.43 30.49
C ASN A 1022 60.50 30.42 29.38
N TRP A 1023 60.94 30.44 28.11
CA TRP A 1023 60.02 30.46 26.98
C TRP A 1023 59.30 29.13 26.71
N ASP A 1024 59.71 28.07 27.41
CA ASP A 1024 59.02 26.78 27.38
C ASP A 1024 58.03 26.60 28.54
N THR A 1025 57.76 27.67 29.27
CA THR A 1025 56.80 27.65 30.36
C THR A 1025 55.68 28.64 30.01
N TRP A 1026 54.44 28.16 30.09
CA TRP A 1026 53.24 28.93 29.82
C TRP A 1026 52.59 29.30 31.15
N ASN A 1027 51.94 30.46 31.19
CA ASN A 1027 51.18 30.88 32.34
C ASN A 1027 49.87 31.48 31.84
N THR A 1028 48.88 31.52 32.73
CA THR A 1028 47.58 32.10 32.41
C THR A 1028 47.28 33.22 33.41
N VAL A 1029 46.91 34.41 32.92
N VAL A 1029 46.88 34.39 32.89
CA VAL A 1029 46.42 35.48 33.77
CA VAL A 1029 46.44 35.53 33.68
C VAL A 1029 44.94 35.69 33.48
C VAL A 1029 44.94 35.73 33.46
N GLU A 1030 44.20 35.97 34.55
CA GLU A 1030 42.74 36.12 34.48
C GLU A 1030 42.40 37.60 34.44
N VAL A 1031 41.66 38.02 33.42
CA VAL A 1031 41.34 39.44 33.18
C VAL A 1031 39.82 39.59 33.26
N PRO A 1032 39.32 40.48 34.13
CA PRO A 1032 37.85 40.65 34.15
C PRO A 1032 37.40 41.45 32.94
N VAL A 1033 36.39 40.94 32.24
CA VAL A 1033 35.80 41.61 31.10
C VAL A 1033 34.30 41.62 31.24
N THR A 1034 33.66 42.51 30.49
CA THR A 1034 32.20 42.57 30.42
C THR A 1034 31.84 42.39 28.97
N LEU A 1035 31.06 41.34 28.67
CA LEU A 1035 30.67 41.02 27.31
C LEU A 1035 29.17 41.20 27.13
N GLN A 1036 28.79 41.71 25.96
CA GLN A 1036 27.40 41.81 25.56
C GLN A 1036 27.03 40.52 24.79
N ALA A 1037 25.74 40.31 24.58
CA ALA A 1037 25.21 39.16 23.84
C ALA A 1037 25.82 39.09 22.46
N GLY A 1038 26.13 37.89 21.99
CA GLY A 1038 26.67 37.71 20.64
C GLY A 1038 28.14 38.11 20.51
N ASN A 1039 28.48 38.77 19.40
CA ASN A 1039 29.86 39.02 19.03
C ASN A 1039 30.46 40.21 19.80
N ASN A 1040 31.66 40.05 20.34
CA ASN A 1040 32.36 41.11 21.05
C ASN A 1040 33.71 41.32 20.40
N GLN A 1041 34.09 42.57 20.20
CA GLN A 1041 35.38 42.92 19.65
C GLN A 1041 36.40 43.02 20.80
N VAL A 1042 37.40 42.13 20.78
CA VAL A 1042 38.42 42.09 21.82
C VAL A 1042 39.76 42.32 21.11
N VAL A 1043 40.37 43.47 21.36
CA VAL A 1043 41.59 43.88 20.66
C VAL A 1043 42.74 43.98 21.66
N PHE A 1044 43.79 43.21 21.44
CA PHE A 1044 45.03 43.32 22.18
C PHE A 1044 46.00 44.13 21.35
N ASP A 1045 46.67 45.10 21.96
CA ASP A 1045 47.78 45.71 21.27
C ASP A 1045 48.92 46.10 22.19
N PHE A 1046 50.00 46.54 21.58
CA PHE A 1046 51.17 46.99 22.27
C PHE A 1046 51.24 48.49 22.01
N GLU A 1047 51.10 49.28 23.05
CA GLU A 1047 51.09 50.73 22.96
C GLU A 1047 52.34 51.31 23.58
N ALA A 1048 52.46 52.64 23.56
CA ALA A 1048 53.66 53.30 24.05
C ALA A 1048 53.97 53.01 25.53
N ASP A 1049 52.95 52.73 26.35
CA ASP A 1049 53.19 52.42 27.78
C ASP A 1049 53.27 50.92 28.12
N ASP A 1050 53.36 50.08 27.09
CA ASP A 1050 53.51 48.64 27.28
C ASP A 1050 54.97 48.24 27.17
N THR A 1051 55.27 47.01 27.57
CA THR A 1051 56.65 46.57 27.62
C THR A 1051 56.84 45.07 27.42
N ALA A 1052 58.00 44.72 26.85
CA ALA A 1052 58.55 43.35 26.83
C ALA A 1052 57.87 42.40 25.83
N GLY A 1053 58.62 41.42 25.37
CA GLY A 1053 58.10 40.40 24.47
C GLY A 1053 57.33 39.30 25.17
N ILE A 1054 56.29 38.82 24.51
CA ILE A 1054 55.59 37.62 24.92
C ILE A 1054 55.36 36.70 23.72
N ASN A 1055 55.03 35.46 24.02
CA ASN A 1055 54.39 34.58 23.06
C ASN A 1055 52.98 34.41 23.53
N PHE A 1056 52.01 34.63 22.63
CA PHE A 1056 50.58 34.72 22.99
C PHE A 1056 49.88 33.50 22.40
N ASP A 1057 49.40 32.61 23.26
CA ASP A 1057 48.89 31.31 22.82
C ASP A 1057 47.42 31.33 22.41
N HIS A 1058 46.60 31.86 23.34
CA HIS A 1058 45.15 31.89 23.23
C HIS A 1058 44.48 32.72 24.31
N VAL A 1059 43.18 32.96 24.12
CA VAL A 1059 42.31 33.38 25.22
C VAL A 1059 41.19 32.38 25.42
N VAL A 1060 40.71 32.29 26.65
CA VAL A 1060 39.56 31.46 27.00
C VAL A 1060 38.62 32.38 27.76
N ILE A 1061 37.32 32.25 27.45
CA ILE A 1061 36.28 32.97 28.17
C ILE A 1061 35.56 31.99 29.09
N LYS A 1062 35.45 32.36 30.36
CA LYS A 1062 34.76 31.55 31.35
C LYS A 1062 33.98 32.44 32.31
N LYS A 1063 33.04 31.84 33.02
CA LYS A 1063 32.26 32.61 33.96
C LYS A 1063 33.18 33.04 35.12
N MSE B 4 -0.15 -25.35 59.05
CA MSE B 4 -0.81 -25.35 57.70
C MSE B 4 -1.65 -24.11 57.56
O MSE B 4 -2.28 -23.68 58.52
CB MSE B 4 -1.67 -26.61 57.50
CG MSE B 4 -2.06 -26.83 56.05
SE MSE B 4 -3.07 -28.51 55.85
CE MSE B 4 -1.59 -29.80 55.68
N ASP B 5 -1.66 -23.51 56.36
CA ASP B 5 -2.52 -22.38 56.05
C ASP B 5 -3.72 -22.77 55.22
N GLY B 6 -3.63 -23.85 54.44
CA GLY B 6 -4.82 -24.36 53.77
C GLY B 6 -4.67 -25.68 53.06
N GLU B 7 -5.82 -26.15 52.59
CA GLU B 7 -5.92 -27.36 51.77
C GLU B 7 -6.95 -27.04 50.67
N TYR B 8 -6.81 -27.69 49.53
CA TYR B 8 -7.80 -27.52 48.47
C TYR B 8 -7.85 -28.69 47.49
N HIS B 9 -9.08 -29.10 47.19
CA HIS B 9 -9.39 -30.01 46.12
C HIS B 9 -10.74 -29.57 45.54
N SER B 10 -10.85 -29.61 44.22
CA SER B 10 -12.12 -29.34 43.55
C SER B 10 -12.16 -30.25 42.35
N PRO B 11 -13.10 -31.21 42.34
CA PRO B 11 -12.95 -32.33 41.42
C PRO B 11 -12.94 -32.00 39.93
N TYR B 12 -13.69 -30.99 39.51
CA TYR B 12 -13.80 -30.65 38.08
C TYR B 12 -12.96 -29.48 37.65
N GLY B 13 -12.33 -28.79 38.61
CA GLY B 13 -11.53 -27.60 38.30
C GLY B 13 -12.40 -26.53 37.64
N ASP B 14 -11.92 -25.96 36.53
CA ASP B 14 -12.75 -25.07 35.70
C ASP B 14 -13.56 -25.82 34.64
N ASP B 15 -13.53 -27.14 34.66
CA ASP B 15 -14.22 -27.98 33.68
C ASP B 15 -13.69 -27.76 32.24
N ASP B 16 -12.44 -27.33 32.09
CA ASP B 16 -11.88 -27.05 30.77
C ASP B 16 -11.77 -28.37 30.00
N LEU B 17 -12.11 -28.36 28.72
CA LEU B 17 -12.00 -29.57 27.89
C LEU B 17 -10.54 -29.98 27.67
N TYR B 18 -9.66 -29.00 27.52
CA TYR B 18 -8.30 -29.24 27.02
C TYR B 18 -7.21 -29.38 28.10
N THR B 19 -7.44 -28.78 29.27
CA THR B 19 -6.48 -28.81 30.39
C THR B 19 -7.20 -29.19 31.67
N VAL B 20 -6.39 -29.45 32.69
CA VAL B 20 -6.87 -29.70 34.05
C VAL B 20 -6.18 -28.74 35.00
N GLN B 21 -6.91 -28.33 36.03
CA GLN B 21 -6.30 -27.70 37.18
C GLN B 21 -5.53 -28.79 37.95
N PRO B 22 -4.59 -28.39 38.82
CA PRO B 22 -3.76 -29.41 39.47
C PRO B 22 -4.36 -29.99 40.75
N THR B 23 -5.63 -29.70 41.02
CA THR B 23 -6.31 -30.19 42.21
C THR B 23 -7.65 -30.87 41.85
N GLU B 24 -7.66 -31.55 40.71
CA GLU B 24 -8.87 -32.23 40.20
C GLU B 24 -8.94 -33.72 40.57
N ARG B 25 -10.12 -34.28 40.33
CA ARG B 25 -10.34 -35.71 40.36
C ARG B 25 -10.13 -36.23 38.95
N SER B 26 -9.47 -37.39 38.84
CA SER B 26 -9.22 -38.03 37.57
C SER B 26 -9.60 -39.51 37.65
N PRO B 27 -10.49 -40.02 36.79
CA PRO B 27 -11.31 -39.23 35.85
C PRO B 27 -12.29 -38.33 36.56
N ARG B 28 -12.72 -37.27 35.87
CA ARG B 28 -13.71 -36.36 36.43
C ARG B 28 -14.99 -37.10 36.79
N ASP B 29 -15.46 -37.94 35.88
CA ASP B 29 -16.71 -38.71 36.03
C ASP B 29 -16.38 -40.20 35.86
N PRO B 30 -16.00 -40.87 36.96
CA PRO B 30 -15.53 -42.24 36.87
C PRO B 30 -16.57 -43.24 36.37
N LYS B 31 -16.09 -44.12 35.48
CA LYS B 31 -16.84 -45.28 35.03
C LYS B 31 -16.36 -46.53 35.77
N ALA B 32 -17.14 -47.60 35.65
CA ALA B 32 -16.82 -48.85 36.30
C ALA B 32 -15.42 -49.28 35.88
N GLY B 33 -14.64 -49.72 36.86
CA GLY B 33 -13.31 -50.27 36.57
C GLY B 33 -12.20 -49.25 36.43
N GLU B 34 -12.49 -47.96 36.60
CA GLU B 34 -11.50 -46.90 36.42
C GLU B 34 -10.95 -46.49 37.78
N ASP B 35 -9.63 -46.43 37.88
CA ASP B 35 -9.00 -46.05 39.13
C ASP B 35 -9.19 -44.55 39.36
N VAL B 36 -9.70 -44.18 40.54
CA VAL B 36 -10.01 -42.80 40.84
C VAL B 36 -8.93 -42.16 41.70
N ILE B 37 -8.30 -41.13 41.14
CA ILE B 37 -7.28 -40.35 41.80
C ILE B 37 -7.79 -38.97 42.17
N LEU B 38 -7.52 -38.57 43.42
CA LEU B 38 -7.81 -37.23 43.91
C LEU B 38 -6.51 -36.48 44.05
N ASN B 39 -6.36 -35.39 43.31
CA ASN B 39 -5.23 -34.48 43.42
C ASN B 39 -5.58 -33.36 44.38
N ILE B 40 -4.75 -33.20 45.42
CA ILE B 40 -5.04 -32.32 46.54
C ILE B 40 -3.86 -31.44 46.78
N THR B 41 -4.08 -30.18 47.10
CA THR B 41 -2.96 -29.32 47.46
C THR B 41 -3.00 -28.85 48.90
N THR B 42 -1.83 -28.63 49.49
CA THR B 42 -1.71 -27.97 50.80
C THR B 42 -0.68 -26.86 50.71
N TRP B 43 -0.76 -25.91 51.64
CA TRP B 43 0.27 -24.86 51.74
C TRP B 43 0.35 -24.38 53.18
N PRO B 44 1.52 -23.90 53.63
CA PRO B 44 2.75 -23.88 52.87
C PRO B 44 3.42 -25.26 52.83
N ILE B 45 4.58 -25.35 52.19
CA ILE B 45 5.38 -26.56 52.19
C ILE B 45 5.98 -26.66 53.61
N GLU B 46 5.63 -27.71 54.34
CA GLU B 46 6.12 -27.94 55.70
C GLU B 46 6.29 -29.41 55.92
N ASN B 47 7.20 -29.77 56.84
CA ASN B 47 7.24 -31.13 57.35
C ASN B 47 6.03 -31.38 58.24
N GLY B 48 5.70 -32.64 58.41
CA GLY B 48 4.65 -33.05 59.35
C GLY B 48 3.22 -32.93 58.83
N GLN B 49 3.04 -32.75 57.52
CA GLN B 49 1.70 -32.64 56.95
C GLN B 49 1.09 -34.01 56.69
N ASP B 50 -0.18 -34.15 57.04
CA ASP B 50 -0.97 -35.32 56.72
C ASP B 50 -2.09 -34.86 55.81
N VAL B 51 -2.33 -35.62 54.73
CA VAL B 51 -3.45 -35.40 53.83
C VAL B 51 -4.19 -36.72 53.70
N TRP B 52 -5.51 -36.68 53.82
CA TRP B 52 -6.30 -37.91 53.78
C TRP B 52 -7.71 -37.65 53.26
N VAL B 53 -8.43 -38.74 53.04
CA VAL B 53 -9.78 -38.68 52.50
C VAL B 53 -10.71 -39.46 53.42
N GLU B 54 -11.80 -38.81 53.81
CA GLU B 54 -12.86 -39.46 54.60
C GLU B 54 -14.00 -39.65 53.63
N TRP B 55 -14.55 -40.87 53.58
CA TRP B 55 -15.49 -41.19 52.52
C TRP B 55 -16.44 -42.31 52.83
N THR B 56 -17.50 -42.39 52.04
CA THR B 56 -18.51 -43.44 52.12
C THR B 56 -18.72 -44.03 50.74
N LYS B 57 -19.10 -45.30 50.73
CA LYS B 57 -19.40 -46.03 49.52
C LYS B 57 -20.78 -46.62 49.74
N ASN B 58 -21.73 -46.22 48.90
CA ASN B 58 -23.13 -46.63 49.03
C ASN B 58 -23.70 -46.43 50.44
N GLY B 59 -23.40 -45.29 51.01
CA GLY B 59 -23.88 -44.95 52.35
C GLY B 59 -23.12 -45.52 53.54
N VAL B 60 -22.09 -46.33 53.31
CA VAL B 60 -21.34 -46.98 54.39
C VAL B 60 -19.97 -46.36 54.52
N ALA B 61 -19.63 -45.89 55.73
CA ALA B 61 -18.30 -45.30 55.97
C ALA B 61 -17.20 -46.31 55.63
N GLN B 62 -16.16 -45.80 54.96
CA GLN B 62 -15.00 -46.62 54.57
C GLN B 62 -13.83 -46.20 55.42
N GLU B 63 -12.80 -47.02 55.41
N GLU B 63 -12.79 -47.03 55.42
CA GLU B 63 -11.53 -46.68 56.02
CA GLU B 63 -11.52 -46.69 56.04
C GLU B 63 -10.92 -45.49 55.29
C GLU B 63 -10.92 -45.49 55.30
N ASN B 64 -10.41 -44.52 56.04
CA ASN B 64 -9.75 -43.34 55.46
C ASN B 64 -8.64 -43.74 54.48
N VAL B 65 -8.50 -42.99 53.40
CA VAL B 65 -7.41 -43.19 52.46
C VAL B 65 -6.39 -42.09 52.68
N THR B 66 -5.12 -42.44 52.81
CA THR B 66 -4.05 -41.46 53.04
C THR B 66 -3.45 -41.08 51.68
N ALA B 67 -3.22 -39.78 51.48
CA ALA B 67 -2.61 -39.28 50.26
C ALA B 67 -1.10 -39.33 50.35
N ALA B 68 -0.48 -39.54 49.20
CA ALA B 68 0.97 -39.57 49.09
C ALA B 68 1.42 -38.30 48.36
N TYR B 69 2.55 -37.76 48.76
CA TYR B 69 3.08 -36.56 48.09
C TYR B 69 3.46 -36.84 46.65
N ASP B 70 3.30 -35.83 45.81
CA ASP B 70 3.50 -35.92 44.36
C ASP B 70 4.66 -35.02 43.99
N TYR B 71 4.47 -33.71 44.07
CA TYR B 71 5.49 -32.72 43.75
C TYR B 71 5.14 -31.43 44.46
N ASN B 72 6.13 -30.54 44.58
CA ASN B 72 5.89 -29.19 45.08
C ASN B 72 6.03 -28.20 43.95
N SER B 73 5.28 -27.11 44.04
CA SER B 73 5.45 -25.98 43.14
C SER B 73 5.07 -24.69 43.86
N GLY B 74 5.94 -23.68 43.74
CA GLY B 74 5.76 -22.44 44.50
C GLY B 74 5.81 -22.73 45.99
N ASN B 75 4.75 -22.36 46.71
CA ASN B 75 4.65 -22.69 48.14
C ASN B 75 3.55 -23.71 48.41
N ASN B 76 3.30 -24.59 47.45
CA ASN B 76 2.28 -25.63 47.58
C ASN B 76 2.90 -27.00 47.42
N THR B 77 2.41 -27.97 48.20
CA THR B 77 2.62 -29.38 47.94
C THR B 77 1.36 -29.92 47.26
N TYR B 78 1.57 -30.81 46.29
CA TYR B 78 0.50 -31.52 45.61
C TYR B 78 0.60 -33.00 46.00
N TRP B 79 -0.56 -33.61 46.24
CA TRP B 79 -0.71 -34.95 46.78
C TRP B 79 -1.66 -35.75 45.91
N LYS B 80 -1.50 -37.07 45.88
CA LYS B 80 -2.46 -37.98 45.25
C LYS B 80 -3.04 -38.99 46.25
N ALA B 81 -4.37 -39.04 46.33
CA ALA B 81 -5.09 -40.05 47.07
C ALA B 81 -5.76 -40.97 46.07
N ASP B 82 -5.51 -42.26 46.22
CA ASP B 82 -6.04 -43.29 45.33
C ASP B 82 -7.22 -43.97 46.01
N LEU B 83 -8.43 -43.70 45.53
CA LEU B 83 -9.65 -44.33 46.05
C LEU B 83 -9.90 -45.71 45.45
N GLY B 84 -9.15 -46.10 44.41
CA GLY B 84 -9.32 -47.36 43.75
C GLY B 84 -10.39 -47.36 42.68
N LYS B 85 -10.86 -48.55 42.33
CA LYS B 85 -11.86 -48.76 41.30
C LYS B 85 -13.19 -49.14 41.89
N PHE B 86 -14.25 -48.83 41.15
CA PHE B 86 -15.62 -49.07 41.59
C PHE B 86 -16.44 -49.82 40.57
N GLU B 87 -17.60 -50.24 41.02
CA GLU B 87 -18.55 -50.94 40.16
C GLU B 87 -19.67 -49.99 39.76
N LYS B 88 -20.27 -50.29 38.61
CA LYS B 88 -21.44 -49.55 38.15
C LYS B 88 -22.47 -49.50 39.28
N GLY B 89 -22.97 -48.30 39.55
CA GLY B 89 -23.98 -48.09 40.56
C GLY B 89 -23.44 -47.64 41.89
N ASP B 90 -22.11 -47.69 42.08
CA ASP B 90 -21.51 -47.23 43.32
C ASP B 90 -21.65 -45.73 43.48
N GLU B 91 -22.11 -45.33 44.67
CA GLU B 91 -22.25 -43.93 45.04
C GLU B 91 -21.19 -43.61 46.07
N ILE B 92 -20.26 -42.75 45.70
CA ILE B 92 -19.11 -42.41 46.51
C ILE B 92 -19.22 -40.96 46.95
N THR B 93 -19.09 -40.70 48.24
CA THR B 93 -19.05 -39.34 48.76
C THR B 93 -17.79 -39.17 49.60
N TYR B 94 -17.05 -38.10 49.36
CA TYR B 94 -15.78 -37.93 50.04
C TYR B 94 -15.51 -36.48 50.40
N THR B 95 -14.66 -36.33 51.41
CA THR B 95 -14.14 -35.06 51.83
C THR B 95 -12.63 -35.21 51.92
N THR B 96 -11.87 -34.28 51.32
CA THR B 96 -10.41 -34.29 51.45
C THR B 96 -9.97 -33.39 52.60
N LYS B 97 -8.94 -33.79 53.32
CA LYS B 97 -8.48 -33.09 54.53
C LYS B 97 -6.97 -32.99 54.60
N GLY B 98 -6.50 -31.90 55.19
CA GLY B 98 -5.10 -31.74 55.52
C GLY B 98 -4.93 -31.12 56.89
N SER B 99 -3.87 -31.52 57.60
CA SER B 99 -3.50 -30.94 58.88
C SER B 99 -2.01 -31.10 59.07
N THR B 100 -1.43 -30.24 59.90
CA THR B 100 -0.01 -30.29 60.20
C THR B 100 0.14 -30.60 61.68
N ASN B 101 0.92 -31.64 61.95
CA ASN B 101 1.21 -32.13 63.31
C ASN B 101 -0.02 -32.24 64.20
N GLY B 102 -1.11 -32.79 63.66
CA GLY B 102 -2.36 -32.97 64.38
C GLY B 102 -3.13 -31.70 64.74
N GLY B 103 -2.85 -30.59 64.07
CA GLY B 103 -3.53 -29.32 64.33
C GLY B 103 -4.83 -29.17 63.55
N THR B 104 -5.24 -27.90 63.38
CA THR B 104 -6.37 -27.48 62.55
C THR B 104 -6.46 -28.29 61.25
N ALA B 105 -7.53 -29.06 61.07
CA ALA B 105 -7.78 -29.71 59.78
C ALA B 105 -8.48 -28.76 58.81
N TYR B 106 -7.92 -28.60 57.61
CA TYR B 106 -8.60 -27.88 56.54
C TYR B 106 -9.22 -28.91 55.63
N GLU B 107 -10.37 -28.59 55.06
CA GLU B 107 -11.09 -29.60 54.30
C GLU B 107 -11.76 -29.06 53.04
N SER B 108 -11.97 -29.95 52.07
CA SER B 108 -12.75 -29.67 50.87
C SER B 108 -13.80 -30.76 50.72
N GLY B 109 -15.01 -30.37 50.37
CA GLY B 109 -16.11 -31.32 50.16
C GLY B 109 -17.29 -30.98 51.05
N PRO B 110 -18.23 -31.92 51.20
CA PRO B 110 -18.25 -33.23 50.53
C PRO B 110 -18.48 -33.17 49.01
N PHE B 111 -17.98 -34.19 48.30
CA PHE B 111 -18.16 -34.34 46.87
C PHE B 111 -18.71 -35.74 46.62
N THR B 112 -19.67 -35.84 45.70
CA THR B 112 -20.31 -37.11 45.36
C THR B 112 -20.11 -37.43 43.88
N PHE B 113 -19.79 -38.69 43.59
CA PHE B 113 -19.90 -39.19 42.22
C PHE B 113 -20.59 -40.53 42.19
N TYR B 114 -21.22 -40.81 41.05
CA TYR B 114 -21.96 -42.02 40.81
C TYR B 114 -21.25 -42.74 39.66
N VAL B 115 -20.91 -43.99 39.87
CA VAL B 115 -20.08 -44.74 38.93
C VAL B 115 -20.98 -45.34 37.87
N THR B 116 -20.58 -45.13 36.62
CA THR B 116 -21.43 -45.42 35.48
C THR B 116 -20.88 -46.50 34.58
N ASP B 117 -21.74 -47.03 33.72
CA ASP B 117 -21.31 -47.83 32.57
C ASP B 117 -22.33 -47.70 31.47
N TRP B 118 -21.92 -48.11 30.27
CA TRP B 118 -22.76 -48.00 29.09
C TRP B 118 -23.86 -49.05 29.01
N GLU B 119 -25.05 -48.61 28.62
CA GLU B 119 -26.19 -49.45 28.31
C GLU B 119 -26.59 -49.11 26.88
N TYR B 120 -26.93 -50.11 26.10
CA TYR B 120 -27.33 -49.87 24.71
C TYR B 120 -28.70 -50.44 24.44
N VAL B 121 -29.37 -49.89 23.43
CA VAL B 121 -30.58 -50.50 22.92
C VAL B 121 -30.27 -51.93 22.41
N GLN B 122 -31.15 -52.88 22.71
CA GLN B 122 -31.03 -54.25 22.19
C GLN B 122 -32.05 -54.48 21.07
N ASP B 123 -33.29 -54.87 21.41
CA ASP B 123 -34.32 -55.15 20.41
C ASP B 123 -35.50 -54.19 20.51
N VAL B 124 -36.28 -54.10 19.43
CA VAL B 124 -37.57 -53.42 19.47
C VAL B 124 -38.59 -54.46 19.86
N THR B 125 -39.42 -54.20 20.87
CA THR B 125 -40.42 -55.20 21.30
C THR B 125 -41.88 -54.82 21.07
N SER B 126 -42.14 -53.55 20.81
CA SER B 126 -43.45 -53.14 20.32
C SER B 126 -43.31 -51.83 19.59
N VAL B 127 -44.28 -51.55 18.73
CA VAL B 127 -44.29 -50.34 17.90
C VAL B 127 -45.66 -49.67 18.08
N VAL B 128 -45.67 -48.39 18.45
CA VAL B 128 -46.92 -47.65 18.66
C VAL B 128 -46.95 -46.51 17.64
N ASP B 129 -47.80 -46.63 16.63
CA ASP B 129 -47.98 -45.55 15.67
C ASP B 129 -49.01 -44.58 16.25
N ASN B 130 -48.55 -43.42 16.69
CA ASN B 130 -49.45 -42.43 17.26
C ASN B 130 -49.97 -41.40 16.26
N GLY B 131 -49.82 -41.63 14.97
CA GLY B 131 -50.36 -40.72 13.95
C GLY B 131 -49.41 -39.57 13.58
N ASP B 132 -48.78 -38.96 14.59
CA ASP B 132 -47.86 -37.84 14.39
C ASP B 132 -46.46 -38.16 14.96
N SER B 133 -46.24 -39.41 15.31
CA SER B 133 -45.03 -39.85 16.00
C SER B 133 -45.13 -41.35 16.08
N ILE B 134 -43.97 -42.02 16.10
CA ILE B 134 -43.92 -43.46 16.31
C ILE B 134 -43.04 -43.74 17.52
N THR B 135 -43.55 -44.56 18.43
CA THR B 135 -42.78 -45.03 19.58
C THR B 135 -42.29 -46.43 19.30
N LEU B 136 -40.98 -46.63 19.46
CA LEU B 136 -40.38 -47.94 19.48
C LEU B 136 -40.03 -48.26 20.94
N ASN B 137 -40.72 -49.25 21.51
CA ASN B 137 -40.38 -49.74 22.85
C ASN B 137 -39.27 -50.73 22.73
N MSE B 138 -38.24 -50.60 23.57
N MSE B 138 -38.26 -50.63 23.59
CA MSE B 138 -36.99 -51.33 23.45
CA MSE B 138 -37.03 -51.41 23.42
C MSE B 138 -36.64 -52.14 24.68
C MSE B 138 -36.60 -52.10 24.68
O MSE B 138 -37.15 -51.86 25.77
O MSE B 138 -36.99 -51.73 25.78
CB MSE B 138 -35.81 -50.37 23.33
CB MSE B 138 -35.94 -50.44 22.97
CG MSE B 138 -35.98 -49.29 22.28
CG MSE B 138 -36.28 -49.87 21.60
SE MSE B 138 -35.90 -50.12 20.50
SE MSE B 138 -35.16 -48.30 21.23
CE MSE B 138 -35.34 -48.56 19.46
CE MSE B 138 -34.99 -48.65 19.31
N THR B 139 -35.81 -53.16 24.50
CA THR B 139 -35.05 -53.77 25.59
C THR B 139 -33.65 -53.14 25.58
N ALA B 140 -32.93 -53.29 26.68
CA ALA B 140 -31.55 -52.79 26.79
C ALA B 140 -30.56 -53.94 26.98
N THR B 141 -29.30 -53.68 26.66
CA THR B 141 -28.26 -54.70 26.79
C THR B 141 -27.89 -54.98 28.23
N ALA B 142 -28.15 -54.04 29.13
CA ALA B 142 -27.84 -54.16 30.54
C ALA B 142 -28.73 -53.19 31.30
N GLY B 143 -28.88 -53.42 32.60
CA GLY B 143 -29.70 -52.54 33.45
C GLY B 143 -31.18 -52.88 33.39
N ASP B 144 -31.96 -52.09 34.13
N ASP B 144 -31.99 -52.14 34.15
CA ASP B 144 -33.38 -52.35 34.32
CA ASP B 144 -33.42 -52.43 34.22
C ASP B 144 -34.32 -51.30 33.70
C ASP B 144 -34.31 -51.28 33.72
N PHE B 145 -33.80 -50.49 32.76
CA PHE B 145 -34.64 -49.47 32.12
C PHE B 145 -35.54 -50.09 31.03
N SER B 146 -36.59 -49.37 30.64
N SER B 146 -36.59 -49.38 30.63
CA SER B 146 -37.44 -49.72 29.51
CA SER B 146 -37.42 -49.76 29.49
C SER B 146 -37.37 -48.58 28.49
C SER B 146 -37.37 -48.62 28.48
N PRO B 147 -36.28 -48.53 27.69
CA PRO B 147 -36.11 -47.39 26.80
C PRO B 147 -37.18 -47.24 25.73
N LYS B 148 -37.39 -46.00 25.30
CA LYS B 148 -38.29 -45.71 24.19
C LYS B 148 -37.57 -44.78 23.24
N LEU B 149 -37.60 -45.11 21.95
CA LEU B 149 -37.08 -44.25 20.89
C LEU B 149 -38.29 -43.74 20.13
N TYR B 150 -38.41 -42.42 20.06
CA TYR B 150 -39.53 -41.76 19.36
C TYR B 150 -39.06 -41.21 18.01
N LEU B 151 -39.81 -41.52 16.95
CA LEU B 151 -39.55 -41.06 15.60
C LEU B 151 -40.62 -40.07 15.18
N SER B 152 -40.19 -38.93 14.63
CA SER B 152 -41.11 -37.95 14.08
C SER B 152 -40.48 -37.25 12.90
N PHE B 153 -41.31 -36.56 12.13
CA PHE B 153 -40.88 -35.84 10.94
C PHE B 153 -41.03 -34.35 11.14
N GLU B 154 -39.90 -33.63 11.22
CA GLU B 154 -39.95 -32.17 11.24
C GLU B 154 -40.48 -31.70 9.90
N ASP B 155 -40.11 -32.43 8.84
CA ASP B 155 -40.80 -32.33 7.56
C ASP B 155 -40.67 -33.69 6.89
N LEU B 156 -41.25 -33.87 5.71
CA LEU B 156 -41.26 -35.21 5.11
C LEU B 156 -39.86 -35.70 4.73
N ASP B 157 -38.91 -34.77 4.60
CA ASP B 157 -37.50 -35.10 4.32
C ASP B 157 -36.55 -34.93 5.52
N THR B 158 -37.09 -34.71 6.72
CA THR B 158 -36.27 -34.39 7.87
C THR B 158 -36.77 -35.17 9.09
N LEU B 159 -35.98 -36.19 9.47
CA LEU B 159 -36.33 -37.16 10.49
C LEU B 159 -35.75 -36.75 11.83
N ARG B 160 -36.55 -36.88 12.89
CA ARG B 160 -36.13 -36.55 14.27
C ARG B 160 -36.21 -37.80 15.16
N MSE B 161 -35.13 -38.06 15.89
N MSE B 161 -35.14 -38.06 15.90
CA MSE B 161 -35.02 -39.19 16.81
CA MSE B 161 -35.08 -39.19 16.82
C MSE B 161 -34.93 -38.62 18.20
C MSE B 161 -34.91 -38.65 18.19
O MSE B 161 -34.12 -37.74 18.43
O MSE B 161 -34.03 -37.84 18.44
CB MSE B 161 -33.72 -39.96 16.58
CB MSE B 161 -33.89 -40.07 16.48
CG MSE B 161 -33.89 -41.27 15.82
CG MSE B 161 -34.31 -41.11 15.46
SE MSE B 161 -34.50 -40.94 13.97
SE MSE B 161 -32.84 -41.42 14.20
CE MSE B 161 -32.95 -39.87 13.41
CE MSE B 161 -32.90 -39.57 13.54
N GLU B 162 -35.74 -39.14 19.12
CA GLU B 162 -35.70 -38.71 20.51
C GLU B 162 -35.68 -39.97 21.36
N LEU B 163 -34.61 -40.15 22.13
CA LEU B 163 -34.45 -41.33 22.96
C LEU B 163 -34.63 -40.99 24.42
N SER B 164 -35.51 -41.76 25.08
CA SER B 164 -35.71 -41.73 26.54
C SER B 164 -35.21 -43.06 27.11
N PRO B 165 -33.99 -43.08 27.68
CA PRO B 165 -33.51 -44.35 28.23
C PRO B 165 -34.42 -45.00 29.29
N THR B 166 -35.01 -44.22 30.19
CA THR B 166 -35.90 -44.77 31.20
C THR B 166 -37.30 -45.02 30.66
N GLY B 167 -37.64 -44.39 29.54
CA GLY B 167 -38.96 -44.46 28.96
C GLY B 167 -39.96 -43.55 29.65
N LYS B 168 -39.50 -42.70 30.57
CA LYS B 168 -40.40 -41.81 31.33
C LYS B 168 -40.69 -40.51 30.62
N GLU B 169 -39.96 -40.21 29.54
CA GLU B 169 -40.19 -39.02 28.76
C GLU B 169 -40.87 -39.40 27.46
N THR B 170 -41.52 -38.41 26.87
CA THR B 170 -42.29 -38.59 25.65
C THR B 170 -41.74 -37.69 24.53
N GLY B 171 -41.65 -38.24 23.31
CA GLY B 171 -41.15 -37.51 22.15
C GLY B 171 -42.18 -36.52 21.65
N HIS B 172 -41.78 -35.66 20.72
CA HIS B 172 -42.65 -34.61 20.20
C HIS B 172 -43.30 -35.03 18.89
N ALA B 173 -44.47 -34.45 18.65
CA ALA B 173 -45.20 -34.65 17.41
C ALA B 173 -44.45 -34.01 16.26
N GLY B 174 -44.64 -34.58 15.08
CA GLY B 174 -44.21 -34.00 13.82
C GLY B 174 -45.30 -34.19 12.79
N LYS B 175 -44.91 -34.14 11.52
CA LYS B 175 -45.85 -34.28 10.42
C LYS B 175 -46.49 -35.66 10.41
N SER B 176 -47.76 -35.73 10.03
CA SER B 176 -48.47 -36.99 9.99
C SER B 176 -48.42 -37.70 8.62
N GLY B 177 -47.77 -37.12 7.62
CA GLY B 177 -47.72 -37.70 6.27
C GLY B 177 -46.71 -38.83 6.08
N TYR B 178 -46.80 -39.88 6.88
CA TYR B 178 -45.98 -41.06 6.71
C TYR B 178 -46.88 -42.28 6.77
N THR B 179 -46.38 -43.40 6.27
CA THR B 179 -47.05 -44.69 6.43
C THR B 179 -46.08 -45.65 7.08
N VAL B 180 -46.62 -46.64 7.79
CA VAL B 180 -45.82 -47.61 8.52
C VAL B 180 -46.17 -49.00 8.00
N GLU B 181 -45.13 -49.78 7.65
N GLU B 181 -45.13 -49.79 7.70
CA GLU B 181 -45.27 -51.20 7.32
CA GLU B 181 -45.27 -51.19 7.30
C GLU B 181 -44.56 -51.97 8.42
C GLU B 181 -44.57 -52.00 8.39
N ASP B 182 -45.34 -52.61 9.28
CA ASP B 182 -44.81 -53.29 10.45
C ASP B 182 -44.96 -54.80 10.31
N THR B 183 -43.86 -55.50 10.57
CA THR B 183 -43.85 -56.96 10.67
C THR B 183 -43.22 -57.33 11.99
N ALA B 184 -43.31 -58.61 12.36
CA ALA B 184 -42.58 -59.09 13.54
C ALA B 184 -41.06 -58.81 13.54
N GLU B 185 -40.46 -58.78 12.34
N GLU B 185 -40.42 -58.78 12.38
CA GLU B 185 -39.02 -58.65 12.13
CA GLU B 185 -38.95 -58.59 12.29
C GLU B 185 -38.51 -57.21 11.91
C GLU B 185 -38.47 -57.19 11.90
N LYS B 186 -39.35 -56.37 11.33
CA LYS B 186 -38.92 -55.10 10.76
C LYS B 186 -40.07 -54.11 10.75
N VAL B 187 -39.72 -52.83 10.84
CA VAL B 187 -40.68 -51.78 10.63
C VAL B 187 -40.09 -50.77 9.66
N THR B 188 -40.87 -50.40 8.65
CA THR B 188 -40.45 -49.46 7.61
C THR B 188 -41.38 -48.26 7.68
N VAL B 189 -40.80 -47.08 7.85
CA VAL B 189 -41.59 -45.87 7.90
C VAL B 189 -41.29 -45.05 6.66
N THR B 190 -42.34 -44.70 5.91
CA THR B 190 -42.20 -44.11 4.59
C THR B 190 -42.91 -42.77 4.47
N THR B 191 -42.23 -41.80 3.87
CA THR B 191 -42.81 -40.55 3.38
C THR B 191 -42.54 -40.44 1.88
N GLU B 192 -43.05 -39.38 1.25
CA GLU B 192 -42.72 -39.13 -0.16
C GLU B 192 -41.23 -38.89 -0.43
N ASP B 193 -40.44 -38.57 0.61
CA ASP B 193 -39.00 -38.29 0.48
C ASP B 193 -38.06 -39.29 1.17
N LEU B 194 -38.57 -40.07 2.12
CA LEU B 194 -37.73 -40.95 2.92
C LEU B 194 -38.32 -42.32 3.10
N SER B 195 -37.41 -43.29 3.27
CA SER B 195 -37.75 -44.65 3.65
C SER B 195 -36.84 -45.06 4.79
N ILE B 196 -37.40 -45.21 5.99
CA ILE B 196 -36.65 -45.53 7.19
C ILE B 196 -36.87 -47.00 7.49
N GLU B 197 -35.82 -47.80 7.36
CA GLU B 197 -35.92 -49.25 7.53
C GLU B 197 -35.30 -49.62 8.87
N ILE B 198 -36.11 -50.21 9.74
CA ILE B 198 -35.67 -50.52 11.10
C ILE B 198 -35.80 -52.01 11.38
N GLN B 199 -34.66 -52.69 11.47
CA GLN B 199 -34.67 -54.11 11.88
C GLN B 199 -34.94 -54.12 13.36
N LYS B 200 -35.70 -55.10 13.83
CA LYS B 200 -36.10 -55.13 15.24
C LYS B 200 -35.22 -55.94 16.20
N SER B 201 -34.53 -56.96 15.68
N SER B 201 -34.53 -56.96 15.69
CA SER B 201 -33.78 -57.90 16.52
CA SER B 201 -33.77 -57.87 16.57
C SER B 201 -32.49 -58.34 15.85
C SER B 201 -32.48 -58.37 15.91
N PRO B 202 -31.36 -57.65 16.16
CA PRO B 202 -31.23 -56.44 16.99
C PRO B 202 -31.72 -55.17 16.29
N TYR B 203 -32.12 -54.17 17.08
CA TYR B 203 -32.53 -52.87 16.57
C TYR B 203 -31.41 -52.26 15.71
N ARG B 204 -31.74 -51.86 14.49
CA ARG B 204 -30.79 -51.15 13.62
C ARG B 204 -31.55 -50.36 12.57
N MSE B 205 -31.22 -49.07 12.46
CA MSE B 205 -31.88 -48.15 11.51
C MSE B 205 -31.04 -47.90 10.28
O MSE B 205 -29.84 -47.65 10.40
CB MSE B 205 -32.13 -46.81 12.19
CG MSE B 205 -32.86 -45.85 11.23
SE MSE B 205 -33.16 -44.14 12.12
CE MSE B 205 -34.46 -44.83 13.43
N GLU B 206 -31.67 -47.98 9.11
CA GLU B 206 -31.12 -47.44 7.86
C GLU B 206 -32.05 -46.34 7.35
N VAL B 207 -31.45 -45.21 6.99
CA VAL B 207 -32.18 -44.09 6.39
C VAL B 207 -31.94 -44.09 4.89
N HIS B 208 -32.99 -44.33 4.12
CA HIS B 208 -32.94 -44.28 2.67
C HIS B 208 -33.75 -43.12 2.09
N GLN B 209 -33.42 -42.70 0.87
CA GLN B 209 -34.35 -41.86 0.10
C GLN B 209 -35.56 -42.70 -0.27
N ALA B 210 -36.65 -42.05 -0.64
CA ALA B 210 -37.87 -42.76 -1.04
C ALA B 210 -37.65 -43.82 -2.13
N ASP B 211 -36.79 -43.52 -3.09
CA ASP B 211 -36.39 -44.50 -4.12
C ASP B 211 -35.43 -45.62 -3.67
N GLY B 212 -35.06 -45.68 -2.40
CA GLY B 212 -34.26 -46.77 -1.83
C GLY B 212 -32.76 -46.53 -1.74
N THR B 213 -32.27 -45.41 -2.30
CA THR B 213 -30.88 -45.03 -2.15
C THR B 213 -30.52 -44.83 -0.68
N LEU B 214 -29.44 -45.49 -0.24
CA LEU B 214 -29.01 -45.38 1.16
C LEU B 214 -28.36 -44.02 1.42
N LEU B 215 -28.85 -43.32 2.44
CA LEU B 215 -28.20 -42.11 2.90
C LEU B 215 -27.17 -42.40 3.97
N THR B 216 -27.62 -42.95 5.09
CA THR B 216 -26.72 -43.38 6.15
C THR B 216 -27.41 -44.46 6.98
N SER B 217 -26.66 -45.10 7.86
CA SER B 217 -27.21 -46.20 8.64
C SER B 217 -26.41 -46.40 9.90
N GLU B 218 -27.06 -46.96 10.91
CA GLU B 218 -26.37 -47.33 12.16
C GLU B 218 -25.35 -48.42 11.91
N TYR B 219 -24.38 -48.52 12.80
CA TYR B 219 -23.26 -49.42 12.56
C TYR B 219 -23.72 -50.86 12.45
N THR B 220 -22.99 -51.59 11.61
CA THR B 220 -23.34 -52.92 11.15
C THR B 220 -23.70 -53.90 12.26
N THR B 221 -22.91 -53.88 13.33
CA THR B 221 -23.09 -54.85 14.43
C THR B 221 -24.19 -54.44 15.42
N ALA B 222 -24.84 -53.30 15.20
CA ALA B 222 -26.03 -52.90 15.95
C ALA B 222 -25.64 -52.59 17.42
N ASN B 223 -26.59 -52.59 18.36
CA ASN B 223 -26.31 -52.06 19.71
C ASN B 223 -25.60 -50.69 19.62
N SER B 224 -26.00 -49.89 18.66
CA SER B 224 -25.24 -48.71 18.30
C SER B 224 -25.58 -47.54 19.22
N LEU B 225 -26.79 -47.54 19.74
CA LEU B 225 -27.38 -46.39 20.42
C LEU B 225 -27.36 -46.66 21.92
N GLY B 226 -26.69 -45.78 22.68
CA GLY B 226 -26.44 -46.03 24.10
C GLY B 226 -26.40 -44.82 25.00
N TRP B 227 -26.42 -45.08 26.29
CA TRP B 227 -26.40 -44.03 27.31
C TRP B 227 -25.53 -44.52 28.49
N LEU B 228 -24.88 -43.58 29.16
CA LEU B 228 -23.90 -43.87 30.20
C LEU B 228 -24.57 -43.55 31.54
N THR B 229 -24.75 -44.55 32.38
CA THR B 229 -25.59 -44.40 33.57
C THR B 229 -25.11 -45.24 34.74
N ASP B 230 -25.47 -44.82 35.96
CA ASP B 230 -25.29 -45.67 37.13
C ASP B 230 -26.51 -46.55 37.39
N GLY B 231 -27.55 -46.39 36.59
CA GLY B 231 -28.79 -47.15 36.74
C GLY B 231 -29.81 -46.55 37.70
N LYS B 232 -29.48 -45.47 38.39
CA LYS B 232 -30.29 -44.99 39.53
C LYS B 232 -30.40 -43.47 39.64
N ASN B 233 -29.30 -42.75 39.44
CA ASN B 233 -29.22 -41.31 39.70
C ASN B 233 -28.86 -40.44 38.49
N VAL B 234 -27.99 -40.94 37.61
CA VAL B 234 -27.46 -40.09 36.55
C VAL B 234 -27.46 -40.75 35.18
N ILE B 235 -27.63 -39.91 34.14
CA ILE B 235 -27.23 -40.26 32.78
C ILE B 235 -26.23 -39.19 32.36
N ASN B 236 -24.99 -39.59 32.11
CA ASN B 236 -23.92 -38.63 31.89
C ASN B 236 -23.52 -38.41 30.44
N GLN B 237 -23.82 -39.39 29.57
CA GLN B 237 -23.46 -39.32 28.14
C GLN B 237 -24.40 -40.14 27.31
N TYR B 238 -24.51 -39.75 26.04
CA TYR B 238 -25.18 -40.53 25.02
C TYR B 238 -24.23 -40.82 23.87
N GLN B 239 -24.51 -41.85 23.09
CA GLN B 239 -23.80 -42.05 21.84
C GLN B 239 -24.65 -42.77 20.83
N ASN B 240 -24.34 -42.54 19.56
CA ASN B 240 -24.75 -43.44 18.51
C ASN B 240 -23.60 -43.59 17.52
N ASN B 241 -23.67 -44.66 16.74
CA ASN B 241 -22.58 -45.12 15.86
C ASN B 241 -23.15 -45.53 14.51
N PHE B 242 -22.46 -45.13 13.45
CA PHE B 242 -22.96 -45.25 12.09
C PHE B 242 -21.91 -45.84 11.14
N MSE B 243 -22.53 -46.31 9.98
N MSE B 243 -22.09 -46.90 10.41
CA MSE B 243 -22.05 -47.16 8.68
CA MSE B 243 -20.93 -47.14 9.41
C MSE B 243 -21.38 -46.12 7.68
C MSE B 243 -21.03 -45.93 8.34
O MSE B 243 -22.18 -45.50 6.96
O MSE B 243 -21.97 -45.03 8.27
CB MSE B 243 -23.12 -48.25 8.10
CB MSE B 243 -20.48 -48.67 8.91
CG MSE B 243 -22.63 -49.64 7.53
CG MSE B 243 -20.10 -49.11 7.40
SE MSE B 243 -23.43 -51.43 7.14
SE MSE B 243 -20.90 -48.21 5.74
CE MSE B 243 -24.17 -51.28 5.32
CE MSE B 243 -21.78 -49.26 4.30
N THR B 244 -19.99 -45.92 7.57
CA THR B 244 -19.55 -44.89 6.62
C THR B 244 -18.56 -45.51 5.63
N PRO B 245 -18.87 -45.45 4.34
CA PRO B 245 -17.93 -46.00 3.36
C PRO B 245 -16.67 -45.12 3.24
N SER B 246 -15.62 -45.68 2.65
N SER B 246 -15.63 -45.70 2.64
CA SER B 246 -14.31 -45.04 2.66
CA SER B 246 -14.30 -45.08 2.62
C SER B 246 -14.23 -43.68 1.97
C SER B 246 -14.23 -43.70 1.96
N ASP B 247 -15.07 -43.46 0.97
CA ASP B 247 -15.08 -42.19 0.22
C ASP B 247 -15.99 -41.10 0.83
N GLU B 248 -16.68 -41.37 1.93
CA GLU B 248 -17.61 -40.35 2.45
C GLU B 248 -16.87 -39.15 3.03
N ALA B 249 -17.26 -37.94 2.61
CA ALA B 249 -16.71 -36.69 3.14
C ALA B 249 -17.74 -36.00 4.06
N PHE B 250 -17.23 -35.32 5.08
CA PHE B 250 -18.02 -34.71 6.15
C PHE B 250 -17.65 -33.26 6.30
N TYR B 251 -18.62 -32.38 6.09
CA TYR B 251 -18.40 -30.95 6.02
C TYR B 251 -19.17 -30.24 7.12
N GLY B 252 -18.70 -29.05 7.48
CA GLY B 252 -19.38 -28.22 8.45
C GLY B 252 -18.79 -28.26 9.84
N PHE B 253 -19.61 -28.67 10.83
CA PHE B 253 -19.24 -28.67 12.26
C PHE B 253 -18.99 -27.28 12.86
N GLY B 254 -19.57 -26.24 12.24
CA GLY B 254 -19.29 -24.87 12.59
C GLY B 254 -18.18 -24.28 11.73
N GLU B 255 -17.37 -23.44 12.34
CA GLU B 255 -16.26 -22.78 11.66
C GLU B 255 -14.98 -23.54 12.01
N ARG B 256 -14.34 -24.14 11.01
CA ARG B 256 -13.21 -25.04 11.22
C ARG B 256 -12.04 -24.57 10.39
N TYR B 257 -10.86 -24.55 10.99
CA TYR B 257 -9.69 -23.88 10.42
C TYR B 257 -8.65 -24.85 9.86
N ASP B 258 -8.78 -26.12 10.25
CA ASP B 258 -7.79 -27.15 9.91
C ASP B 258 -8.04 -27.80 8.56
N THR B 259 -9.29 -28.10 8.28
CA THR B 259 -9.68 -28.78 7.06
C THR B 259 -11.16 -28.54 6.80
N ILE B 260 -11.58 -28.69 5.55
CA ILE B 260 -13.01 -28.63 5.21
C ILE B 260 -13.68 -29.99 5.27
N ASN B 261 -12.90 -31.06 5.26
CA ASN B 261 -13.43 -32.42 5.29
C ASN B 261 -12.90 -33.07 6.56
N GLN B 262 -13.79 -33.31 7.52
CA GLN B 262 -13.39 -33.78 8.85
C GLN B 262 -13.15 -35.29 8.95
N ARG B 263 -13.33 -36.03 7.87
CA ARG B 263 -13.03 -37.47 7.92
C ARG B 263 -11.65 -37.72 8.50
N GLY B 264 -11.60 -38.64 9.46
CA GLY B 264 -10.39 -38.97 10.20
C GLY B 264 -10.15 -38.23 11.50
N LYS B 265 -10.97 -37.22 11.80
CA LYS B 265 -10.76 -36.41 12.99
C LYS B 265 -11.83 -36.66 14.04
N ASP B 266 -11.43 -36.43 15.29
CA ASP B 266 -12.36 -36.23 16.38
C ASP B 266 -12.66 -34.75 16.51
N VAL B 267 -13.91 -34.38 16.28
CA VAL B 267 -14.31 -32.99 16.23
C VAL B 267 -15.03 -32.64 17.53
N GLU B 268 -14.51 -31.64 18.25
CA GLU B 268 -15.14 -31.19 19.50
C GLU B 268 -16.13 -30.06 19.24
N THR B 269 -17.37 -30.23 19.67
CA THR B 269 -18.33 -29.15 19.66
C THR B 269 -18.12 -28.35 20.93
N TYR B 270 -17.18 -27.42 20.89
CA TYR B 270 -16.76 -26.69 22.08
C TYR B 270 -16.25 -25.32 21.69
N VAL B 271 -16.94 -24.26 22.10
CA VAL B 271 -16.50 -22.92 21.76
C VAL B 271 -15.26 -22.60 22.57
N TYR B 272 -14.31 -21.94 21.92
CA TYR B 272 -13.06 -21.61 22.57
C TYR B 272 -12.37 -20.41 21.88
N ASN B 273 -11.74 -19.56 22.68
CA ASN B 273 -10.94 -18.48 22.18
C ASN B 273 -9.49 -18.92 22.09
N GLU B 274 -9.09 -19.34 20.89
CA GLU B 274 -7.74 -19.71 20.60
C GLU B 274 -7.13 -18.65 19.70
N TYR B 275 -6.13 -17.94 20.20
CA TYR B 275 -5.46 -16.87 19.43
C TYR B 275 -4.44 -17.45 18.43
N GLN B 276 -4.57 -17.07 17.16
CA GLN B 276 -3.56 -17.38 16.09
C GLN B 276 -3.44 -18.81 15.57
N ASP B 277 -3.52 -19.81 16.44
CA ASP B 277 -3.22 -21.18 16.02
C ASP B 277 -4.43 -22.12 16.05
N GLN B 278 -5.54 -21.60 15.54
CA GLN B 278 -6.79 -22.34 15.49
C GLN B 278 -6.65 -23.64 14.65
N ALA B 279 -5.96 -23.56 13.50
CA ALA B 279 -5.81 -24.72 12.62
C ALA B 279 -4.99 -25.82 13.29
N GLN B 280 -3.89 -25.42 13.92
CA GLN B 280 -2.96 -26.39 14.53
C GLN B 280 -3.58 -27.09 15.75
N THR B 281 -4.27 -26.31 16.58
CA THR B 281 -4.92 -26.85 17.77
C THR B 281 -6.29 -27.45 17.45
N GLU B 282 -6.82 -27.18 16.25
CA GLU B 282 -8.16 -27.65 15.84
C GLU B 282 -9.24 -27.12 16.75
N ARG B 283 -9.11 -25.88 17.14
CA ARG B 283 -10.08 -25.21 17.98
C ARG B 283 -10.87 -24.16 17.18
N THR B 284 -11.97 -23.70 17.73
CA THR B 284 -12.79 -22.70 17.10
C THR B 284 -13.64 -21.92 18.09
N TYR B 285 -13.90 -20.67 17.70
CA TYR B 285 -14.82 -19.78 18.39
C TYR B 285 -16.29 -20.13 18.15
N LEU B 286 -16.57 -20.88 17.09
CA LEU B 286 -17.90 -21.05 16.59
C LEU B 286 -18.10 -22.51 16.20
N ALA B 287 -18.77 -23.23 17.10
CA ALA B 287 -18.81 -24.69 17.04
C ALA B 287 -20.28 -25.10 16.98
N VAL B 288 -20.63 -25.92 15.98
CA VAL B 288 -22.02 -26.28 15.71
C VAL B 288 -22.08 -27.80 15.57
N PRO B 289 -22.99 -28.47 16.29
CA PRO B 289 -23.14 -29.94 16.21
C PRO B 289 -23.98 -30.38 14.99
N PHE B 290 -23.56 -29.92 13.82
CA PHE B 290 -24.25 -30.16 12.55
C PHE B 290 -23.19 -30.41 11.49
N PHE B 291 -23.38 -31.46 10.72
CA PHE B 291 -22.53 -31.71 9.54
C PHE B 291 -23.36 -32.12 8.36
N VAL B 292 -22.77 -31.87 7.18
CA VAL B 292 -23.33 -32.31 5.93
C VAL B 292 -22.37 -33.29 5.26
N SER B 293 -22.93 -34.41 4.85
CA SER B 293 -22.19 -35.41 4.12
C SER B 293 -22.47 -35.30 2.61
N ALA B 294 -21.44 -35.53 1.82
CA ALA B 294 -21.61 -35.61 0.38
C ALA B 294 -22.42 -36.82 -0.08
N ASN B 295 -22.73 -37.76 0.83
CA ASN B 295 -23.75 -38.80 0.54
C ASN B 295 -25.20 -38.33 0.74
N LYS B 296 -25.40 -37.03 0.81
CA LYS B 296 -26.70 -36.38 0.61
C LYS B 296 -27.58 -36.45 1.85
N TYR B 297 -26.96 -36.24 3.02
CA TYR B 297 -27.73 -36.02 4.24
C TYR B 297 -26.93 -35.11 5.13
N GLY B 298 -27.64 -34.51 6.09
CA GLY B 298 -27.00 -33.86 7.23
C GLY B 298 -27.45 -34.50 8.53
N MSE B 299 -26.71 -34.24 9.60
CA MSE B 299 -27.04 -34.74 10.93
C MSE B 299 -26.84 -33.59 11.87
O MSE B 299 -25.78 -32.93 11.84
CB MSE B 299 -26.13 -35.91 11.35
CG MSE B 299 -26.59 -36.50 12.70
SE MSE B 299 -25.61 -38.15 13.14
CE MSE B 299 -26.45 -39.31 11.80
N TYR B 300 -27.83 -33.35 12.72
CA TYR B 300 -27.81 -32.27 13.69
C TYR B 300 -28.16 -32.92 15.03
N VAL B 301 -27.25 -32.81 16.00
CA VAL B 301 -27.50 -33.25 17.35
C VAL B 301 -27.96 -32.02 18.12
N ASN B 302 -29.21 -32.06 18.56
CA ASN B 302 -29.86 -30.90 19.15
C ASN B 302 -29.62 -30.84 20.65
N SER B 303 -28.48 -30.23 21.01
CA SER B 303 -28.09 -30.06 22.40
C SER B 303 -26.98 -29.03 22.46
N ASP B 304 -27.01 -28.20 23.51
CA ASP B 304 -25.92 -27.25 23.75
C ASP B 304 -24.75 -27.84 24.55
N PHE B 305 -24.93 -29.03 25.11
CA PHE B 305 -23.82 -29.73 25.76
C PHE B 305 -22.71 -30.00 24.75
N HIS B 306 -21.49 -30.04 25.25
CA HIS B 306 -20.36 -30.50 24.46
C HIS B 306 -20.62 -31.90 23.87
N SER B 307 -20.24 -32.05 22.61
CA SER B 307 -20.21 -33.34 21.90
C SER B 307 -18.86 -33.53 21.20
N GLN B 308 -18.50 -34.80 21.06
CA GLN B 308 -17.40 -35.21 20.21
C GLN B 308 -17.93 -36.02 19.03
N PHE B 309 -17.55 -35.60 17.83
CA PHE B 309 -17.90 -36.30 16.59
C PHE B 309 -16.67 -37.07 16.14
N GLN B 310 -16.76 -38.40 16.14
CA GLN B 310 -15.63 -39.25 15.84
C GLN B 310 -15.83 -39.69 14.39
N MSE B 311 -15.20 -39.02 13.43
CA MSE B 311 -15.51 -39.23 12.02
C MSE B 311 -14.53 -40.19 11.40
O MSE B 311 -13.54 -39.78 10.76
CB MSE B 311 -15.58 -37.90 11.28
CG MSE B 311 -16.48 -36.85 11.94
SE MSE B 311 -18.28 -37.48 12.43
CE MSE B 311 -19.06 -37.68 10.64
N ALA B 312 -14.80 -41.49 11.55
CA ALA B 312 -13.91 -42.51 11.06
C ALA B 312 -12.49 -42.31 11.62
N SER B 313 -12.43 -41.86 12.87
CA SER B 313 -11.19 -41.54 13.57
C SER B 313 -10.70 -42.72 14.43
N LYS B 314 -11.59 -43.65 14.78
CA LYS B 314 -11.25 -44.81 15.61
C LYS B 314 -11.25 -46.08 14.77
N VAL B 315 -12.35 -46.30 14.05
CA VAL B 315 -12.55 -47.42 13.17
C VAL B 315 -12.82 -46.81 11.79
N GLU B 316 -12.20 -47.39 10.75
N GLU B 316 -12.18 -47.35 10.74
CA GLU B 316 -12.19 -46.76 9.43
CA GLU B 316 -12.22 -46.71 9.40
C GLU B 316 -13.57 -46.67 8.73
C GLU B 316 -13.60 -46.62 8.76
N ASP B 317 -14.52 -47.51 9.14
CA ASP B 317 -15.88 -47.49 8.56
C ASP B 317 -16.94 -47.08 9.56
N LYS B 318 -16.56 -46.36 10.61
CA LYS B 318 -17.53 -45.98 11.65
C LYS B 318 -17.43 -44.50 11.96
N TYR B 319 -18.59 -43.83 12.03
CA TYR B 319 -18.60 -42.52 12.65
C TYR B 319 -19.55 -42.54 13.81
N SER B 320 -19.25 -41.73 14.82
CA SER B 320 -19.99 -41.76 16.08
C SER B 320 -20.12 -40.34 16.61
N PHE B 321 -21.15 -40.12 17.41
CA PHE B 321 -21.18 -38.96 18.30
C PHE B 321 -21.26 -39.40 19.75
N VAL B 322 -20.59 -38.65 20.60
CA VAL B 322 -20.67 -38.84 22.04
C VAL B 322 -21.10 -37.49 22.62
N LEU B 323 -22.30 -37.46 23.19
CA LEU B 323 -22.87 -36.21 23.68
C LEU B 323 -22.88 -36.23 25.18
N ASP B 324 -22.37 -35.16 25.77
CA ASP B 324 -22.38 -34.99 27.22
C ASP B 324 -23.77 -34.61 27.77
N ASN B 325 -23.94 -34.87 29.06
CA ASN B 325 -25.13 -34.49 29.78
C ASN B 325 -24.74 -34.12 31.20
N ASP B 326 -25.58 -33.37 31.87
CA ASP B 326 -25.30 -32.92 33.22
C ASP B 326 -25.75 -33.96 34.27
N GLY B 327 -26.09 -35.19 33.88
CA GLY B 327 -26.57 -36.18 34.82
C GLY B 327 -28.09 -36.31 34.86
N ASP B 328 -28.81 -35.27 34.45
CA ASP B 328 -30.27 -35.26 34.54
C ASP B 328 -30.85 -36.38 33.68
N MSE B 329 -31.50 -37.33 34.34
CA MSE B 329 -32.00 -38.54 33.68
C MSE B 329 -33.21 -38.26 32.82
O MSE B 329 -33.66 -39.17 32.11
CB MSE B 329 -32.36 -39.59 34.72
CG MSE B 329 -31.16 -40.02 35.57
SE MSE B 329 -31.76 -41.40 36.86
CE MSE B 329 -31.56 -42.84 35.56
N THR B 330 -33.78 -37.06 32.89
CA THR B 330 -34.95 -36.67 32.09
C THR B 330 -34.62 -35.93 30.79
N ASN B 331 -33.33 -35.71 30.49
CA ASN B 331 -32.91 -35.08 29.24
C ASN B 331 -32.80 -36.13 28.15
N MSE B 332 -33.72 -36.11 27.21
CA MSE B 332 -33.67 -37.02 26.06
C MSE B 332 -32.55 -36.66 25.11
O MSE B 332 -32.18 -35.49 24.99
CB MSE B 332 -34.98 -36.99 25.28
CG MSE B 332 -36.13 -37.60 26.09
SE MSE B 332 -37.67 -37.89 24.90
CE MSE B 332 -38.19 -36.01 24.85
N LEU B 333 -32.03 -37.68 24.43
CA LEU B 333 -31.17 -37.49 23.28
C LEU B 333 -32.07 -37.11 22.14
N ASP B 334 -31.68 -36.08 21.39
CA ASP B 334 -32.51 -35.49 20.34
C ASP B 334 -31.65 -35.14 19.14
N TYR B 335 -31.83 -35.87 18.05
CA TYR B 335 -31.05 -35.61 16.84
C TYR B 335 -31.85 -35.83 15.59
N TYR B 336 -31.38 -35.22 14.51
CA TYR B 336 -32.08 -35.18 13.25
C TYR B 336 -31.19 -35.72 12.15
N VAL B 337 -31.78 -36.50 11.26
CA VAL B 337 -31.17 -36.85 9.97
C VAL B 337 -31.94 -36.10 8.89
N ILE B 338 -31.23 -35.26 8.16
CA ILE B 338 -31.81 -34.23 7.32
C ILE B 338 -31.51 -34.53 5.85
N SER B 339 -32.57 -34.69 5.07
CA SER B 339 -32.44 -34.85 3.62
C SER B 339 -32.97 -33.56 2.99
N GLY B 340 -33.13 -33.55 1.69
CA GLY B 340 -33.63 -32.38 0.96
C GLY B 340 -33.42 -32.58 -0.52
N LYS B 341 -33.75 -31.55 -1.30
CA LYS B 341 -33.72 -31.65 -2.75
C LYS B 341 -32.29 -31.64 -3.31
N ASP B 342 -31.39 -31.01 -2.58
CA ASP B 342 -29.97 -30.95 -2.91
C ASP B 342 -29.21 -30.56 -1.65
N GLN B 343 -27.91 -30.38 -1.72
CA GLN B 343 -27.13 -30.12 -0.47
C GLN B 343 -27.49 -28.78 0.18
N ASN B 344 -27.74 -27.76 -0.63
CA ASN B 344 -28.10 -26.46 -0.08
C ASN B 344 -29.45 -26.48 0.61
N ASP B 345 -30.34 -27.32 0.10
CA ASP B 345 -31.65 -27.52 0.72
C ASP B 345 -31.56 -28.26 2.07
N ILE B 346 -30.58 -29.15 2.24
CA ILE B 346 -30.27 -29.71 3.55
C ILE B 346 -29.94 -28.61 4.55
N VAL B 347 -29.11 -27.67 4.13
CA VAL B 347 -28.77 -26.53 4.98
C VAL B 347 -30.03 -25.72 5.26
N ASN B 348 -30.87 -25.48 4.26
CA ASN B 348 -32.16 -24.80 4.49
C ASN B 348 -33.00 -25.53 5.53
N ASN B 349 -33.06 -26.85 5.42
CA ASN B 349 -33.84 -27.61 6.40
C ASN B 349 -33.27 -27.51 7.80
N TYR B 350 -31.94 -27.51 7.90
CA TYR B 350 -31.28 -27.27 9.16
C TYR B 350 -31.67 -25.88 9.75
N THR B 351 -31.68 -24.85 8.91
CA THR B 351 -32.07 -23.50 9.39
C THR B 351 -33.56 -23.38 9.74
N ASP B 352 -34.43 -24.23 9.15
CA ASP B 352 -35.80 -24.37 9.65
C ASP B 352 -35.81 -24.77 11.13
N ILE B 353 -34.89 -25.64 11.52
CA ILE B 353 -34.82 -26.13 12.90
C ILE B 353 -34.18 -25.08 13.81
N THR B 354 -33.08 -24.47 13.38
CA THR B 354 -32.28 -23.66 14.28
C THR B 354 -32.34 -22.14 14.07
N GLY B 355 -32.98 -21.69 12.99
CA GLY B 355 -33.19 -20.28 12.74
C GLY B 355 -32.63 -19.85 11.41
N LYS B 356 -33.36 -19.02 10.71
CA LYS B 356 -32.89 -18.49 9.44
C LYS B 356 -31.90 -17.37 9.66
N THR B 357 -30.99 -17.20 8.71
CA THR B 357 -30.20 -15.98 8.66
C THR B 357 -31.16 -14.79 8.54
N THR B 358 -30.89 -13.74 9.32
CA THR B 358 -31.63 -12.49 9.20
C THR B 358 -30.98 -11.61 8.14
N LEU B 359 -31.74 -11.24 7.12
CA LEU B 359 -31.21 -10.33 6.09
C LEU B 359 -30.71 -9.04 6.73
N LEU B 360 -29.48 -8.67 6.41
CA LEU B 360 -28.89 -7.42 6.85
C LEU B 360 -29.09 -6.34 5.78
N PRO B 361 -29.01 -5.07 6.19
CA PRO B 361 -29.03 -3.98 5.22
C PRO B 361 -27.86 -4.06 4.26
N LYS B 362 -28.05 -3.45 3.10
CA LYS B 362 -27.07 -3.57 2.03
C LYS B 362 -25.70 -3.02 2.41
N TRP B 363 -25.66 -2.02 3.31
CA TRP B 363 -24.37 -1.42 3.68
C TRP B 363 -23.40 -2.41 4.28
N ALA B 364 -23.92 -3.45 4.91
CA ALA B 364 -23.11 -4.54 5.44
C ALA B 364 -22.27 -5.24 4.37
N PHE B 365 -22.67 -5.13 3.09
CA PHE B 365 -22.02 -5.86 2.01
C PHE B 365 -21.01 -5.03 1.21
N GLY B 366 -20.74 -3.81 1.68
CA GLY B 366 -19.63 -3.00 1.14
C GLY B 366 -18.38 -3.21 1.97
N LEU B 367 -17.35 -2.40 1.75
CA LEU B 367 -16.12 -2.56 2.51
C LEU B 367 -16.26 -1.99 3.93
N TRP B 368 -15.80 -2.78 4.91
CA TRP B 368 -15.68 -2.34 6.31
C TRP B 368 -14.23 -1.95 6.58
N MSE B 369 -14.04 -0.78 7.19
CA MSE B 369 -12.72 -0.29 7.59
C MSE B 369 -12.61 -0.33 9.08
O MSE B 369 -13.52 0.05 9.79
CB MSE B 369 -12.52 1.16 7.13
CG MSE B 369 -12.86 1.31 5.67
SE MSE B 369 -12.10 3.01 4.96
CE MSE B 369 -12.56 4.22 6.38
N SER B 370 -11.48 -0.83 9.57
CA SER B 370 -11.26 -0.98 11.01
C SER B 370 -9.77 -0.99 11.29
N ALA B 371 -9.39 -0.51 12.48
CA ALA B 371 -8.02 -0.59 12.96
C ALA B 371 -8.07 -0.33 14.45
N ASN B 372 -7.50 -1.22 15.25
CA ASN B 372 -7.49 -0.99 16.69
C ASN B 372 -6.81 0.33 17.08
N GLU B 373 -5.79 0.75 16.32
CA GLU B 373 -5.09 2.00 16.64
C GLU B 373 -5.94 3.27 16.53
N TRP B 374 -7.11 3.19 15.88
CA TRP B 374 -8.00 4.36 15.82
C TRP B 374 -8.62 4.61 17.19
N ASP B 375 -8.14 5.65 17.86
CA ASP B 375 -8.51 5.90 19.26
C ASP B 375 -8.84 7.34 19.59
N ARG B 376 -9.09 8.15 18.56
CA ARG B 376 -9.42 9.54 18.77
C ARG B 376 -10.04 10.14 17.50
N GLU B 377 -10.68 11.29 17.67
CA GLU B 377 -11.36 11.94 16.56
C GLU B 377 -10.45 12.23 15.38
N SER B 378 -9.22 12.66 15.64
CA SER B 378 -8.28 12.91 14.55
C SER B 378 -7.91 11.64 13.76
N ASP B 379 -7.90 10.46 14.40
CA ASP B 379 -7.73 9.20 13.67
C ASP B 379 -8.91 8.91 12.74
N VAL B 380 -10.12 9.21 13.18
CA VAL B 380 -11.30 9.02 12.36
C VAL B 380 -11.32 9.99 11.18
N SER B 381 -11.06 11.28 11.44
CA SER B 381 -11.03 12.24 10.34
C SER B 381 -9.94 11.90 9.32
N SER B 382 -8.78 11.44 9.77
CA SER B 382 -7.72 10.98 8.88
C SER B 382 -8.11 9.74 8.08
N ALA B 383 -8.82 8.79 8.68
CA ALA B 383 -9.26 7.58 7.98
C ALA B 383 -10.24 7.93 6.87
N LEU B 384 -11.20 8.80 7.19
CA LEU B 384 -12.15 9.26 6.19
C LEU B 384 -11.45 10.03 5.06
N SER B 385 -10.53 10.94 5.39
CA SER B 385 -9.87 11.72 4.35
C SER B 385 -8.90 10.84 3.53
N ASN B 386 -8.25 9.87 4.17
CA ASN B 386 -7.43 8.92 3.43
C ASN B 386 -8.26 8.06 2.49
N ALA B 387 -9.42 7.57 2.95
CA ALA B 387 -10.32 6.82 2.08
C ALA B 387 -10.71 7.63 0.87
N LYS B 388 -11.10 8.88 1.10
CA LYS B 388 -11.52 9.73 0.02
C LYS B 388 -10.38 10.07 -0.94
N ALA B 389 -9.22 10.45 -0.40
CA ALA B 389 -8.05 10.79 -1.23
C ALA B 389 -7.61 9.61 -2.10
N ASN B 390 -7.82 8.40 -1.60
CA ASN B 390 -7.49 7.17 -2.33
C ASN B 390 -8.67 6.52 -3.06
N ASP B 391 -9.78 7.24 -3.22
CA ASP B 391 -10.98 6.76 -3.92
C ASP B 391 -11.44 5.38 -3.45
N ILE B 392 -11.62 5.26 -2.14
CA ILE B 392 -12.04 4.00 -1.48
C ILE B 392 -13.43 4.24 -0.89
N PRO B 393 -14.51 3.95 -1.65
CA PRO B 393 -15.87 4.24 -1.16
C PRO B 393 -16.40 3.11 -0.27
N ALA B 394 -15.87 3.03 0.95
CA ALA B 394 -16.26 2.00 1.92
C ALA B 394 -17.66 2.32 2.46
N THR B 395 -18.30 1.35 3.10
CA THR B 395 -19.62 1.56 3.71
C THR B 395 -19.71 1.29 5.22
N GLY B 396 -18.70 0.66 5.80
CA GLY B 396 -18.69 0.24 7.21
C GLY B 396 -17.46 0.77 7.89
N PHE B 397 -17.60 1.08 9.18
CA PHE B 397 -16.52 1.67 9.97
C PHE B 397 -16.62 1.12 11.38
N VAL B 398 -15.49 0.63 11.92
CA VAL B 398 -15.46 0.04 13.25
C VAL B 398 -14.57 0.85 14.16
N LEU B 399 -15.04 1.16 15.35
CA LEU B 399 -14.18 1.65 16.43
C LEU B 399 -14.11 0.61 17.54
N GLU B 400 -12.88 0.29 17.96
CA GLU B 400 -12.66 -0.58 19.11
C GLU B 400 -12.11 0.21 20.29
N GLN B 401 -11.10 1.03 20.06
CA GLN B 401 -10.42 1.76 21.14
C GLN B 401 -11.11 3.10 21.36
N TRP B 402 -12.39 3.02 21.72
CA TRP B 402 -13.28 4.19 21.81
C TRP B 402 -13.65 4.61 23.23
N SER B 403 -13.63 3.66 24.16
CA SER B 403 -14.27 3.82 25.46
C SER B 403 -13.27 4.17 26.57
N ASP B 404 -13.78 4.33 27.77
CA ASP B 404 -12.95 4.53 28.98
C ASP B 404 -12.12 3.29 29.38
N GLU B 405 -12.31 2.16 28.70
CA GLU B 405 -11.61 0.89 28.99
C GLU B 405 -11.86 0.42 30.42
N GLU B 406 -13.05 0.72 30.94
CA GLU B 406 -13.49 0.25 32.25
C GLU B 406 -14.96 -0.17 32.25
N THR B 407 -15.85 0.75 31.85
CA THR B 407 -17.29 0.45 31.72
C THR B 407 -17.64 -0.07 30.32
N TYR B 408 -16.87 0.36 29.32
CA TYR B 408 -17.16 0.03 27.92
C TYR B 408 -18.52 0.51 27.41
N TYR B 409 -19.11 1.50 28.08
CA TYR B 409 -20.23 2.21 27.50
C TYR B 409 -20.11 3.74 27.57
N ILE B 410 -18.92 4.24 27.95
CA ILE B 410 -18.66 5.66 28.11
C ILE B 410 -17.45 5.99 27.26
N TRP B 411 -17.51 7.09 26.52
CA TRP B 411 -16.43 7.53 25.63
C TRP B 411 -15.18 7.83 26.43
N ASN B 412 -14.01 7.50 25.87
CA ASN B 412 -12.73 7.80 26.52
C ASN B 412 -12.60 9.31 26.82
N ASN B 413 -12.05 9.62 27.99
CA ASN B 413 -11.88 11.01 28.46
C ASN B 413 -13.16 11.76 28.83
N ALA B 414 -14.34 11.16 28.68
CA ALA B 414 -15.57 11.84 29.07
C ALA B 414 -15.64 11.96 30.59
N THR B 415 -16.12 13.10 31.06
CA THR B 415 -16.32 13.35 32.50
C THR B 415 -17.80 13.55 32.76
N TYR B 416 -18.21 13.29 34.00
CA TYR B 416 -19.61 13.17 34.39
C TYR B 416 -19.70 12.95 35.90
N THR B 417 -20.90 13.11 36.46
CA THR B 417 -21.15 12.70 37.83
C THR B 417 -21.54 11.24 37.80
N ALA B 418 -20.75 10.40 38.47
CA ALA B 418 -21.01 8.97 38.50
C ALA B 418 -22.41 8.69 39.03
N LYS B 419 -23.04 7.64 38.51
CA LYS B 419 -24.39 7.26 38.95
C LYS B 419 -24.39 5.92 39.69
N LYS B 420 -25.19 5.87 40.75
CA LYS B 420 -25.39 4.66 41.53
C LYS B 420 -26.51 3.85 40.92
N ASN B 421 -26.63 2.61 41.38
CA ASN B 421 -27.72 1.70 41.01
C ASN B 421 -27.79 1.35 39.53
N GLY B 422 -26.64 1.40 38.85
CA GLY B 422 -26.58 1.22 37.38
C GLY B 422 -27.53 2.05 36.52
N GLU B 423 -27.91 3.23 37.00
N GLU B 423 -27.90 3.24 37.01
CA GLU B 423 -28.83 4.11 36.29
CA GLU B 423 -28.81 4.14 36.30
C GLU B 423 -28.16 4.55 34.99
C GLU B 423 -28.16 4.56 34.98
N ALA B 424 -28.95 4.59 33.91
CA ALA B 424 -28.41 4.87 32.57
C ALA B 424 -28.07 6.36 32.41
N PHE B 425 -27.03 6.62 31.62
CA PHE B 425 -26.68 7.99 31.23
C PHE B 425 -27.38 8.38 29.93
N SER B 426 -27.60 9.67 29.77
N SER B 426 -27.62 9.67 29.78
CA SER B 426 -28.00 10.25 28.50
CA SER B 426 -28.01 10.28 28.51
C SER B 426 -26.83 11.09 28.02
C SER B 426 -26.79 11.05 28.00
N TYR B 427 -26.83 11.43 26.72
CA TYR B 427 -25.72 12.19 26.11
C TYR B 427 -25.35 13.47 26.87
N ASP B 428 -26.36 14.24 27.27
N ASP B 428 -26.37 14.24 27.29
CA ASP B 428 -26.13 15.51 27.97
CA ASP B 428 -26.15 15.52 27.99
C ASP B 428 -25.58 15.36 29.40
C ASP B 428 -25.60 15.36 29.41
N ASP B 429 -25.50 14.13 29.92
CA ASP B 429 -24.83 13.89 31.21
C ASP B 429 -23.32 14.03 31.13
N PHE B 430 -22.77 13.96 29.92
CA PHE B 430 -21.32 13.92 29.75
C PHE B 430 -20.75 15.27 29.35
N THR B 431 -19.51 15.51 29.74
CA THR B 431 -18.70 16.56 29.17
C THR B 431 -17.64 15.81 28.42
N PHE B 432 -17.61 16.00 27.10
CA PHE B 432 -16.71 15.26 26.24
C PHE B 432 -15.42 16.05 26.06
N ASN B 433 -14.30 15.34 26.19
CA ASN B 433 -12.97 15.95 26.26
C ASN B 433 -11.97 15.17 25.46
N GLY B 434 -10.81 15.78 25.23
CA GLY B 434 -9.59 15.05 24.91
C GLY B 434 -9.69 14.36 23.58
N LYS B 435 -9.71 13.03 23.60
CA LYS B 435 -9.71 12.24 22.38
C LYS B 435 -11.04 12.24 21.64
N TRP B 436 -12.12 12.50 22.37
CA TRP B 436 -13.46 12.54 21.79
C TRP B 436 -14.22 13.76 22.33
N THR B 437 -13.99 14.92 21.72
CA THR B 437 -14.69 16.16 22.09
C THR B 437 -16.15 16.25 21.65
N ASP B 438 -16.56 15.42 20.68
CA ASP B 438 -17.93 15.49 20.10
C ASP B 438 -18.25 14.18 19.37
N PRO B 439 -18.60 13.11 20.11
CA PRO B 439 -18.88 11.83 19.48
C PRO B 439 -20.01 11.87 18.45
N LYS B 440 -21.05 12.66 18.74
CA LYS B 440 -22.17 12.82 17.83
C LYS B 440 -21.69 13.39 16.49
N GLY B 441 -20.89 14.45 16.54
CA GLY B 441 -20.29 15.06 15.36
C GLY B 441 -19.38 14.11 14.59
N MSE B 442 -18.60 13.31 15.33
CA MSE B 442 -17.72 12.33 14.72
C MSE B 442 -18.57 11.35 13.94
O MSE B 442 -18.29 11.09 12.77
CB MSE B 442 -16.85 11.65 15.80
CG MSE B 442 -15.86 10.63 15.25
SE MSE B 442 -16.68 8.86 14.96
CE MSE B 442 -17.14 8.48 16.84
N VAL B 443 -19.63 10.82 14.56
CA VAL B 443 -20.53 9.88 13.88
C VAL B 443 -21.21 10.54 12.65
N ASP B 444 -21.64 11.80 12.79
CA ASP B 444 -22.21 12.52 11.63
C ASP B 444 -21.24 12.54 10.46
N SER B 445 -19.94 12.69 10.75
CA SER B 445 -18.94 12.78 9.70
C SER B 445 -18.78 11.43 8.98
N VAL B 446 -18.85 10.34 9.75
CA VAL B 446 -18.82 9.00 9.18
C VAL B 446 -20.03 8.78 8.26
N HIS B 447 -21.23 9.15 8.74
CA HIS B 447 -22.45 9.08 7.91
C HIS B 447 -22.34 9.95 6.66
N ASP B 448 -21.80 11.15 6.81
CA ASP B 448 -21.61 12.03 5.65
C ASP B 448 -20.74 11.40 4.55
N ALA B 449 -19.78 10.53 4.94
CA ALA B 449 -18.96 9.79 3.99
C ALA B 449 -19.66 8.57 3.36
N GLY B 450 -20.94 8.34 3.67
CA GLY B 450 -21.63 7.18 3.19
C GLY B 450 -21.29 5.91 3.96
N MSE B 451 -20.78 6.03 5.18
CA MSE B 451 -20.42 4.89 5.98
C MSE B 451 -21.33 4.79 7.19
O MSE B 451 -22.07 5.71 7.51
CB MSE B 451 -18.95 4.94 6.42
CG MSE B 451 -18.06 5.02 5.21
SE MSE B 451 -16.17 4.91 5.70
CE MSE B 451 -15.47 5.86 4.13
N ASN B 452 -21.26 3.64 7.84
N ASN B 452 -21.28 3.64 7.84
CA ASN B 452 -22.04 3.34 9.03
CA ASN B 452 -22.02 3.37 9.06
C ASN B 452 -21.07 2.78 10.06
C ASN B 452 -21.07 2.77 10.06
N ILE B 453 -21.32 3.04 11.34
CA ILE B 453 -20.32 2.83 12.38
C ILE B 453 -20.79 1.84 13.45
N VAL B 454 -19.91 0.91 13.82
CA VAL B 454 -20.20 0.01 14.96
C VAL B 454 -19.13 0.17 16.04
N LEU B 455 -19.52 -0.08 17.29
CA LEU B 455 -18.63 0.02 18.45
C LEU B 455 -18.36 -1.34 19.09
N TRP B 456 -17.11 -1.60 19.44
CA TRP B 456 -16.68 -2.82 20.13
C TRP B 456 -17.29 -2.93 21.54
N GLN B 457 -17.67 -4.17 21.88
CA GLN B 457 -18.28 -4.53 23.15
C GLN B 457 -17.77 -5.88 23.61
N VAL B 458 -17.92 -6.14 24.92
CA VAL B 458 -17.72 -7.48 25.51
C VAL B 458 -18.93 -7.78 26.41
N PRO B 459 -19.16 -9.07 26.76
CA PRO B 459 -20.29 -9.49 27.60
C PRO B 459 -20.00 -9.52 29.10
N VAL B 460 -18.87 -8.93 29.48
CA VAL B 460 -18.31 -9.08 30.79
C VAL B 460 -18.12 -7.69 31.39
N LEU B 461 -18.41 -7.55 32.68
CA LEU B 461 -18.05 -6.34 33.40
C LEU B 461 -16.62 -6.52 33.86
N LYS B 462 -15.74 -5.65 33.37
CA LYS B 462 -14.34 -5.70 33.68
C LYS B 462 -14.11 -5.45 35.16
N ASP B 463 -13.25 -6.25 35.79
CA ASP B 463 -12.82 -6.02 37.15
C ASP B 463 -11.33 -6.37 37.25
N ASP B 464 -10.52 -5.34 37.04
CA ASP B 464 -9.06 -5.45 37.08
C ASP B 464 -8.49 -5.23 38.49
N GLY B 465 -9.36 -5.18 39.51
CA GLY B 465 -8.95 -4.88 40.89
C GLY B 465 -8.67 -3.43 41.22
N THR B 466 -8.70 -2.52 40.25
CA THR B 466 -8.46 -1.10 40.52
C THR B 466 -9.76 -0.41 40.92
N VAL B 467 -9.60 0.80 41.44
CA VAL B 467 -10.71 1.65 41.78
C VAL B 467 -11.11 2.38 40.51
N TYR B 468 -12.39 2.31 40.16
CA TYR B 468 -12.98 3.10 39.08
C TYR B 468 -14.47 3.27 39.38
N GLU B 469 -14.82 4.48 39.78
CA GLU B 469 -16.08 4.77 40.48
C GLU B 469 -17.30 4.17 39.77
N GLN B 470 -17.45 4.47 38.48
CA GLN B 470 -18.69 4.08 37.80
C GLN B 470 -18.78 2.58 37.65
N ARG B 471 -17.65 1.96 37.35
CA ARG B 471 -17.61 0.51 37.22
C ARG B 471 -17.90 -0.18 38.56
N ASP B 472 -17.30 0.33 39.63
CA ASP B 472 -17.51 -0.22 40.98
C ASP B 472 -18.99 -0.06 41.36
N ASN B 473 -19.57 1.09 41.01
CA ASN B 473 -20.99 1.34 41.23
C ASN B 473 -21.84 0.31 40.50
N ASP B 474 -21.55 0.10 39.21
CA ASP B 474 -22.27 -0.86 38.39
C ASP B 474 -22.12 -2.29 38.90
N GLU B 475 -20.91 -2.65 39.30
CA GLU B 475 -20.64 -3.98 39.81
C GLU B 475 -21.46 -4.29 41.06
N GLU B 476 -21.43 -3.37 42.03
CA GLU B 476 -22.24 -3.46 43.24
C GLU B 476 -23.71 -3.74 42.91
N TYR B 477 -24.26 -2.95 42.00
CA TYR B 477 -25.66 -3.07 41.59
C TYR B 477 -25.94 -4.39 40.89
N MSE B 478 -25.11 -4.72 39.89
CA MSE B 478 -25.20 -5.99 39.17
C MSE B 478 -25.28 -7.19 40.10
O MSE B 478 -26.13 -8.07 39.92
CB MSE B 478 -23.98 -6.06 38.23
CG MSE B 478 -23.52 -7.44 37.82
SE MSE B 478 -22.19 -7.15 36.40
CE MSE B 478 -22.89 -8.52 35.18
N ILE B 479 -24.39 -7.23 41.08
CA ILE B 479 -24.32 -8.30 42.07
C ILE B 479 -25.57 -8.33 42.95
N SER B 480 -25.96 -7.17 43.49
N SER B 480 -25.93 -7.17 43.50
CA SER B 480 -27.13 -7.10 44.37
CA SER B 480 -27.14 -7.01 44.32
C SER B 480 -28.45 -7.44 43.66
C SER B 480 -28.38 -7.52 43.63
N GLN B 481 -28.52 -7.18 42.35
CA GLN B 481 -29.72 -7.56 41.55
C GLN B 481 -29.73 -9.00 41.05
N GLY B 482 -28.63 -9.73 41.19
CA GLY B 482 -28.56 -11.09 40.64
C GLY B 482 -28.44 -11.13 39.13
N TYR B 483 -27.81 -10.11 38.55
CA TYR B 483 -27.68 -9.98 37.08
C TYR B 483 -26.47 -10.72 36.54
N SER B 484 -25.54 -11.09 37.42
CA SER B 484 -24.48 -12.01 37.08
C SER B 484 -25.03 -13.43 37.03
N ALA B 485 -24.23 -14.36 36.50
CA ALA B 485 -24.43 -15.77 36.80
C ALA B 485 -23.92 -16.01 38.23
N ASP B 486 -24.23 -17.19 38.76
N ASP B 486 -24.29 -17.15 38.80
CA ASP B 486 -23.91 -17.59 40.12
CA ASP B 486 -23.84 -17.53 40.13
C ASP B 486 -22.80 -18.63 40.03
C ASP B 486 -22.76 -18.58 40.00
N ASP B 487 -21.76 -18.52 40.87
CA ASP B 487 -20.63 -19.48 40.81
C ASP B 487 -20.98 -20.87 41.33
N GLY B 488 -22.16 -20.98 41.95
CA GLY B 488 -22.65 -22.22 42.53
C GLY B 488 -22.74 -22.16 44.04
N THR B 489 -22.13 -21.13 44.64
CA THR B 489 -22.11 -20.94 46.10
C THR B 489 -22.85 -19.69 46.58
N GLY B 490 -23.46 -18.96 45.66
CA GLY B 490 -24.14 -17.71 45.99
C GLY B 490 -23.38 -16.45 45.62
N ALA B 491 -22.13 -16.59 45.16
CA ALA B 491 -21.30 -15.45 44.75
C ALA B 491 -21.36 -15.29 43.23
N PRO B 492 -21.15 -14.07 42.73
CA PRO B 492 -21.19 -13.86 41.28
C PRO B 492 -20.13 -14.70 40.53
N TYR B 493 -20.49 -15.26 39.38
CA TYR B 493 -19.52 -15.98 38.56
C TYR B 493 -18.52 -15.00 37.98
N ARG B 494 -17.23 -15.33 38.11
CA ARG B 494 -16.16 -14.56 37.47
C ARG B 494 -15.38 -15.42 36.47
N VAL B 495 -14.96 -14.81 35.38
CA VAL B 495 -14.12 -15.49 34.40
C VAL B 495 -12.82 -15.94 35.11
N PRO B 496 -12.36 -17.20 34.85
CA PRO B 496 -11.13 -17.65 35.50
C PRO B 496 -9.99 -16.66 35.32
N ALA B 497 -9.19 -16.51 36.37
CA ALA B 497 -8.21 -15.42 36.46
C ALA B 497 -7.19 -15.37 35.29
N SER B 498 -6.81 -16.54 34.75
CA SER B 498 -5.81 -16.60 33.68
C SER B 498 -6.35 -16.36 32.28
N GLN B 499 -7.67 -16.21 32.13
CA GLN B 499 -8.28 -16.03 30.83
C GLN B 499 -8.46 -14.54 30.50
N TRP B 500 -8.88 -14.28 29.27
CA TRP B 500 -9.14 -12.92 28.81
C TRP B 500 -10.29 -12.36 29.62
N PHE B 501 -10.10 -11.14 30.14
CA PHE B 501 -11.02 -10.53 31.12
C PHE B 501 -11.22 -11.38 32.39
N GLY B 502 -10.16 -12.11 32.78
CA GLY B 502 -10.17 -12.85 34.03
C GLY B 502 -10.56 -11.94 35.19
N ASN B 503 -11.31 -12.51 36.13
CA ASN B 503 -11.90 -11.81 37.25
C ASN B 503 -13.14 -10.98 36.90
N GLY B 504 -13.45 -10.79 35.62
CA GLY B 504 -14.64 -10.04 35.22
C GLY B 504 -15.91 -10.86 35.46
N ILE B 505 -17.03 -10.17 35.66
CA ILE B 505 -18.30 -10.81 35.93
C ILE B 505 -19.12 -10.83 34.64
N LEU B 506 -19.48 -12.02 34.16
CA LEU B 506 -20.35 -12.11 33.00
C LEU B 506 -21.74 -11.60 33.32
N LEU B 507 -22.32 -10.87 32.37
CA LEU B 507 -23.73 -10.56 32.41
C LEU B 507 -24.50 -11.82 32.05
N ASP B 508 -25.51 -12.16 32.84
CA ASP B 508 -26.31 -13.34 32.56
C ASP B 508 -27.36 -13.02 31.49
N PHE B 509 -27.01 -13.32 30.23
CA PHE B 509 -27.89 -13.06 29.09
C PHE B 509 -29.14 -13.95 29.02
N THR B 510 -29.25 -14.93 29.90
CA THR B 510 -30.50 -15.68 30.07
C THR B 510 -31.53 -14.93 30.94
N ASN B 511 -31.09 -13.89 31.66
CA ASN B 511 -31.90 -13.13 32.60
C ASN B 511 -32.37 -11.87 31.88
N LYS B 512 -33.64 -11.86 31.48
CA LYS B 512 -34.18 -10.71 30.74
C LYS B 512 -34.02 -9.34 31.47
N ASP B 513 -34.20 -9.30 32.78
CA ASP B 513 -34.00 -8.08 33.55
C ASP B 513 -32.55 -7.61 33.48
N ALA B 514 -31.63 -8.56 33.55
CA ALA B 514 -30.20 -8.26 33.43
C ALA B 514 -29.86 -7.69 32.05
N VAL B 515 -30.40 -8.31 31.00
CA VAL B 515 -30.17 -7.88 29.63
C VAL B 515 -30.75 -6.46 29.42
N ASP B 516 -31.98 -6.24 29.89
CA ASP B 516 -32.60 -4.90 29.86
C ASP B 516 -31.74 -3.86 30.55
N TRP B 517 -31.19 -4.19 31.71
CA TRP B 517 -30.29 -3.28 32.41
C TRP B 517 -29.02 -2.97 31.58
N TRP B 518 -28.35 -4.03 31.15
CA TRP B 518 -27.07 -3.93 30.43
C TRP B 518 -27.20 -3.08 29.18
N THR B 519 -28.23 -3.37 28.40
CA THR B 519 -28.47 -2.67 27.14
C THR B 519 -28.98 -1.24 27.38
N SER B 520 -29.73 -0.99 28.47
CA SER B 520 -30.13 0.38 28.81
C SER B 520 -28.91 1.33 29.01
N GLN B 521 -27.79 0.78 29.46
CA GLN B 521 -26.59 1.58 29.63
C GLN B 521 -25.97 2.01 28.30
N ARG B 522 -26.25 1.26 27.24
CA ARG B 522 -25.78 1.56 25.88
C ARG B 522 -26.80 2.30 25.02
N GLU B 523 -28.03 2.46 25.51
CA GLU B 523 -29.11 3.05 24.73
C GLU B 523 -28.73 4.38 24.09
N TYR B 524 -28.17 5.29 24.88
CA TYR B 524 -27.80 6.63 24.39
C TYR B 524 -26.87 6.61 23.19
N LEU B 525 -26.05 5.54 23.07
CA LEU B 525 -25.15 5.40 21.92
C LEU B 525 -25.92 5.26 20.63
N LEU B 526 -27.06 4.58 20.68
CA LEU B 526 -27.94 4.38 19.53
C LEU B 526 -28.87 5.57 19.33
N THR B 527 -29.59 5.97 20.38
CA THR B 527 -30.62 7.01 20.27
C THR B 527 -30.07 8.43 20.05
N GLU B 528 -28.93 8.76 20.62
CA GLU B 528 -28.36 10.11 20.55
C GLU B 528 -27.04 10.21 19.80
N VAL B 529 -26.11 9.30 20.03
CA VAL B 529 -24.83 9.37 19.33
C VAL B 529 -25.03 8.93 17.86
N GLY B 530 -25.93 7.98 17.64
CA GLY B 530 -26.38 7.60 16.32
C GLY B 530 -25.62 6.43 15.69
N ILE B 531 -25.06 5.56 16.52
CA ILE B 531 -24.30 4.42 15.97
C ILE B 531 -25.19 3.39 15.26
N ASP B 532 -24.55 2.50 14.49
CA ASP B 532 -25.22 1.56 13.62
C ASP B 532 -24.98 0.10 13.98
N GLY B 533 -24.66 -0.16 15.26
CA GLY B 533 -24.53 -1.53 15.80
C GLY B 533 -23.28 -1.73 16.63
N PHE B 534 -22.98 -2.98 16.93
CA PHE B 534 -21.91 -3.32 17.85
C PHE B 534 -21.05 -4.44 17.28
N LYS B 535 -19.74 -4.34 17.49
CA LYS B 535 -18.85 -5.47 17.30
C LYS B 535 -18.80 -6.19 18.65
N THR B 536 -19.68 -7.18 18.76
CA THR B 536 -19.83 -7.96 19.98
C THR B 536 -18.81 -9.07 20.01
N ASP B 537 -17.68 -8.78 20.64
CA ASP B 537 -16.52 -9.65 20.71
C ASP B 537 -16.63 -10.59 21.93
N GLY B 538 -15.82 -11.63 21.94
CA GLY B 538 -15.77 -12.54 23.05
C GLY B 538 -16.98 -13.43 23.20
N GLY B 539 -17.20 -13.91 24.42
CA GLY B 539 -18.29 -14.82 24.73
C GLY B 539 -17.87 -16.24 25.05
N GLU B 540 -16.59 -16.59 24.84
CA GLU B 540 -16.09 -17.95 25.09
C GLU B 540 -15.58 -18.01 26.53
N MSE B 541 -16.45 -17.63 27.47
CA MSE B 541 -16.02 -17.22 28.82
C MSE B 541 -16.70 -17.97 29.96
O MSE B 541 -16.48 -17.62 31.11
CB MSE B 541 -16.29 -15.71 28.93
CG MSE B 541 -15.33 -14.93 28.04
SE MSE B 541 -15.95 -13.07 27.84
CE MSE B 541 -14.27 -12.24 27.24
N VAL B 542 -17.51 -18.97 29.67
CA VAL B 542 -18.23 -19.72 30.70
C VAL B 542 -17.47 -21.00 30.99
N TRP B 543 -16.87 -21.05 32.16
CA TRP B 543 -16.24 -22.25 32.68
C TRP B 543 -17.01 -22.65 33.96
N GLY B 544 -16.78 -23.87 34.40
CA GLY B 544 -17.15 -24.32 35.72
C GLY B 544 -18.46 -25.04 35.69
N ARG B 545 -18.48 -26.26 36.19
CA ARG B 545 -19.71 -27.06 36.22
C ARG B 545 -20.80 -26.53 37.13
N ASP B 546 -20.43 -25.86 38.21
CA ASP B 546 -21.43 -25.34 39.18
C ASP B 546 -21.96 -23.97 38.77
N THR B 547 -21.39 -23.36 37.73
CA THR B 547 -21.82 -22.05 37.27
C THR B 547 -23.29 -22.14 36.88
N THR B 548 -24.14 -21.26 37.43
CA THR B 548 -25.60 -21.39 37.32
C THR B 548 -26.24 -20.11 36.79
N PHE B 549 -27.09 -20.28 35.79
CA PHE B 549 -27.74 -19.18 35.09
C PHE B 549 -29.20 -19.11 35.50
N SER B 550 -29.81 -17.97 35.23
CA SER B 550 -31.17 -17.69 35.66
C SER B 550 -32.20 -18.67 35.08
N ASN B 551 -31.90 -19.27 33.93
CA ASN B 551 -32.78 -20.28 33.34
C ASN B 551 -32.65 -21.68 33.97
N GLY B 552 -31.84 -21.79 35.02
CA GLY B 552 -31.65 -23.04 35.75
C GLY B 552 -30.55 -23.91 35.14
N GLU B 553 -30.02 -23.52 34.00
CA GLU B 553 -28.99 -24.32 33.34
C GLU B 553 -27.65 -23.97 33.96
N LYS B 554 -26.71 -24.90 33.84
CA LYS B 554 -25.40 -24.75 34.46
C LYS B 554 -24.30 -24.75 33.38
N GLY B 555 -23.03 -24.71 33.83
CA GLY B 555 -21.90 -24.43 32.94
C GLY B 555 -21.72 -25.35 31.76
N GLN B 556 -21.92 -26.65 31.96
CA GLN B 556 -21.77 -27.59 30.87
C GLN B 556 -22.73 -27.31 29.73
N GLU B 557 -23.99 -27.06 30.05
CA GLU B 557 -24.98 -26.82 29.03
C GLU B 557 -24.83 -25.41 28.41
N MSE B 558 -24.41 -24.43 29.20
CA MSE B 558 -24.46 -23.02 28.77
C MSE B 558 -23.18 -22.56 28.09
O MSE B 558 -23.22 -21.50 27.42
CB MSE B 558 -24.77 -22.14 29.97
CG MSE B 558 -26.27 -22.20 30.28
SE MSE B 558 -27.34 -21.38 28.84
CE MSE B 558 -26.41 -19.65 28.77
N ARG B 559 -22.06 -23.26 28.23
CA ARG B 559 -20.83 -22.78 27.60
C ARG B 559 -20.99 -22.47 26.09
N ASN B 560 -21.51 -23.40 25.31
CA ASN B 560 -21.63 -23.15 23.87
C ASN B 560 -22.77 -22.16 23.53
N ARG B 561 -23.81 -22.11 24.38
CA ARG B 561 -25.00 -21.29 24.13
C ARG B 561 -24.79 -19.81 24.48
N TYR B 562 -24.01 -19.56 25.53
CA TYR B 562 -23.80 -18.23 26.07
C TYR B 562 -23.43 -17.18 25.01
N PRO B 563 -22.43 -17.46 24.14
CA PRO B 563 -22.07 -16.44 23.13
C PRO B 563 -23.23 -16.05 22.21
N THR B 564 -24.04 -17.03 21.82
CA THR B 564 -25.20 -16.75 20.99
C THR B 564 -26.33 -16.03 21.75
N ASP B 565 -26.51 -16.30 23.03
CA ASP B 565 -27.43 -15.51 23.86
C ASP B 565 -27.01 -14.03 23.93
N TYR B 566 -25.74 -13.82 24.21
CA TYR B 566 -25.08 -12.51 24.16
C TYR B 566 -25.23 -11.80 22.82
N VAL B 567 -24.78 -12.44 21.75
CA VAL B 567 -24.82 -11.82 20.42
C VAL B 567 -26.25 -11.49 20.00
N SER B 568 -27.17 -12.43 20.18
CA SER B 568 -28.55 -12.21 19.79
C SER B 568 -29.20 -11.08 20.61
N SER B 569 -28.89 -11.04 21.91
CA SER B 569 -29.45 -9.96 22.76
C SER B 569 -29.05 -8.57 22.27
N TYR B 570 -27.78 -8.38 21.95
CA TYR B 570 -27.32 -7.11 21.41
C TYR B 570 -27.87 -6.81 20.02
N PHE B 571 -27.90 -7.84 19.16
CA PHE B 571 -28.37 -7.63 17.78
C PHE B 571 -29.83 -7.16 17.78
N ASP B 572 -30.69 -7.85 18.55
CA ASP B 572 -32.10 -7.47 18.67
C ASP B 572 -32.27 -6.08 19.31
N PHE B 573 -31.53 -5.82 20.37
CA PHE B 573 -31.54 -4.51 21.01
C PHE B 573 -31.22 -3.36 20.04
N ALA B 574 -30.11 -3.48 19.32
CA ALA B 574 -29.67 -2.40 18.43
C ALA B 574 -30.69 -2.19 17.32
N LYS B 575 -31.18 -3.27 16.75
CA LYS B 575 -32.15 -3.20 15.66
C LYS B 575 -33.48 -2.61 16.10
N SER B 576 -33.83 -2.82 17.38
CA SER B 576 -35.07 -2.28 17.94
C SER B 576 -35.08 -0.75 17.91
N ILE B 577 -33.91 -0.13 17.99
CA ILE B 577 -33.77 1.32 17.95
C ILE B 577 -33.41 1.82 16.56
N ASN B 578 -32.46 1.15 15.94
CA ASN B 578 -31.98 1.51 14.61
C ASN B 578 -32.20 0.30 13.70
N PRO B 579 -33.23 0.34 12.85
CA PRO B 579 -33.51 -0.78 11.92
C PRO B 579 -32.35 -1.19 10.99
N GLU B 580 -31.45 -0.26 10.67
N GLU B 580 -31.43 -0.28 10.69
CA GLU B 580 -30.24 -0.50 9.87
CA GLU B 580 -30.28 -0.59 9.86
C GLU B 580 -29.03 -1.05 10.65
C GLU B 580 -29.04 -1.02 10.66
N ALA B 581 -29.21 -1.35 11.94
CA ALA B 581 -28.09 -1.77 12.78
C ALA B 581 -27.61 -3.18 12.45
N VAL B 582 -26.30 -3.38 12.52
CA VAL B 582 -25.68 -4.67 12.19
C VAL B 582 -24.73 -5.07 13.33
N SER B 583 -24.73 -6.36 13.68
CA SER B 583 -23.77 -6.93 14.64
C SER B 583 -22.64 -7.65 13.91
N PHE B 584 -21.46 -7.64 14.53
CA PHE B 584 -20.23 -8.17 13.98
C PHE B 584 -19.57 -8.94 15.12
N SER B 585 -19.53 -10.27 15.03
CA SER B 585 -19.24 -11.13 16.18
C SER B 585 -18.32 -12.27 15.75
N ARG B 586 -17.73 -12.98 16.69
CA ARG B 586 -16.87 -14.13 16.37
C ARG B 586 -17.33 -15.47 16.94
N SER B 587 -18.13 -15.49 18.01
CA SER B 587 -18.42 -16.71 18.72
C SER B 587 -19.87 -17.09 18.66
N GLY B 588 -20.15 -18.38 18.70
CA GLY B 588 -21.55 -18.82 18.75
C GLY B 588 -21.69 -20.31 18.57
N THR B 589 -22.93 -20.76 18.56
CA THR B 589 -23.28 -22.15 18.27
C THR B 589 -24.50 -22.16 17.33
N SER B 590 -25.24 -23.27 17.29
N SER B 590 -25.24 -23.26 17.29
CA SER B 590 -26.42 -23.36 16.43
CA SER B 590 -26.46 -23.35 16.48
C SER B 590 -27.38 -22.21 16.74
C SER B 590 -27.38 -22.17 16.75
N GLY B 591 -27.87 -21.55 15.68
CA GLY B 591 -28.70 -20.35 15.82
C GLY B 591 -27.94 -19.05 15.67
N ALA B 592 -26.60 -19.10 15.72
CA ALA B 592 -25.74 -17.92 15.52
C ALA B 592 -26.15 -17.11 14.31
N GLN B 593 -26.54 -17.82 13.25
CA GLN B 593 -26.88 -17.23 11.95
C GLN B 593 -28.03 -16.22 11.99
N LYS B 594 -28.89 -16.30 13.01
CA LYS B 594 -29.96 -15.31 13.15
C LYS B 594 -29.46 -13.88 13.40
N SER B 595 -28.23 -13.71 13.89
CA SER B 595 -27.85 -12.45 14.49
C SER B 595 -26.56 -11.85 13.94
N GLY B 596 -26.52 -11.59 12.64
CA GLY B 596 -25.48 -10.72 12.07
C GLY B 596 -24.25 -11.40 11.50
N ILE B 597 -23.17 -10.64 11.40
CA ILE B 597 -21.95 -11.10 10.73
C ILE B 597 -21.05 -11.85 11.71
N TYR B 598 -20.34 -12.86 11.20
CA TYR B 598 -19.31 -13.53 11.99
C TYR B 598 -17.98 -13.43 11.28
N TRP B 599 -16.94 -12.97 11.98
CA TRP B 599 -15.59 -12.91 11.39
C TRP B 599 -14.75 -14.01 12.00
N SER B 600 -13.70 -14.41 11.28
CA SER B 600 -12.91 -15.59 11.64
C SER B 600 -11.86 -15.40 12.72
N GLY B 601 -11.88 -14.26 13.40
CA GLY B 601 -11.04 -14.04 14.58
C GLY B 601 -9.59 -13.70 14.30
N ASP B 602 -8.73 -14.07 15.24
CA ASP B 602 -7.40 -13.49 15.33
C ASP B 602 -6.37 -14.35 14.63
N GLN B 603 -5.85 -13.85 13.52
CA GLN B 603 -4.91 -14.59 12.69
C GLN B 603 -3.75 -13.71 12.25
N THR B 604 -2.61 -14.34 11.99
CA THR B 604 -1.41 -13.63 11.53
C THR B 604 -1.41 -13.39 10.02
N SER B 605 -0.62 -12.40 9.60
CA SER B 605 -0.52 -12.02 8.21
C SER B 605 0.39 -12.95 7.42
N THR B 606 -0.09 -14.17 7.15
CA THR B 606 0.68 -15.15 6.36
C THR B 606 -0.26 -15.85 5.39
N PHE B 607 0.33 -16.53 4.41
CA PHE B 607 -0.42 -17.37 3.48
C PHE B 607 -1.03 -18.58 4.18
N ASP B 608 -0.31 -19.16 5.14
N ASP B 608 -0.31 -19.16 5.14
CA ASP B 608 -0.89 -20.26 5.92
CA ASP B 608 -0.85 -20.25 5.94
C ASP B 608 -2.16 -19.80 6.64
C ASP B 608 -2.14 -19.81 6.64
N SER B 609 -2.14 -18.62 7.25
CA SER B 609 -3.36 -18.08 7.89
C SER B 609 -4.52 -17.84 6.88
N PHE B 610 -4.18 -17.27 5.72
CA PHE B 610 -5.10 -17.06 4.59
C PHE B 610 -5.78 -18.39 4.23
N GLN B 611 -4.99 -19.45 4.10
CA GLN B 611 -5.56 -20.76 3.80
C GLN B 611 -6.53 -21.23 4.87
N ALA B 612 -6.17 -21.01 6.13
CA ALA B 612 -7.02 -21.39 7.25
C ALA B 612 -8.30 -20.54 7.29
N SER B 613 -8.20 -19.24 7.03
CA SER B 613 -9.38 -18.39 6.94
C SER B 613 -10.37 -18.90 5.90
N LEU B 614 -9.86 -19.27 4.72
CA LEU B 614 -10.74 -19.76 3.68
C LEU B 614 -11.48 -21.04 4.13
N LYS B 615 -10.76 -21.94 4.79
CA LYS B 615 -11.39 -23.15 5.33
C LYS B 615 -12.47 -22.81 6.36
N ALA B 616 -12.21 -21.81 7.20
CA ALA B 616 -13.13 -21.35 8.21
C ALA B 616 -14.40 -20.82 7.54
N GLY B 617 -14.25 -20.07 6.46
CA GLY B 617 -15.40 -19.52 5.76
C GLY B 617 -16.24 -20.60 5.08
N LEU B 618 -15.57 -21.56 4.47
CA LEU B 618 -16.26 -22.63 3.76
C LEU B 618 -16.99 -23.59 4.69
N SER B 619 -16.38 -23.90 5.82
CA SER B 619 -17.03 -24.77 6.81
C SER B 619 -18.18 -24.00 7.46
N ALA B 620 -17.97 -22.73 7.81
CA ALA B 620 -19.04 -21.95 8.42
C ALA B 620 -20.26 -21.87 7.48
N SER B 621 -20.00 -21.69 6.20
CA SER B 621 -21.04 -21.68 5.16
C SER B 621 -21.93 -22.93 5.17
N THR B 622 -21.30 -24.09 5.21
CA THR B 622 -22.03 -25.35 5.24
C THR B 622 -22.87 -25.44 6.51
N SER B 623 -22.35 -24.84 7.59
CA SER B 623 -23.02 -24.83 8.89
C SER B 623 -24.12 -23.78 9.01
N GLY B 624 -24.48 -23.12 7.90
CA GLY B 624 -25.54 -22.13 7.89
C GLY B 624 -25.09 -20.73 8.30
N VAL B 625 -23.79 -20.51 8.46
CA VAL B 625 -23.27 -19.19 8.82
C VAL B 625 -22.72 -18.61 7.51
N SER B 626 -23.54 -17.80 6.86
CA SER B 626 -23.33 -17.34 5.49
C SER B 626 -22.66 -15.97 5.47
N TYR B 627 -23.10 -15.09 6.38
CA TYR B 627 -22.59 -13.72 6.43
C TYR B 627 -21.27 -13.72 7.19
N TRP B 628 -20.25 -14.21 6.52
CA TRP B 628 -18.95 -14.44 7.10
C TRP B 628 -17.91 -13.47 6.58
N ALA B 629 -17.05 -13.03 7.50
CA ALA B 629 -15.96 -12.11 7.22
C ALA B 629 -14.63 -12.68 7.74
N TRP B 630 -13.54 -12.09 7.29
CA TRP B 630 -12.22 -12.32 7.85
C TRP B 630 -11.44 -11.01 7.80
N ASP B 631 -10.42 -10.90 8.63
CA ASP B 631 -9.52 -9.76 8.59
C ASP B 631 -8.61 -9.98 7.39
N MSE B 632 -8.90 -9.31 6.28
CA MSE B 632 -8.16 -9.61 5.02
C MSE B 632 -6.66 -9.40 5.21
O MSE B 632 -6.24 -8.38 5.75
CB MSE B 632 -8.71 -8.83 3.82
CG MSE B 632 -8.72 -7.35 4.04
SE MSE B 632 -8.82 -6.40 2.32
CE MSE B 632 -6.86 -6.42 2.07
N ALA B 633 -5.86 -10.39 4.81
CA ALA B 633 -4.40 -10.41 4.92
C ALA B 633 -3.87 -10.53 6.36
N GLY B 634 -4.74 -10.82 7.32
CA GLY B 634 -4.36 -10.98 8.72
C GLY B 634 -4.34 -9.65 9.46
N PHE B 635 -4.66 -9.69 10.74
CA PHE B 635 -4.68 -8.48 11.58
C PHE B 635 -3.44 -8.30 12.44
N THR B 636 -2.56 -9.30 12.47
CA THR B 636 -1.43 -9.22 13.37
C THR B 636 -0.23 -9.97 12.80
N GLY B 637 0.86 -9.97 13.56
CA GLY B 637 2.13 -10.47 13.09
C GLY B 637 2.76 -9.39 12.23
N ASP B 638 3.89 -9.73 11.63
CA ASP B 638 4.57 -8.75 10.79
C ASP B 638 3.69 -8.34 9.62
N TYR B 639 3.82 -7.08 9.21
CA TYR B 639 2.95 -6.49 8.19
C TYR B 639 2.93 -7.38 6.96
N PRO B 640 1.75 -7.57 6.34
CA PRO B 640 1.74 -8.47 5.17
C PRO B 640 2.62 -8.00 4.01
N THR B 641 3.15 -8.94 3.26
CA THR B 641 3.87 -8.58 2.02
C THR B 641 2.89 -7.99 1.01
N ALA B 642 3.41 -7.24 0.04
CA ALA B 642 2.58 -6.74 -1.03
C ALA B 642 1.82 -7.90 -1.71
N GLU B 643 2.51 -9.03 -1.92
CA GLU B 643 1.90 -10.19 -2.58
C GLU B 643 0.71 -10.73 -1.78
N LEU B 644 0.90 -10.97 -0.50
CA LEU B 644 -0.20 -11.45 0.34
C LEU B 644 -1.35 -10.46 0.32
N TYR B 645 -1.01 -9.17 0.44
CA TYR B 645 -2.04 -8.15 0.50
C TYR B 645 -2.92 -8.16 -0.75
N LYS B 646 -2.29 -8.26 -1.92
CA LYS B 646 -3.02 -8.33 -3.19
C LYS B 646 -3.86 -9.61 -3.34
N ARG B 647 -3.28 -10.76 -2.98
CA ARG B 647 -4.04 -12.02 -3.09
C ARG B 647 -5.23 -12.04 -2.15
N ALA B 648 -5.02 -11.53 -0.94
CA ALA B 648 -6.10 -11.46 0.04
C ALA B 648 -7.18 -10.48 -0.36
N THR B 649 -6.78 -9.31 -0.88
CA THR B 649 -7.73 -8.32 -1.36
C THR B 649 -8.71 -8.96 -2.36
N ALA B 650 -8.18 -9.74 -3.29
CA ALA B 650 -8.96 -10.30 -4.37
C ALA B 650 -9.99 -11.29 -3.80
N MSE B 651 -9.53 -12.20 -2.94
CA MSE B 651 -10.47 -13.15 -2.27
C MSE B 651 -11.49 -12.38 -1.47
O MSE B 651 -12.70 -12.69 -1.55
CB MSE B 651 -9.73 -14.15 -1.40
CG MSE B 651 -10.58 -15.29 -0.83
SE MSE B 651 -11.55 -14.75 0.80
CE MSE B 651 -10.70 -15.86 2.22
N ALA B 652 -11.04 -11.37 -0.71
CA ALA B 652 -11.92 -10.65 0.19
C ALA B 652 -13.08 -9.94 -0.53
N ALA B 653 -12.78 -9.37 -1.70
CA ALA B 653 -13.77 -8.72 -2.55
C ALA B 653 -14.81 -9.68 -3.11
N PHE B 654 -14.43 -10.96 -3.22
CA PHE B 654 -15.31 -12.05 -3.61
C PHE B 654 -15.67 -12.99 -2.45
N ALA B 655 -15.89 -12.40 -1.27
CA ALA B 655 -16.31 -13.15 -0.07
C ALA B 655 -17.56 -12.48 0.49
N PRO B 656 -18.25 -13.14 1.44
CA PRO B 656 -19.54 -12.58 1.81
C PRO B 656 -19.46 -11.20 2.43
N ILE B 657 -18.49 -10.99 3.31
CA ILE B 657 -18.25 -9.70 3.96
C ILE B 657 -16.79 -9.34 3.80
N MSE B 658 -16.53 -8.12 3.32
CA MSE B 658 -15.18 -7.59 3.06
C MSE B 658 -14.82 -6.59 4.14
O MSE B 658 -15.53 -5.58 4.35
CB MSE B 658 -15.14 -6.95 1.66
CG MSE B 658 -13.72 -6.53 1.26
SE MSE B 658 -13.72 -5.52 -0.41
CE MSE B 658 -11.77 -5.58 -0.70
N GLN B 659 -13.70 -6.83 4.82
CA GLN B 659 -13.29 -6.04 5.99
C GLN B 659 -11.79 -6.12 6.22
N PHE B 660 -11.13 -4.98 6.40
CA PHE B 660 -9.74 -4.95 6.88
C PHE B 660 -9.68 -4.50 8.33
N HIS B 661 -8.64 -4.93 9.03
CA HIS B 661 -8.53 -4.78 10.48
C HIS B 661 -7.07 -4.99 10.93
N SER B 662 -6.72 -4.45 12.08
CA SER B 662 -5.40 -4.62 12.66
C SER B 662 -5.43 -4.61 14.19
N GLU B 663 -4.50 -5.35 14.81
CA GLU B 663 -4.52 -5.55 16.26
C GLU B 663 -3.91 -4.40 17.07
N LYS B 664 -2.76 -3.88 16.63
CA LYS B 664 -1.92 -3.08 17.53
C LYS B 664 -2.61 -1.77 17.92
N SER B 665 -2.46 -1.35 19.17
CA SER B 665 -3.23 -0.21 19.70
C SER B 665 -2.61 1.17 19.46
N ASP B 666 -1.29 1.23 19.35
CA ASP B 666 -0.59 2.50 19.11
C ASP B 666 0.79 2.27 18.50
N PRO B 667 0.83 1.61 17.34
CA PRO B 667 2.11 1.29 16.73
C PRO B 667 2.70 2.45 15.94
N SER B 668 4.01 2.37 15.72
CA SER B 668 4.70 3.26 14.79
C SER B 668 5.79 2.44 14.07
N PRO B 669 5.75 2.29 12.74
CA PRO B 669 4.73 2.87 11.85
C PRO B 669 3.37 2.19 12.03
N SER B 670 2.35 2.77 11.39
CA SER B 670 0.98 2.29 11.47
C SER B 670 0.86 0.83 11.02
N GLU B 671 -0.05 0.10 11.66
CA GLU B 671 -0.34 -1.27 11.30
C GLU B 671 -1.66 -1.42 10.55
N GLU B 672 -2.30 -0.32 10.12
CA GLU B 672 -3.57 -0.43 9.40
C GLU B 672 -3.40 -1.36 8.21
N ARG B 673 -4.37 -2.26 8.01
CA ARG B 673 -4.43 -3.07 6.79
C ARG B 673 -5.26 -2.36 5.69
N SER B 674 -5.24 -1.02 5.69
CA SER B 674 -5.85 -0.23 4.64
C SER B 674 -4.93 -0.23 3.42
N PRO B 675 -5.51 0.00 2.24
CA PRO B 675 -4.65 -0.03 1.05
C PRO B 675 -3.61 1.10 1.04
N TRP B 676 -3.94 2.27 1.57
CA TRP B 676 -2.97 3.38 1.59
C TRP B 676 -1.83 3.09 2.55
N ASN B 677 -2.14 2.53 3.70
CA ASN B 677 -1.06 2.13 4.59
C ASN B 677 -0.24 0.94 4.08
N ALA B 678 -0.86 0.03 3.35
CA ALA B 678 -0.12 -1.08 2.74
C ALA B 678 0.90 -0.58 1.71
N VAL B 679 0.51 0.42 0.92
CA VAL B 679 1.43 1.09 -0.01
C VAL B 679 2.59 1.67 0.78
N ALA B 680 2.28 2.40 1.84
CA ALA B 680 3.29 3.03 2.68
C ALA B 680 4.23 2.02 3.32
N ARG B 681 3.68 0.94 3.86
CA ARG B 681 4.48 -0.09 4.56
C ARG B 681 5.36 -0.94 3.63
N THR B 682 4.84 -1.29 2.47
CA THR B 682 5.54 -2.20 1.55
C THR B 682 6.36 -1.46 0.50
N GLY B 683 6.03 -0.18 0.28
CA GLY B 683 6.65 0.61 -0.77
C GLY B 683 6.13 0.31 -2.16
N ASP B 684 5.10 -0.55 -2.27
CA ASP B 684 4.57 -0.97 -3.56
C ASP B 684 3.32 -0.17 -3.90
N GLU B 685 3.50 0.88 -4.73
CA GLU B 685 2.41 1.75 -5.12
C GLU B 685 1.32 1.02 -5.92
N THR B 686 1.65 -0.11 -6.54
CA THR B 686 0.65 -0.82 -7.35
C THR B 686 -0.44 -1.48 -6.50
N ILE B 687 -0.24 -1.57 -5.17
CA ILE B 687 -1.29 -2.09 -4.29
C ILE B 687 -2.61 -1.30 -4.45
N LEU B 688 -2.49 0.02 -4.57
CA LEU B 688 -3.69 0.86 -4.63
C LEU B 688 -4.60 0.57 -5.85
N PRO B 689 -4.08 0.65 -7.10
CA PRO B 689 -4.94 0.30 -8.24
C PRO B 689 -5.51 -1.13 -8.21
N THR B 690 -4.73 -2.08 -7.69
CA THR B 690 -5.22 -3.45 -7.56
C THR B 690 -6.36 -3.52 -6.55
N PHE B 691 -6.22 -2.87 -5.40
CA PHE B 691 -7.28 -2.83 -4.41
C PHE B 691 -8.52 -2.17 -4.97
N GLN B 692 -8.32 -1.04 -5.64
CA GLN B 692 -9.41 -0.33 -6.31
C GLN B 692 -10.14 -1.21 -7.33
N LYS B 693 -9.40 -1.93 -8.17
CA LYS B 693 -10.01 -2.86 -9.12
C LYS B 693 -10.99 -3.81 -8.42
N TYR B 694 -10.55 -4.44 -7.33
CA TYR B 694 -11.37 -5.45 -6.66
C TYR B 694 -12.54 -4.81 -5.89
N LEU B 695 -12.31 -3.69 -5.20
CA LEU B 695 -13.39 -2.98 -4.51
C LEU B 695 -14.43 -2.49 -5.51
N TYR B 696 -13.98 -1.91 -6.62
CA TYR B 696 -14.94 -1.39 -7.58
C TYR B 696 -15.72 -2.54 -8.21
N THR B 697 -15.05 -3.65 -8.46
CA THR B 697 -15.71 -4.83 -9.03
C THR B 697 -16.79 -5.35 -8.05
N ARG B 698 -16.46 -5.40 -6.77
CA ARG B 698 -17.46 -5.79 -5.77
C ARG B 698 -18.68 -4.88 -5.82
N MSE B 699 -18.45 -3.57 -5.91
CA MSE B 699 -19.57 -2.63 -5.98
C MSE B 699 -20.31 -2.78 -7.29
O MSE B 699 -21.53 -2.71 -7.29
CB MSE B 699 -19.13 -1.18 -5.67
CG MSE B 699 -18.44 -0.98 -4.31
SE MSE B 699 -19.48 -1.69 -2.80
CE MSE B 699 -20.60 -0.12 -2.50
N ASN B 700 -19.60 -3.04 -8.40
CA ASN B 700 -20.30 -3.39 -9.67
C ASN B 700 -21.19 -4.62 -9.49
N LEU B 701 -20.76 -5.59 -8.69
CA LEU B 701 -21.53 -6.82 -8.45
C LEU B 701 -22.47 -6.73 -7.25
N LEU B 702 -22.60 -5.55 -6.64
CA LEU B 702 -23.41 -5.43 -5.44
C LEU B 702 -24.87 -5.91 -5.63
N PRO B 703 -25.49 -5.66 -6.82
CA PRO B 703 -26.84 -6.20 -7.01
C PRO B 703 -26.93 -7.72 -6.95
N TYR B 704 -25.92 -8.38 -7.52
CA TYR B 704 -25.79 -9.84 -7.47
C TYR B 704 -25.50 -10.33 -6.05
N ILE B 705 -24.56 -9.66 -5.38
CA ILE B 705 -24.17 -10.02 -4.02
C ILE B 705 -25.36 -9.89 -3.06
N TYR B 706 -26.11 -8.78 -3.16
CA TYR B 706 -27.19 -8.57 -2.20
C TYR B 706 -28.39 -9.50 -2.50
N THR B 707 -28.62 -9.82 -3.78
CA THR B 707 -29.61 -10.85 -4.10
C THR B 707 -29.20 -12.19 -3.46
N ALA B 708 -27.91 -12.52 -3.51
CA ALA B 708 -27.43 -13.74 -2.86
C ALA B 708 -27.60 -13.69 -1.35
N ALA B 709 -27.40 -12.52 -0.74
CA ALA B 709 -27.63 -12.35 0.71
C ALA B 709 -29.07 -12.63 1.05
N LYS B 710 -30.01 -12.18 0.22
CA LYS B 710 -31.43 -12.47 0.44
C LYS B 710 -31.72 -13.94 0.24
N ASP B 711 -31.10 -14.56 -0.75
CA ASP B 711 -31.26 -16.00 -1.00
C ASP B 711 -30.79 -16.85 0.21
N THR B 712 -29.75 -16.41 0.91
CA THR B 712 -29.39 -17.04 2.19
C THR B 712 -30.54 -16.95 3.17
N ALA B 713 -31.06 -15.73 3.35
CA ALA B 713 -32.10 -15.52 4.35
C ALA B 713 -33.39 -16.31 4.06
N ASP B 714 -33.76 -16.39 2.78
CA ASP B 714 -35.02 -17.07 2.39
C ASP B 714 -34.88 -18.58 2.21
N ASN B 715 -33.79 -19.01 1.61
CA ASN B 715 -33.66 -20.37 1.10
C ASN B 715 -32.48 -21.14 1.62
N GLY B 716 -31.78 -20.57 2.60
CA GLY B 716 -30.64 -21.27 3.23
C GLY B 716 -29.41 -21.50 2.39
N LYS B 717 -29.30 -20.86 1.24
CA LYS B 717 -28.16 -21.06 0.36
C LYS B 717 -27.11 -20.05 0.73
N SER B 718 -26.02 -20.55 1.30
CA SER B 718 -24.94 -19.69 1.70
C SER B 718 -24.31 -18.97 0.52
N MSE B 719 -23.76 -17.78 0.78
CA MSE B 719 -23.19 -16.95 -0.28
C MSE B 719 -21.93 -17.53 -0.88
O MSE B 719 -21.75 -17.50 -2.09
CB MSE B 719 -22.89 -15.53 0.24
CG MSE B 719 -24.23 -14.81 0.45
SE MSE B 719 -23.92 -13.14 1.44
CE MSE B 719 -23.14 -12.06 0.01
N MSE B 720 -21.05 -18.06 -0.02
CA MSE B 720 -19.79 -18.65 -0.45
C MSE B 720 -19.87 -20.10 -0.11
O MSE B 720 -20.13 -20.44 1.03
CB MSE B 720 -18.65 -18.00 0.34
CG MSE B 720 -17.31 -18.46 -0.20
SE MSE B 720 -15.74 -17.53 0.59
CE MSE B 720 -16.19 -17.98 2.41
N ARG B 721 -19.62 -21.00 -1.07
CA ARG B 721 -19.82 -22.43 -0.86
C ARG B 721 -18.69 -23.29 -1.40
N GLN B 722 -18.32 -24.30 -0.62
CA GLN B 722 -17.36 -25.29 -1.01
C GLN B 722 -17.96 -26.06 -2.20
N MSE B 723 -17.12 -26.48 -3.13
CA MSE B 723 -17.61 -27.02 -4.42
C MSE B 723 -18.57 -28.19 -4.30
O MSE B 723 -19.51 -28.25 -5.10
CB MSE B 723 -16.47 -27.42 -5.35
CG MSE B 723 -15.53 -26.28 -5.71
SE MSE B 723 -16.29 -24.81 -6.72
CE MSE B 723 -16.96 -25.80 -8.28
N ALA B 724 -18.35 -29.09 -3.34
CA ALA B 724 -19.22 -30.26 -3.16
C ALA B 724 -20.63 -29.93 -2.66
N MSE B 725 -20.87 -28.70 -2.22
CA MSE B 725 -22.23 -28.26 -1.88
C MSE B 725 -23.05 -28.16 -3.12
O MSE B 725 -24.26 -28.38 -3.06
CB MSE B 725 -22.29 -26.91 -1.18
CG MSE B 725 -21.50 -26.88 0.14
SE MSE B 725 -22.17 -28.18 1.45
CE MSE B 725 -24.00 -27.45 1.67
N ASP B 726 -22.45 -27.79 -4.25
CA ASP B 726 -23.19 -27.71 -5.50
C ASP B 726 -23.02 -28.94 -6.38
N TYR B 727 -21.91 -29.67 -6.19
CA TYR B 727 -21.53 -30.84 -7.01
C TYR B 727 -21.16 -32.02 -6.09
N PRO B 728 -22.12 -32.52 -5.29
CA PRO B 728 -21.75 -33.57 -4.33
C PRO B 728 -21.28 -34.89 -4.92
N GLU B 729 -21.70 -35.23 -6.14
CA GLU B 729 -21.28 -36.49 -6.74
C GLU B 729 -19.93 -36.41 -7.44
N ASP B 730 -19.43 -35.21 -7.66
CA ASP B 730 -18.21 -35.02 -8.43
C ASP B 730 -16.98 -35.35 -7.58
N VAL B 731 -16.34 -36.46 -7.91
CA VAL B 731 -15.18 -36.91 -7.14
C VAL B 731 -14.03 -35.90 -7.10
N ASN B 732 -13.93 -35.00 -8.08
CA ASN B 732 -12.88 -33.99 -8.02
C ASN B 732 -13.18 -32.82 -7.14
N ALA B 733 -14.43 -32.70 -6.69
CA ALA B 733 -14.84 -31.53 -5.92
C ALA B 733 -14.75 -31.74 -4.40
N ARG B 734 -14.51 -32.98 -3.99
CA ARG B 734 -14.74 -33.37 -2.61
C ARG B 734 -13.89 -32.66 -1.58
N ASP B 735 -12.62 -32.44 -1.92
CA ASP B 735 -11.67 -31.88 -0.97
C ASP B 735 -11.17 -30.48 -1.29
N LEU B 736 -11.74 -29.84 -2.32
CA LEU B 736 -11.23 -28.54 -2.78
C LEU B 736 -11.43 -27.44 -1.73
N ASP B 737 -10.33 -26.78 -1.39
CA ASP B 737 -10.36 -25.71 -0.38
C ASP B 737 -9.67 -24.43 -0.84
N GLU B 738 -9.34 -24.33 -2.13
CA GLU B 738 -8.73 -23.10 -2.68
C GLU B 738 -9.53 -22.53 -3.86
N GLN B 739 -10.83 -22.86 -3.90
CA GLN B 739 -11.77 -22.30 -4.84
C GLN B 739 -13.15 -22.53 -4.24
N TYR B 740 -14.13 -21.83 -4.76
CA TYR B 740 -15.49 -21.88 -4.21
C TYR B 740 -16.47 -21.22 -5.14
N MSE B 741 -17.75 -21.49 -4.89
CA MSE B 741 -18.84 -20.82 -5.57
C MSE B 741 -19.22 -19.59 -4.78
O MSE B 741 -19.20 -19.59 -3.56
CB MSE B 741 -20.10 -21.66 -5.69
CG MSE B 741 -19.93 -22.95 -6.45
SE MSE B 741 -19.27 -22.74 -8.30
CE MSE B 741 -20.75 -21.64 -8.98
N PHE B 742 -19.56 -18.50 -5.48
CA PHE B 742 -19.95 -17.25 -4.86
C PHE B 742 -21.24 -16.82 -5.52
N GLY B 743 -22.31 -16.71 -4.74
CA GLY B 743 -23.65 -16.66 -5.29
C GLY B 743 -23.93 -17.95 -6.04
N ASP B 744 -24.94 -17.94 -6.90
N ASP B 744 -24.92 -17.93 -6.91
CA ASP B 744 -25.31 -19.13 -7.66
CA ASP B 744 -25.33 -19.12 -7.65
C ASP B 744 -24.35 -19.44 -8.80
C ASP B 744 -24.44 -19.42 -8.85
N ASP B 745 -23.75 -18.40 -9.38
CA ASP B 745 -23.15 -18.44 -10.70
C ASP B 745 -21.66 -18.34 -10.84
N LEU B 746 -20.94 -17.86 -9.82
CA LEU B 746 -19.53 -17.53 -10.00
C LEU B 746 -18.66 -18.56 -9.32
N LEU B 747 -17.70 -19.08 -10.05
CA LEU B 747 -16.66 -19.92 -9.48
C LEU B 747 -15.44 -19.03 -9.30
N VAL B 748 -14.97 -18.91 -8.06
CA VAL B 748 -13.86 -18.02 -7.70
C VAL B 748 -12.69 -18.90 -7.28
N ALA B 749 -11.50 -18.60 -7.76
CA ALA B 749 -10.34 -19.43 -7.47
C ALA B 749 -9.17 -18.57 -7.01
N PRO B 750 -9.18 -18.18 -5.73
CA PRO B 750 -8.10 -17.31 -5.25
C PRO B 750 -6.77 -18.06 -5.18
N ILE B 751 -5.70 -17.29 -5.29
CA ILE B 751 -4.36 -17.83 -5.19
C ILE B 751 -3.93 -17.65 -3.74
N VAL B 752 -3.82 -18.77 -3.03
CA VAL B 752 -3.56 -18.75 -1.60
C VAL B 752 -2.20 -19.35 -1.28
N GLN B 753 -1.31 -19.40 -2.27
CA GLN B 753 0.04 -19.94 -2.08
C GLN B 753 1.05 -18.88 -2.46
N GLU B 754 2.05 -18.70 -1.59
CA GLU B 754 3.13 -17.77 -1.85
C GLU B 754 3.88 -18.17 -3.11
N GLY B 755 4.08 -17.20 -4.01
CA GLY B 755 4.88 -17.38 -5.19
C GLY B 755 4.17 -18.05 -6.34
N GLN B 756 2.89 -18.39 -6.16
CA GLN B 756 2.12 -19.04 -7.21
C GLN B 756 1.59 -18.04 -8.27
N THR B 757 1.76 -18.40 -9.54
CA THR B 757 1.11 -17.71 -10.67
C THR B 757 0.38 -18.63 -11.64
N GLU B 758 0.59 -19.94 -11.56
CA GLU B 758 -0.17 -20.90 -12.33
C GLU B 758 -1.16 -21.54 -11.36
N LYS B 759 -2.42 -21.15 -11.50
CA LYS B 759 -3.49 -21.56 -10.61
C LYS B 759 -4.28 -22.69 -11.26
N GLU B 760 -4.32 -23.83 -10.60
CA GLU B 760 -5.19 -24.91 -11.01
C GLU B 760 -6.60 -24.58 -10.58
N VAL B 761 -7.54 -24.72 -11.49
CA VAL B 761 -8.95 -24.53 -11.19
C VAL B 761 -9.69 -25.76 -11.65
N TYR B 762 -10.36 -26.45 -10.74
CA TYR B 762 -11.22 -27.55 -11.14
C TYR B 762 -12.57 -26.98 -11.67
N LEU B 763 -12.90 -27.33 -12.92
CA LEU B 763 -14.17 -26.94 -13.53
C LEU B 763 -15.10 -28.14 -13.62
N PRO B 764 -16.20 -28.12 -12.85
CA PRO B 764 -17.20 -29.17 -13.05
C PRO B 764 -17.77 -29.17 -14.48
N GLU B 765 -18.46 -30.25 -14.85
N GLU B 765 -18.43 -30.26 -14.87
CA GLU B 765 -19.12 -30.36 -16.16
CA GLU B 765 -19.04 -30.36 -16.19
C GLU B 765 -20.01 -29.14 -16.40
C GLU B 765 -20.03 -29.21 -16.42
N GLY B 766 -20.04 -28.68 -17.65
CA GLY B 766 -20.80 -27.48 -18.03
C GLY B 766 -19.79 -26.47 -18.55
N GLU B 767 -20.25 -25.41 -19.19
CA GLU B 767 -19.37 -24.38 -19.73
C GLU B 767 -19.17 -23.24 -18.73
N TRP B 768 -17.92 -22.80 -18.58
CA TRP B 768 -17.53 -21.72 -17.68
C TRP B 768 -16.90 -20.59 -18.49
N VAL B 769 -17.33 -19.35 -18.26
CA VAL B 769 -16.77 -18.22 -18.98
C VAL B 769 -16.06 -17.24 -18.05
N ASP B 770 -14.85 -16.86 -18.44
CA ASP B 770 -14.00 -15.95 -17.67
C ASP B 770 -14.72 -14.60 -17.65
N ILE B 771 -15.10 -14.09 -16.47
CA ILE B 771 -15.92 -12.86 -16.42
C ILE B 771 -15.15 -11.59 -16.80
N TRP B 772 -13.82 -11.66 -16.78
CA TRP B 772 -12.98 -10.51 -17.08
C TRP B 772 -12.74 -10.31 -18.58
N ASN B 773 -12.65 -11.40 -19.33
CA ASN B 773 -12.25 -11.29 -20.74
C ASN B 773 -13.04 -12.11 -21.78
N GLY B 774 -14.00 -12.92 -21.32
CA GLY B 774 -14.80 -13.77 -22.19
C GLY B 774 -14.16 -15.07 -22.65
N GLY B 775 -13.03 -15.47 -22.08
CA GLY B 775 -12.44 -16.78 -22.37
C GLY B 775 -13.39 -17.91 -22.01
N VAL B 776 -13.58 -18.85 -22.93
CA VAL B 776 -14.56 -19.91 -22.72
C VAL B 776 -13.82 -21.15 -22.27
N HIS B 777 -14.33 -21.84 -21.23
CA HIS B 777 -13.65 -23.00 -20.65
C HIS B 777 -14.69 -24.11 -20.43
N PRO B 778 -14.80 -25.03 -21.37
CA PRO B 778 -15.62 -26.22 -21.14
C PRO B 778 -15.17 -26.92 -19.87
N GLY B 779 -16.13 -27.41 -19.10
CA GLY B 779 -15.81 -28.08 -17.86
C GLY B 779 -15.47 -29.53 -18.01
N GLY B 780 -15.26 -30.15 -16.86
CA GLY B 780 -14.93 -31.57 -16.73
C GLY B 780 -13.44 -31.86 -16.64
N GLU B 781 -12.66 -30.90 -16.14
CA GLU B 781 -11.21 -31.08 -15.94
C GLU B 781 -10.63 -30.01 -15.01
N THR B 782 -9.35 -30.20 -14.65
CA THR B 782 -8.62 -29.17 -13.96
C THR B 782 -7.84 -28.35 -15.03
N ILE B 783 -8.12 -27.07 -15.10
CA ILE B 783 -7.38 -26.18 -16.01
C ILE B 783 -6.28 -25.46 -15.27
N SER B 784 -5.32 -24.92 -16.02
N SER B 784 -5.31 -24.94 -16.02
CA SER B 784 -4.28 -24.07 -15.47
CA SER B 784 -4.27 -24.08 -15.47
C SER B 784 -4.47 -22.64 -15.97
C SER B 784 -4.55 -22.66 -15.97
N TYR B 785 -4.71 -21.73 -15.03
CA TYR B 785 -4.98 -20.34 -15.33
C TYR B 785 -3.79 -19.51 -14.87
N TYR B 786 -3.20 -18.77 -15.80
CA TYR B 786 -2.10 -17.89 -15.48
C TYR B 786 -2.65 -16.65 -14.76
N ALA B 787 -2.28 -16.49 -13.48
CA ALA B 787 -2.74 -15.34 -12.69
C ALA B 787 -1.56 -14.67 -12.04
N ASP B 788 -1.14 -13.55 -12.62
CA ASP B 788 -0.16 -12.70 -11.97
C ASP B 788 -0.76 -12.17 -10.67
N VAL B 789 0.07 -11.49 -9.89
CA VAL B 789 -0.29 -11.07 -8.55
C VAL B 789 -1.55 -10.16 -8.47
N ASP B 790 -1.90 -9.51 -9.58
CA ASP B 790 -3.10 -8.66 -9.65
C ASP B 790 -4.36 -9.35 -10.15
N THR B 791 -4.28 -10.64 -10.48
CA THR B 791 -5.30 -11.33 -11.25
C THR B 791 -5.99 -12.37 -10.39
N LEU B 792 -7.32 -12.39 -10.50
CA LEU B 792 -8.14 -13.42 -9.86
C LEU B 792 -8.97 -14.19 -10.89
N PRO B 793 -8.78 -15.53 -10.99
CA PRO B 793 -9.69 -16.32 -11.85
C PRO B 793 -11.12 -16.36 -11.30
N VAL B 794 -12.07 -15.83 -12.09
CA VAL B 794 -13.50 -15.91 -11.79
C VAL B 794 -14.26 -16.26 -13.05
N PHE B 795 -15.20 -17.21 -12.93
CA PHE B 795 -15.89 -17.77 -14.09
C PHE B 795 -17.38 -17.79 -13.82
N ALA B 796 -18.17 -17.51 -14.85
CA ALA B 796 -19.64 -17.58 -14.76
C ALA B 796 -20.13 -18.89 -15.38
N LYS B 797 -21.06 -19.54 -14.69
CA LYS B 797 -21.62 -20.78 -15.17
C LYS B 797 -22.61 -20.53 -16.31
N ALA B 798 -22.80 -21.56 -17.11
CA ALA B 798 -23.70 -21.51 -18.26
C ALA B 798 -25.10 -21.17 -17.80
N GLY B 799 -25.74 -20.25 -18.51
CA GLY B 799 -27.10 -19.84 -18.17
C GLY B 799 -27.16 -18.69 -17.17
N ALA B 800 -26.03 -18.27 -16.62
CA ALA B 800 -26.00 -17.23 -15.57
C ALA B 800 -26.62 -15.92 -16.06
N ILE B 801 -27.37 -15.27 -15.16
CA ILE B 801 -27.93 -13.95 -15.35
C ILE B 801 -27.46 -13.16 -14.13
N ILE B 802 -26.57 -12.19 -14.32
CA ILE B 802 -25.85 -11.56 -13.20
C ILE B 802 -26.16 -10.05 -13.20
N PRO B 803 -26.92 -9.55 -12.20
CA PRO B 803 -27.16 -8.11 -12.13
C PRO B 803 -25.92 -7.35 -11.65
N MSE B 804 -25.67 -6.19 -12.27
CA MSE B 804 -24.51 -5.36 -12.06
C MSE B 804 -24.94 -3.91 -12.04
O MSE B 804 -25.96 -3.55 -12.65
CB MSE B 804 -23.49 -5.57 -13.17
CG MSE B 804 -22.95 -7.00 -13.17
SE MSE B 804 -21.73 -7.23 -14.70
CE MSE B 804 -21.31 -9.13 -14.45
N ASN B 805 -24.19 -3.08 -11.33
CA ASN B 805 -24.34 -1.65 -11.28
C ASN B 805 -23.09 -1.10 -11.94
N MSE B 806 -23.23 -0.59 -13.18
N MSE B 806 -23.23 -0.55 -13.16
CA MSE B 806 -22.11 -0.18 -14.04
CA MSE B 806 -22.10 -0.14 -13.96
C MSE B 806 -22.09 1.31 -14.26
C MSE B 806 -22.10 1.32 -14.26
O MSE B 806 -23.12 1.98 -14.16
O MSE B 806 -23.12 2.00 -14.19
CB MSE B 806 -22.20 -0.85 -15.41
CB MSE B 806 -22.17 -0.91 -15.28
CG MSE B 806 -22.20 -2.38 -15.34
CG MSE B 806 -22.40 -2.37 -14.94
SE MSE B 806 -20.48 -3.02 -14.63
SE MSE B 806 -21.55 -3.45 -16.32
CE MSE B 806 -20.04 -4.38 -16.00
CE MSE B 806 -19.82 -3.52 -15.37
N THR B 807 -20.90 1.83 -14.58
CA THR B 807 -20.76 3.20 -15.05
C THR B 807 -21.08 3.23 -16.56
N ASP B 808 -21.00 4.42 -17.13
CA ASP B 808 -21.08 4.57 -18.59
C ASP B 808 -19.96 3.86 -19.34
N GLY B 809 -18.89 3.44 -18.66
CA GLY B 809 -17.84 2.64 -19.28
C GLY B 809 -18.25 1.19 -19.49
N TYR B 810 -19.19 0.71 -18.65
CA TYR B 810 -19.75 -0.64 -18.76
C TYR B 810 -18.74 -1.81 -18.62
N GLN B 811 -17.62 -1.58 -17.95
CA GLN B 811 -16.63 -2.65 -17.67
C GLN B 811 -16.53 -2.90 -16.18
N LEU B 812 -16.21 -4.13 -15.80
CA LEU B 812 -15.98 -4.47 -14.40
C LEU B 812 -14.73 -3.74 -13.92
N GLY B 813 -14.76 -3.30 -12.66
CA GLY B 813 -13.64 -2.60 -12.07
C GLY B 813 -13.64 -1.10 -12.24
N GLN B 814 -14.79 -0.53 -12.63
CA GLN B 814 -14.95 0.94 -12.77
C GLN B 814 -15.80 1.46 -11.61
N ASN B 815 -15.30 2.52 -10.96
CA ASN B 815 -15.87 3.00 -9.71
C ASN B 815 -17.26 3.61 -9.88
N VAL B 816 -18.27 2.90 -9.39
CA VAL B 816 -19.66 3.34 -9.40
C VAL B 816 -20.00 4.11 -8.08
N GLY B 817 -19.07 4.16 -7.11
CA GLY B 817 -19.32 4.80 -5.82
C GLY B 817 -19.88 3.87 -4.76
N ASN B 818 -20.55 4.46 -3.75
CA ASN B 818 -21.19 3.68 -2.68
C ASN B 818 -22.64 4.10 -2.41
N ASP B 819 -23.31 4.61 -3.44
CA ASP B 819 -24.72 4.96 -3.34
C ASP B 819 -25.49 3.66 -3.22
N LEU B 820 -26.21 3.51 -2.12
CA LEU B 820 -27.01 2.32 -1.88
C LEU B 820 -28.49 2.46 -2.25
N LYS B 821 -28.92 3.66 -2.62
N LYS B 821 -28.94 3.67 -2.58
CA LYS B 821 -30.33 3.98 -2.83
CA LYS B 821 -30.37 3.95 -2.80
C LYS B 821 -30.71 4.07 -4.31
C LYS B 821 -30.70 4.25 -4.28
N SER B 822 -29.72 4.08 -5.20
N SER B 822 -29.80 3.87 -5.18
CA SER B 822 -29.97 4.19 -6.65
CA SER B 822 -30.00 4.09 -6.62
C SER B 822 -28.93 3.39 -7.41
C SER B 822 -28.94 3.35 -7.40
N TYR B 823 -29.23 3.05 -8.66
CA TYR B 823 -28.27 2.45 -9.59
C TYR B 823 -27.73 3.54 -10.49
N ASP B 824 -26.56 3.31 -11.07
CA ASP B 824 -26.06 4.13 -12.17
C ASP B 824 -26.64 3.51 -13.47
N ASN B 825 -25.97 2.53 -14.08
CA ASN B 825 -26.59 1.75 -15.16
C ASN B 825 -26.81 0.32 -14.65
N LEU B 826 -28.05 0.03 -14.32
CA LEU B 826 -28.43 -1.31 -13.94
C LEU B 826 -28.29 -2.21 -15.18
N THR B 827 -27.52 -3.28 -15.02
CA THR B 827 -27.07 -4.09 -16.14
C THR B 827 -27.27 -5.54 -15.75
N PHE B 828 -27.62 -6.38 -16.73
CA PHE B 828 -27.70 -7.83 -16.52
C PHE B 828 -26.76 -8.53 -17.50
N ARG B 829 -25.74 -9.16 -16.96
CA ARG B 829 -24.78 -9.90 -17.76
C ARG B 829 -25.39 -11.30 -17.92
N VAL B 830 -25.46 -11.76 -19.17
CA VAL B 830 -26.11 -13.03 -19.52
C VAL B 830 -25.18 -13.93 -20.32
N TYR B 831 -25.05 -15.19 -19.88
CA TYR B 831 -24.30 -16.22 -20.60
C TYR B 831 -25.36 -17.23 -21.08
N PRO B 832 -25.89 -17.03 -22.28
CA PRO B 832 -27.06 -17.85 -22.66
C PRO B 832 -26.74 -19.33 -22.83
N SER B 833 -27.62 -20.16 -22.30
CA SER B 833 -27.48 -21.60 -22.43
C SER B 833 -28.81 -22.25 -22.06
N GLY B 834 -29.52 -22.72 -23.06
CA GLY B 834 -30.88 -23.22 -22.86
C GLY B 834 -31.79 -22.14 -22.28
N ASP B 835 -32.70 -22.59 -21.44
CA ASP B 835 -33.63 -21.69 -20.75
C ASP B 835 -33.13 -21.46 -19.34
N SER B 836 -32.87 -20.20 -18.99
CA SER B 836 -32.48 -19.88 -17.62
C SER B 836 -33.38 -18.79 -17.07
N GLU B 837 -33.34 -18.67 -15.76
N GLU B 837 -33.37 -18.67 -15.75
CA GLU B 837 -34.26 -17.85 -15.00
CA GLU B 837 -34.27 -17.77 -15.03
C GLU B 837 -33.46 -17.26 -13.84
C GLU B 837 -33.57 -17.31 -13.77
N TYR B 838 -33.81 -16.05 -13.40
CA TYR B 838 -33.22 -15.46 -12.23
C TYR B 838 -34.20 -14.52 -11.57
N SER B 839 -34.29 -14.57 -10.25
N SER B 839 -34.28 -14.54 -10.25
CA SER B 839 -35.14 -13.66 -9.49
CA SER B 839 -35.17 -13.63 -9.51
C SER B 839 -34.23 -12.61 -8.87
C SER B 839 -34.33 -12.57 -8.80
N PHE B 840 -34.30 -11.37 -9.37
CA PHE B 840 -33.46 -10.26 -8.88
C PHE B 840 -34.14 -9.51 -7.72
N TYR B 841 -33.41 -9.30 -6.63
CA TYR B 841 -33.93 -8.55 -5.48
C TYR B 841 -33.67 -7.07 -5.73
N ASP B 842 -34.68 -6.39 -6.19
CA ASP B 842 -34.56 -4.98 -6.54
C ASP B 842 -34.78 -4.13 -5.29
N ASP B 843 -33.79 -4.12 -4.40
CA ASP B 843 -33.92 -3.42 -3.13
C ASP B 843 -34.06 -1.91 -3.31
N VAL B 844 -33.40 -1.36 -4.32
CA VAL B 844 -33.49 0.06 -4.64
C VAL B 844 -34.95 0.50 -4.87
N ASN B 845 -35.77 -0.38 -5.45
CA ASN B 845 -37.17 -0.11 -5.76
C ASN B 845 -38.16 -0.94 -4.92
N GLY B 846 -38.04 -0.81 -3.62
CA GLY B 846 -39.02 -1.35 -2.68
C GLY B 846 -38.90 -2.83 -2.40
N GLY B 847 -37.79 -3.44 -2.83
CA GLY B 847 -37.57 -4.87 -2.61
C GLY B 847 -38.39 -5.79 -3.47
N GLU B 848 -38.93 -5.29 -4.57
CA GLU B 848 -39.69 -6.10 -5.53
C GLU B 848 -38.78 -7.15 -6.17
N MSE B 849 -39.28 -8.39 -6.31
CA MSE B 849 -38.51 -9.43 -6.99
C MSE B 849 -38.77 -9.24 -8.47
O MSE B 849 -39.91 -9.14 -8.87
CB MSE B 849 -38.89 -10.84 -6.53
CG MSE B 849 -38.72 -11.09 -5.03
SE MSE B 849 -36.86 -10.84 -4.36
CE MSE B 849 -35.89 -12.19 -5.38
N ARG B 850 -37.73 -9.18 -9.26
CA ARG B 850 -37.85 -9.06 -10.70
C ARG B 850 -37.45 -10.37 -11.35
N ASP B 851 -38.44 -11.04 -11.94
CA ASP B 851 -38.20 -12.38 -12.52
C ASP B 851 -37.81 -12.25 -13.99
N ILE B 852 -36.54 -12.52 -14.28
CA ILE B 852 -35.99 -12.40 -15.63
C ILE B 852 -35.76 -13.78 -16.17
N SER B 853 -36.11 -14.01 -17.44
N SER B 853 -36.12 -14.00 -17.44
CA SER B 853 -35.87 -15.29 -18.09
CA SER B 853 -35.92 -15.28 -18.12
C SER B 853 -35.20 -15.08 -19.45
C SER B 853 -35.17 -15.06 -19.44
N VAL B 854 -34.36 -16.05 -19.81
CA VAL B 854 -33.59 -16.00 -21.05
C VAL B 854 -33.82 -17.35 -21.72
N SER B 855 -34.13 -17.32 -23.01
CA SER B 855 -34.25 -18.53 -23.81
C SER B 855 -33.23 -18.47 -24.95
N GLU B 856 -32.18 -19.28 -24.83
CA GLU B 856 -31.17 -19.38 -25.85
C GLU B 856 -31.64 -20.33 -26.95
N ASP B 857 -31.59 -19.88 -28.20
CA ASP B 857 -31.96 -20.71 -29.35
C ASP B 857 -30.98 -20.45 -30.50
N PHE B 858 -29.71 -20.68 -30.21
CA PHE B 858 -28.66 -20.48 -31.20
C PHE B 858 -28.82 -21.34 -32.46
N ALA B 859 -29.53 -22.46 -32.38
CA ALA B 859 -29.88 -23.24 -33.57
C ALA B 859 -30.68 -22.42 -34.59
N ASN B 860 -31.48 -21.47 -34.11
CA ASN B 860 -32.18 -20.51 -34.98
C ASN B 860 -31.59 -19.09 -34.91
N GLU B 861 -30.34 -19.01 -34.48
CA GLU B 861 -29.62 -17.77 -34.30
C GLU B 861 -30.38 -16.68 -33.50
N LYS B 862 -30.99 -17.11 -32.41
CA LYS B 862 -31.77 -16.24 -31.54
C LYS B 862 -31.44 -16.41 -30.08
N VAL B 863 -31.47 -15.30 -29.34
CA VAL B 863 -31.55 -15.30 -27.88
C VAL B 863 -32.67 -14.35 -27.50
N SER B 864 -33.56 -14.81 -26.64
CA SER B 864 -34.74 -14.04 -26.23
C SER B 864 -34.64 -13.77 -24.76
N VAL B 865 -34.96 -12.55 -24.36
CA VAL B 865 -34.95 -12.15 -22.96
C VAL B 865 -36.35 -11.66 -22.61
N ASP B 866 -36.93 -12.24 -21.57
N ASP B 866 -36.94 -12.25 -21.57
CA ASP B 866 -38.22 -11.79 -21.05
CA ASP B 866 -38.22 -11.80 -21.01
C ASP B 866 -37.92 -10.90 -19.84
C ASP B 866 -37.91 -10.89 -19.84
N LEU B 867 -37.96 -9.59 -20.08
CA LEU B 867 -37.67 -8.59 -19.06
C LEU B 867 -38.99 -8.24 -18.37
N PRO B 868 -39.06 -8.35 -17.02
CA PRO B 868 -40.30 -7.96 -16.35
C PRO B 868 -40.42 -6.44 -16.29
N ALA B 869 -41.53 -5.92 -15.77
CA ALA B 869 -41.62 -4.49 -15.46
C ALA B 869 -40.42 -4.11 -14.58
N MSE B 870 -39.78 -2.99 -14.89
CA MSE B 870 -38.67 -2.46 -14.10
C MSE B 870 -38.94 -1.00 -13.82
O MSE B 870 -39.68 -0.34 -14.60
CB MSE B 870 -37.34 -2.55 -14.82
CG MSE B 870 -37.00 -3.91 -15.39
SE MSE B 870 -36.54 -5.13 -13.91
CE MSE B 870 -34.74 -4.46 -13.50
N ALA B 871 -38.35 -0.49 -12.74
CA ALA B 871 -38.41 0.95 -12.43
C ALA B 871 -37.29 1.77 -13.11
N ASP B 872 -36.26 1.10 -13.63
CA ASP B 872 -35.10 1.77 -14.19
C ASP B 872 -34.88 1.32 -15.63
N GLU B 873 -34.20 2.16 -16.38
CA GLU B 873 -33.53 1.77 -17.62
C GLU B 873 -32.64 0.55 -17.32
N THR B 874 -32.60 -0.40 -18.27
CA THR B 874 -31.81 -1.61 -18.09
C THR B 874 -30.95 -1.85 -19.32
N THR B 875 -29.77 -2.42 -19.08
CA THR B 875 -28.84 -2.79 -20.12
C THR B 875 -28.59 -4.27 -19.97
N MSE B 876 -28.87 -5.04 -21.00
CA MSE B 876 -28.45 -6.43 -21.07
C MSE B 876 -27.04 -6.45 -21.62
O MSE B 876 -26.74 -5.66 -22.53
CB MSE B 876 -29.30 -7.25 -22.03
CG MSE B 876 -30.82 -7.16 -21.82
SE MSE B 876 -31.34 -7.57 -19.98
CE MSE B 876 -30.68 -9.42 -19.89
N GLN B 877 -26.17 -7.31 -21.11
CA GLN B 877 -24.88 -7.60 -21.75
C GLN B 877 -24.90 -9.10 -22.05
N VAL B 878 -25.25 -9.47 -23.28
CA VAL B 878 -25.42 -10.86 -23.67
C VAL B 878 -24.19 -11.38 -24.39
N PHE B 879 -23.60 -12.46 -23.85
CA PHE B 879 -22.40 -13.10 -24.42
C PHE B 879 -22.86 -13.80 -25.70
N SER B 880 -22.43 -13.27 -26.84
CA SER B 880 -22.88 -13.75 -28.14
C SER B 880 -22.02 -13.12 -29.22
N THR B 881 -22.22 -13.55 -30.45
CA THR B 881 -21.73 -12.81 -31.62
C THR B 881 -22.65 -11.62 -31.91
N GLU B 882 -22.22 -10.77 -32.84
CA GLU B 882 -22.94 -9.56 -33.13
C GLU B 882 -24.28 -9.81 -33.82
N PRO B 883 -25.38 -9.27 -33.28
CA PRO B 883 -26.66 -9.47 -33.96
C PRO B 883 -26.75 -8.82 -35.32
N THR B 884 -27.65 -9.34 -36.16
CA THR B 884 -28.07 -8.67 -37.38
C THR B 884 -29.20 -7.69 -37.08
N SER B 885 -29.96 -7.93 -36.01
CA SER B 885 -30.95 -6.97 -35.54
C SER B 885 -31.35 -7.32 -34.11
N VAL B 886 -31.96 -6.35 -33.43
CA VAL B 886 -32.44 -6.54 -32.05
C VAL B 886 -33.83 -5.90 -31.96
N THR B 887 -34.80 -6.69 -31.48
CA THR B 887 -36.16 -6.17 -31.32
C THR B 887 -36.57 -6.13 -29.85
N ILE B 888 -37.39 -5.13 -29.51
CA ILE B 888 -38.06 -5.06 -28.22
C ILE B 888 -39.54 -4.93 -28.52
N ASP B 889 -40.32 -5.90 -28.03
CA ASP B 889 -41.76 -6.01 -28.32
C ASP B 889 -42.05 -6.02 -29.82
N GLY B 890 -41.22 -6.75 -30.57
CA GLY B 890 -41.38 -6.87 -32.02
C GLY B 890 -40.87 -5.71 -32.89
N ALA B 891 -40.47 -4.59 -32.29
CA ALA B 891 -39.98 -3.43 -33.03
C ALA B 891 -38.47 -3.38 -32.97
N ASP B 892 -37.83 -3.11 -34.11
CA ASP B 892 -36.38 -2.95 -34.17
C ASP B 892 -35.94 -1.78 -33.28
N VAL B 893 -34.81 -1.97 -32.60
CA VAL B 893 -34.10 -0.91 -31.91
C VAL B 893 -32.78 -0.67 -32.65
N ALA B 894 -32.31 0.56 -32.61
CA ALA B 894 -31.23 1.01 -33.48
C ALA B 894 -29.86 0.55 -33.00
N LYS B 895 -29.03 0.15 -33.95
CA LYS B 895 -27.64 -0.12 -33.65
C LYS B 895 -26.90 1.19 -33.33
N ALA B 896 -26.16 1.19 -32.22
CA ALA B 896 -25.25 2.28 -31.87
C ALA B 896 -23.87 1.82 -32.27
N ASP B 897 -23.15 2.66 -33.00
CA ASP B 897 -21.84 2.25 -33.51
C ASP B 897 -20.74 2.33 -32.47
N THR B 898 -20.90 3.24 -31.52
CA THR B 898 -19.91 3.46 -30.47
C THR B 898 -20.57 3.43 -29.10
N LEU B 899 -19.74 3.26 -28.08
CA LEU B 899 -20.19 3.32 -26.70
C LEU B 899 -20.89 4.65 -26.36
N ASP B 900 -20.35 5.77 -26.85
CA ASP B 900 -20.97 7.08 -26.62
C ASP B 900 -22.39 7.17 -27.17
N ALA B 901 -22.59 6.67 -28.38
CA ALA B 901 -23.91 6.69 -29.01
C ALA B 901 -24.88 5.79 -28.25
N PHE B 902 -24.37 4.66 -27.75
CA PHE B 902 -25.19 3.78 -26.90
C PHE B 902 -25.64 4.50 -25.63
N ASN B 903 -24.71 5.17 -24.97
CA ASN B 903 -25.02 5.92 -23.76
C ASN B 903 -26.05 7.03 -23.98
N GLU B 904 -25.93 7.75 -25.10
CA GLU B 904 -26.90 8.80 -25.46
C GLU B 904 -28.30 8.26 -25.83
N ALA B 905 -28.37 7.02 -26.33
CA ALA B 905 -29.65 6.45 -26.82
C ALA B 905 -30.64 6.16 -25.71
N THR B 906 -31.93 6.22 -26.02
CA THR B 906 -32.98 5.81 -25.10
C THR B 906 -33.17 4.30 -25.13
N THR B 907 -33.17 3.74 -26.33
CA THR B 907 -33.11 2.28 -26.55
C THR B 907 -32.10 2.01 -27.67
N GLY B 908 -31.61 0.79 -27.76
CA GLY B 908 -30.65 0.48 -28.81
C GLY B 908 -29.80 -0.70 -28.45
N TYR B 909 -28.87 -1.03 -29.33
CA TYR B 909 -27.91 -2.08 -29.04
C TYR B 909 -26.53 -1.71 -29.53
N TYR B 910 -25.52 -2.32 -28.91
CA TYR B 910 -24.12 -2.03 -29.21
C TYR B 910 -23.36 -3.32 -29.00
N TYR B 911 -22.36 -3.58 -29.84
CA TYR B 911 -21.58 -4.80 -29.74
C TYR B 911 -20.18 -4.43 -29.29
N ASP B 912 -19.80 -4.97 -28.14
CA ASP B 912 -18.48 -4.80 -27.54
C ASP B 912 -17.62 -5.91 -28.16
N THR B 913 -16.78 -5.56 -29.12
CA THR B 913 -15.96 -6.56 -29.82
C THR B 913 -14.89 -7.22 -28.94
N VAL B 914 -14.43 -6.50 -27.90
CA VAL B 914 -13.37 -7.00 -27.01
C VAL B 914 -13.91 -8.10 -26.12
N GLN B 915 -15.07 -7.85 -25.54
CA GLN B 915 -15.72 -8.77 -24.62
C GLN B 915 -16.69 -9.76 -25.27
N ASN B 916 -17.00 -9.57 -26.56
CA ASN B 916 -18.05 -10.34 -27.24
C ASN B 916 -19.37 -10.29 -26.50
N LEU B 917 -19.79 -9.08 -26.15
CA LEU B 917 -21.04 -8.79 -25.45
C LEU B 917 -21.94 -7.87 -26.28
N THR B 918 -23.19 -8.28 -26.46
CA THR B 918 -24.20 -7.43 -27.05
C THR B 918 -24.89 -6.68 -25.93
N TYR B 919 -24.77 -5.35 -25.92
CA TYR B 919 -25.47 -4.50 -24.98
C TYR B 919 -26.84 -4.20 -25.59
N VAL B 920 -27.92 -4.33 -24.82
CA VAL B 920 -29.24 -3.93 -25.26
C VAL B 920 -29.83 -3.02 -24.19
N LYS B 921 -30.22 -1.82 -24.58
CA LYS B 921 -30.82 -0.88 -23.64
C LYS B 921 -32.32 -0.86 -23.83
N ALA B 922 -33.04 -1.19 -22.77
CA ALA B 922 -34.49 -1.09 -22.73
C ALA B 922 -34.91 0.00 -21.77
N ALA B 923 -35.93 0.78 -22.15
CA ALA B 923 -36.48 1.80 -21.26
C ALA B 923 -37.24 1.18 -20.11
N ALA B 924 -37.34 1.91 -19.01
CA ALA B 924 -38.19 1.53 -17.90
C ALA B 924 -39.64 1.49 -18.36
N LYS B 925 -40.35 0.40 -18.05
CA LYS B 925 -41.81 0.28 -18.33
C LYS B 925 -42.51 -0.51 -17.24
N ASP B 926 -43.77 -0.20 -17.01
CA ASP B 926 -44.62 -0.93 -16.05
C ASP B 926 -45.21 -2.23 -16.61
N ALA B 927 -44.64 -2.75 -17.70
CA ALA B 927 -45.10 -4.00 -18.30
C ALA B 927 -43.89 -4.77 -18.76
N LYS B 928 -44.06 -6.08 -18.93
CA LYS B 928 -42.99 -6.94 -19.43
C LYS B 928 -42.60 -6.49 -20.82
N GLN B 929 -41.32 -6.64 -21.15
CA GLN B 929 -40.83 -6.39 -22.50
C GLN B 929 -40.12 -7.62 -23.02
N ALA B 930 -40.41 -8.01 -24.25
CA ALA B 930 -39.75 -9.15 -24.90
C ALA B 930 -38.64 -8.66 -25.81
N ILE B 931 -37.39 -9.00 -25.45
CA ILE B 931 -36.20 -8.62 -26.21
C ILE B 931 -35.75 -9.84 -26.99
N VAL B 932 -35.44 -9.67 -28.27
CA VAL B 932 -34.94 -10.76 -29.10
C VAL B 932 -33.73 -10.26 -29.86
N LEU B 933 -32.64 -10.99 -29.75
CA LEU B 933 -31.44 -10.72 -30.52
C LEU B 933 -31.49 -11.69 -31.69
N ASN B 934 -31.40 -11.16 -32.91
CA ASN B 934 -31.50 -11.98 -34.13
C ASN B 934 -30.14 -12.13 -34.80
N GLY B 935 -29.95 -13.23 -35.52
CA GLY B 935 -28.70 -13.52 -36.24
C GLY B 935 -27.48 -13.72 -35.35
N VAL B 936 -27.69 -14.14 -34.10
CA VAL B 936 -26.59 -14.30 -33.14
C VAL B 936 -26.22 -15.76 -33.01
N ASN B 937 -24.96 -16.00 -32.73
CA ASN B 937 -24.46 -17.32 -32.38
C ASN B 937 -23.74 -17.26 -31.06
N HIS B 938 -23.42 -18.43 -30.55
CA HIS B 938 -22.57 -18.53 -29.36
C HIS B 938 -21.34 -17.65 -29.59
N ALA B 939 -20.91 -16.96 -28.54
CA ALA B 939 -19.76 -16.04 -28.66
C ALA B 939 -18.54 -16.74 -29.24
N PRO B 940 -17.67 -15.99 -29.93
CA PRO B 940 -16.50 -16.61 -30.51
C PRO B 940 -15.54 -17.21 -29.51
N TYR B 941 -14.83 -18.23 -29.95
CA TYR B 941 -13.68 -18.74 -29.24
C TYR B 941 -12.45 -18.00 -29.81
N GLU B 942 -11.89 -17.11 -29.03
CA GLU B 942 -10.79 -16.25 -29.53
C GLU B 942 -9.51 -17.06 -29.71
N ALA B 943 -8.85 -16.91 -30.83
CA ALA B 943 -7.61 -17.66 -31.08
C ALA B 943 -6.54 -17.31 -30.03
N GLU B 944 -6.52 -16.05 -29.65
CA GLU B 944 -5.55 -15.54 -28.68
C GLU B 944 -5.75 -16.14 -27.27
N PHE B 945 -6.92 -16.71 -26.98
CA PHE B 945 -7.19 -17.41 -25.73
C PHE B 945 -7.03 -18.93 -25.85
N GLY B 946 -6.64 -19.43 -27.02
CA GLY B 946 -6.41 -20.86 -27.19
C GLY B 946 -5.13 -21.32 -26.53
N HIS B 947 -4.92 -22.64 -26.48
CA HIS B 947 -3.64 -23.18 -26.06
C HIS B 947 -2.65 -23.04 -27.21
N LEU B 948 -1.66 -22.18 -27.03
CA LEU B 948 -0.75 -21.84 -28.11
C LEU B 948 0.58 -22.62 -28.01
N THR B 949 1.01 -23.18 -29.12
CA THR B 949 2.32 -23.83 -29.23
C THR B 949 3.13 -23.11 -30.29
N ASN B 950 4.23 -22.51 -29.86
CA ASN B 950 5.22 -21.86 -30.77
C ASN B 950 4.64 -20.78 -31.68
N VAL B 951 3.63 -20.10 -31.19
CA VAL B 951 2.98 -19.05 -31.96
C VAL B 951 2.63 -17.92 -30.98
N THR B 952 2.57 -16.71 -31.51
CA THR B 952 2.35 -15.51 -30.72
C THR B 952 1.18 -14.69 -31.26
N THR B 953 0.79 -13.70 -30.47
CA THR B 953 -0.34 -12.85 -30.79
C THR B 953 0.08 -11.43 -31.16
N ALA B 954 -0.85 -10.72 -31.78
CA ALA B 954 -0.66 -9.32 -32.14
C ALA B 954 -2.00 -8.62 -32.28
N SER B 955 -1.93 -7.31 -32.48
CA SER B 955 -3.12 -6.50 -32.49
C SER B 955 -3.02 -5.30 -33.45
N ASP B 956 -2.12 -5.37 -34.42
CA ASP B 956 -1.78 -4.21 -35.25
C ASP B 956 -2.62 -4.08 -36.51
N HIS B 957 -3.62 -4.93 -36.69
CA HIS B 957 -4.59 -4.77 -37.77
C HIS B 957 -5.96 -4.73 -37.14
N ALA B 958 -6.66 -3.62 -37.31
CA ALA B 958 -7.94 -3.39 -36.66
C ALA B 958 -9.04 -4.33 -37.16
N GLY B 959 -10.04 -4.52 -36.33
CA GLY B 959 -11.25 -5.25 -36.71
C GLY B 959 -11.39 -6.65 -36.14
N TYR B 960 -10.35 -7.13 -35.46
CA TYR B 960 -10.42 -8.40 -34.71
C TYR B 960 -11.45 -8.30 -33.57
N THR B 961 -11.97 -9.45 -33.17
CA THR B 961 -12.69 -9.58 -31.90
C THR B 961 -11.69 -10.03 -30.82
N GLY B 962 -12.12 -9.91 -29.57
CA GLY B 962 -11.25 -10.13 -28.44
C GLY B 962 -10.16 -9.09 -28.36
N THR B 963 -8.99 -9.50 -27.88
CA THR B 963 -7.90 -8.55 -27.66
C THR B 963 -6.89 -8.53 -28.81
N GLY B 964 -7.05 -9.42 -29.78
CA GLY B 964 -6.13 -9.49 -30.89
C GLY B 964 -6.36 -10.71 -31.77
N PHE B 965 -5.24 -11.26 -32.24
CA PHE B 965 -5.23 -12.46 -33.09
C PHE B 965 -3.90 -13.19 -32.96
N VAL B 966 -3.90 -14.45 -33.38
CA VAL B 966 -2.67 -15.21 -33.53
C VAL B 966 -2.02 -14.75 -34.86
N ALA B 967 -0.76 -14.35 -34.81
CA ALA B 967 -0.11 -13.69 -35.94
C ALA B 967 0.80 -14.62 -36.69
N GLY B 968 0.60 -14.76 -38.01
CA GLY B 968 1.51 -15.52 -38.88
C GLY B 968 1.18 -17.01 -38.93
N PHE B 969 1.49 -17.71 -37.83
CA PHE B 969 1.08 -19.10 -37.63
C PHE B 969 1.50 -19.96 -38.84
N ASP B 970 2.78 -19.86 -39.22
CA ASP B 970 3.23 -20.25 -40.57
C ASP B 970 4.47 -21.12 -40.60
N ALA B 971 4.62 -22.01 -39.64
CA ALA B 971 5.72 -22.97 -39.70
C ALA B 971 5.33 -24.21 -38.93
N GLU B 972 6.00 -25.31 -39.26
CA GLU B 972 5.72 -26.58 -38.64
C GLU B 972 5.95 -26.51 -37.13
N LYS B 973 5.20 -27.38 -36.45
CA LYS B 973 5.14 -27.47 -34.98
C LYS B 973 4.47 -26.28 -34.29
N GLU B 974 3.80 -25.43 -35.05
CA GLU B 974 3.00 -24.35 -34.49
C GLU B 974 1.57 -24.87 -34.45
N ALA B 975 0.86 -24.59 -33.37
CA ALA B 975 -0.50 -25.05 -33.22
C ALA B 975 -1.32 -24.09 -32.34
N VAL B 976 -2.62 -24.08 -32.57
CA VAL B 976 -3.58 -23.36 -31.75
C VAL B 976 -4.66 -24.38 -31.42
N GLU B 977 -4.81 -24.69 -30.14
CA GLU B 977 -5.81 -25.66 -29.72
C GLU B 977 -6.96 -24.96 -29.00
N PHE B 978 -8.18 -25.38 -29.32
CA PHE B 978 -9.37 -24.86 -28.67
C PHE B 978 -10.12 -26.00 -27.96
N ASP B 979 -10.67 -25.70 -26.79
N ASP B 979 -10.64 -25.71 -26.77
CA ASP B 979 -11.63 -26.57 -26.12
CA ASP B 979 -11.62 -26.56 -26.10
C ASP B 979 -12.99 -25.95 -26.42
C ASP B 979 -12.98 -25.95 -26.44
N ILE B 980 -13.82 -26.70 -27.15
CA ILE B 980 -15.05 -26.17 -27.73
C ILE B 980 -16.24 -27.01 -27.33
N ASP B 981 -17.31 -26.35 -26.90
CA ASP B 981 -18.56 -27.03 -26.57
C ASP B 981 -19.48 -27.12 -27.77
N ALA B 982 -20.18 -28.25 -27.84
CA ALA B 982 -21.28 -28.41 -28.76
C ALA B 982 -22.36 -27.50 -28.25
N VAL B 983 -22.76 -26.54 -29.06
CA VAL B 983 -23.68 -25.50 -28.60
C VAL B 983 -25.00 -26.11 -28.13
N ASP B 984 -25.60 -26.97 -28.96
CA ASP B 984 -26.91 -27.55 -28.72
C ASP B 984 -26.89 -29.08 -28.81
N GLY B 985 -25.91 -29.71 -28.17
CA GLY B 985 -25.81 -31.19 -28.14
C GLY B 985 -24.99 -31.76 -29.29
N ALA B 986 -24.74 -33.06 -29.23
CA ALA B 986 -23.97 -33.76 -30.27
C ALA B 986 -24.64 -33.58 -31.63
N SER B 987 -23.88 -33.14 -32.62
CA SER B 987 -24.43 -32.80 -33.92
C SER B 987 -23.34 -32.41 -34.88
N ASP B 988 -23.70 -32.35 -36.15
CA ASP B 988 -22.91 -31.61 -37.13
C ASP B 988 -23.13 -30.13 -36.88
N TYR B 989 -22.06 -29.36 -37.04
CA TYR B 989 -22.09 -27.90 -36.96
C TYR B 989 -21.26 -27.31 -38.09
N THR B 990 -21.35 -26.00 -38.23
CA THR B 990 -20.45 -25.24 -39.09
C THR B 990 -19.52 -24.45 -38.19
N MSE B 991 -18.20 -24.58 -38.42
CA MSE B 991 -17.20 -23.80 -37.69
C MSE B 991 -16.75 -22.70 -38.60
O MSE B 991 -16.17 -22.97 -39.68
CB MSE B 991 -16.02 -24.67 -37.26
CG MSE B 991 -14.92 -23.83 -36.58
SE MSE B 991 -13.53 -25.03 -35.89
CE MSE B 991 -12.89 -25.74 -37.59
N GLU B 992 -17.04 -21.45 -38.22
CA GLU B 992 -16.55 -20.27 -38.93
C GLU B 992 -15.13 -19.97 -38.46
N VAL B 993 -14.21 -19.83 -39.40
CA VAL B 993 -12.83 -19.50 -39.10
C VAL B 993 -12.58 -18.09 -39.64
N ARG B 994 -12.30 -17.14 -38.75
CA ARG B 994 -12.10 -15.76 -39.15
C ARG B 994 -10.61 -15.47 -39.16
N TYR B 995 -10.12 -14.93 -40.29
CA TYR B 995 -8.69 -14.81 -40.54
C TYR B 995 -8.45 -13.64 -41.53
N SER B 996 -7.18 -13.25 -41.66
CA SER B 996 -6.68 -12.44 -42.75
C SER B 996 -5.52 -13.17 -43.42
N ALA B 997 -5.41 -13.00 -44.75
CA ALA B 997 -4.33 -13.63 -45.53
C ALA B 997 -3.94 -12.68 -46.66
N GLY B 998 -3.23 -11.63 -46.29
CA GLY B 998 -2.98 -10.49 -47.17
C GLY B 998 -2.10 -10.74 -48.37
N VAL B 999 -1.28 -11.79 -48.33
CA VAL B 999 -0.31 -12.06 -49.38
C VAL B 999 -0.79 -13.08 -50.40
N GLU B 1000 -1.27 -14.23 -49.94
CA GLU B 1000 -1.66 -15.32 -50.81
C GLU B 1000 -2.61 -16.28 -50.11
N ASP B 1001 -3.28 -17.11 -50.91
CA ASP B 1001 -4.13 -18.20 -50.39
C ASP B 1001 -3.34 -19.06 -49.39
N ALA B 1002 -4.01 -19.49 -48.35
CA ALA B 1002 -3.39 -20.24 -47.27
C ALA B 1002 -4.13 -21.55 -47.05
N THR B 1003 -3.47 -22.49 -46.38
CA THR B 1003 -4.16 -23.66 -45.85
C THR B 1003 -3.68 -23.96 -44.44
N ARG B 1004 -4.56 -24.57 -43.65
CA ARG B 1004 -4.22 -25.10 -42.33
C ARG B 1004 -4.88 -26.45 -42.16
N THR B 1005 -4.33 -27.22 -41.23
CA THR B 1005 -4.84 -28.55 -40.93
C THR B 1005 -5.61 -28.42 -39.63
N VAL B 1006 -6.79 -29.04 -39.55
N VAL B 1006 -6.75 -29.11 -39.56
CA VAL B 1006 -7.53 -29.05 -38.29
CA VAL B 1006 -7.63 -29.08 -38.40
C VAL B 1006 -7.91 -30.47 -37.91
C VAL B 1006 -7.91 -30.50 -37.92
N TYR B 1007 -7.88 -30.74 -36.61
CA TYR B 1007 -8.25 -32.05 -36.03
C TYR B 1007 -9.41 -31.80 -35.08
N ILE B 1008 -10.50 -32.52 -35.29
CA ILE B 1008 -11.69 -32.42 -34.43
C ILE B 1008 -11.78 -33.75 -33.68
N ASN B 1009 -11.47 -33.75 -32.38
CA ASN B 1009 -11.35 -34.99 -31.60
C ASN B 1009 -10.56 -36.07 -32.35
N GLY B 1010 -9.46 -35.64 -32.97
CA GLY B 1010 -8.54 -36.53 -33.68
C GLY B 1010 -8.81 -36.73 -35.18
N LYS B 1011 -9.95 -36.23 -35.69
CA LYS B 1011 -10.33 -36.45 -37.08
C LYS B 1011 -9.83 -35.29 -37.90
N LYS B 1012 -8.94 -35.58 -38.85
CA LYS B 1012 -8.21 -34.58 -39.61
C LYS B 1012 -8.99 -34.06 -40.82
N GLN B 1013 -8.84 -32.78 -41.10
CA GLN B 1013 -9.19 -32.26 -42.42
C GLN B 1013 -8.32 -31.04 -42.71
N GLN B 1014 -8.18 -30.68 -43.98
CA GLN B 1014 -7.43 -29.47 -44.35
C GLN B 1014 -8.42 -28.40 -44.80
N ILE B 1015 -8.15 -27.16 -44.41
CA ILE B 1015 -9.01 -26.03 -44.73
C ILE B 1015 -8.28 -25.02 -45.61
N THR B 1016 -9.01 -24.43 -46.54
CA THR B 1016 -8.47 -23.49 -47.51
C THR B 1016 -8.96 -22.12 -47.09
N LEU B 1017 -8.01 -21.19 -47.02
CA LEU B 1017 -8.24 -19.84 -46.51
C LEU B 1017 -7.81 -18.87 -47.61
N PRO B 1018 -8.77 -18.45 -48.45
CA PRO B 1018 -8.41 -17.61 -49.59
C PRO B 1018 -7.80 -16.27 -49.21
N LYS B 1019 -6.93 -15.77 -50.09
CA LYS B 1019 -6.29 -14.48 -49.91
C LYS B 1019 -7.35 -13.40 -49.61
N THR B 1020 -7.01 -12.52 -48.69
CA THR B 1020 -7.77 -11.29 -48.49
C THR B 1020 -7.07 -10.12 -49.19
N ALA B 1021 -7.81 -9.05 -49.47
CA ALA B 1021 -7.27 -7.93 -50.26
C ALA B 1021 -6.00 -7.35 -49.64
N ASN B 1022 -5.97 -7.31 -48.31
CA ASN B 1022 -4.84 -6.82 -47.56
C ASN B 1022 -4.95 -7.37 -46.13
N TRP B 1023 -3.97 -7.05 -45.30
CA TRP B 1023 -3.92 -7.53 -43.92
C TRP B 1023 -4.90 -6.79 -43.00
N ASP B 1024 -5.53 -5.72 -43.51
CA ASP B 1024 -6.59 -5.03 -42.79
C ASP B 1024 -7.99 -5.50 -43.17
N THR B 1025 -8.08 -6.61 -43.89
CA THR B 1025 -9.34 -7.18 -44.33
C THR B 1025 -9.45 -8.58 -43.75
N TRP B 1026 -10.54 -8.83 -43.03
CA TRP B 1026 -10.83 -10.13 -42.46
C TRP B 1026 -11.85 -10.84 -43.32
N ASN B 1027 -11.79 -12.17 -43.34
CA ASN B 1027 -12.73 -13.01 -44.04
C ASN B 1027 -13.06 -14.19 -43.14
N THR B 1028 -14.19 -14.84 -43.43
CA THR B 1028 -14.62 -16.02 -42.70
C THR B 1028 -14.82 -17.19 -43.67
N VAL B 1029 -14.26 -18.34 -43.37
N VAL B 1029 -14.24 -18.34 -43.34
CA VAL B 1029 -14.60 -19.56 -44.12
CA VAL B 1029 -14.48 -19.59 -44.06
C VAL B 1029 -15.28 -20.54 -43.20
C VAL B 1029 -15.33 -20.49 -43.17
N GLU B 1030 -16.23 -21.27 -43.78
CA GLU B 1030 -17.11 -22.17 -43.04
C GLU B 1030 -16.62 -23.61 -43.19
N VAL B 1031 -16.29 -24.27 -42.09
CA VAL B 1031 -15.72 -25.62 -42.07
C VAL B 1031 -16.79 -26.56 -41.45
N PRO B 1032 -17.19 -27.62 -42.17
CA PRO B 1032 -18.13 -28.56 -41.57
C PRO B 1032 -17.44 -29.40 -40.52
N VAL B 1033 -18.01 -29.48 -39.33
CA VAL B 1033 -17.45 -30.27 -38.25
C VAL B 1033 -18.55 -31.07 -37.57
N THR B 1034 -18.12 -32.13 -36.87
CA THR B 1034 -19.01 -32.96 -36.07
C THR B 1034 -18.55 -32.87 -34.62
N LEU B 1035 -19.44 -32.42 -33.75
CA LEU B 1035 -19.10 -32.23 -32.34
C LEU B 1035 -19.92 -33.16 -31.49
N GLN B 1036 -19.29 -33.66 -30.43
N GLN B 1036 -19.30 -33.66 -30.42
CA GLN B 1036 -19.94 -34.56 -29.47
CA GLN B 1036 -19.99 -34.53 -29.47
C GLN B 1036 -20.34 -33.71 -28.27
C GLN B 1036 -20.35 -33.70 -28.27
N ALA B 1037 -21.14 -34.30 -27.39
CA ALA B 1037 -21.59 -33.63 -26.17
C ALA B 1037 -20.42 -33.19 -25.31
N GLY B 1038 -20.56 -32.00 -24.74
CA GLY B 1038 -19.54 -31.45 -23.87
C GLY B 1038 -18.33 -30.95 -24.65
N ASN B 1039 -17.14 -31.26 -24.15
CA ASN B 1039 -15.89 -30.63 -24.56
C ASN B 1039 -15.32 -31.36 -25.76
N ASN B 1040 -14.97 -30.60 -26.79
CA ASN B 1040 -14.37 -31.12 -28.01
C ASN B 1040 -12.99 -30.52 -28.19
N GLN B 1041 -12.01 -31.35 -28.50
CA GLN B 1041 -10.66 -30.88 -28.77
C GLN B 1041 -10.57 -30.50 -30.24
N VAL B 1042 -10.31 -29.22 -30.50
CA VAL B 1042 -10.19 -28.70 -31.85
C VAL B 1042 -8.79 -28.12 -31.99
N VAL B 1043 -7.95 -28.78 -32.79
CA VAL B 1043 -6.55 -28.39 -32.98
C VAL B 1043 -6.34 -27.89 -34.40
N PHE B 1044 -5.86 -26.66 -34.51
CA PHE B 1044 -5.34 -26.11 -35.78
C PHE B 1044 -3.82 -26.21 -35.76
N ASP B 1045 -3.23 -26.72 -36.83
CA ASP B 1045 -1.79 -26.61 -36.97
C ASP B 1045 -1.33 -26.38 -38.41
N PHE B 1046 -0.04 -26.11 -38.53
CA PHE B 1046 0.59 -25.87 -39.81
C PHE B 1046 1.51 -27.06 -40.01
N GLU B 1047 1.15 -27.91 -40.97
CA GLU B 1047 1.90 -29.12 -41.25
C GLU B 1047 2.74 -28.94 -42.51
N ALA B 1048 3.51 -29.96 -42.85
CA ALA B 1048 4.37 -29.95 -44.04
C ALA B 1048 3.64 -29.59 -45.35
N ASP B 1049 2.39 -29.97 -45.48
CA ASP B 1049 1.62 -29.69 -46.69
C ASP B 1049 0.76 -28.41 -46.62
N ASP B 1050 0.97 -27.60 -45.57
CA ASP B 1050 0.29 -26.31 -45.44
C ASP B 1050 1.13 -25.17 -46.00
N THR B 1051 0.48 -24.03 -46.25
N THR B 1051 0.47 -24.02 -46.19
CA THR B 1051 1.16 -22.92 -46.91
CA THR B 1051 1.04 -22.92 -46.96
C THR B 1051 0.64 -21.57 -46.43
C THR B 1051 0.62 -21.56 -46.42
N ALA B 1052 1.54 -20.59 -46.45
CA ALA B 1052 1.26 -19.14 -46.26
C ALA B 1052 0.95 -18.67 -44.84
N GLY B 1053 1.31 -17.42 -44.56
CA GLY B 1053 0.99 -16.82 -43.29
C GLY B 1053 -0.45 -16.35 -43.28
N ILE B 1054 -1.07 -16.43 -42.10
CA ILE B 1054 -2.37 -15.82 -41.83
C ILE B 1054 -2.32 -15.13 -40.50
N ASN B 1055 -3.28 -14.27 -40.26
CA ASN B 1055 -3.63 -13.86 -38.89
C ASN B 1055 -4.96 -14.53 -38.59
N PHE B 1056 -5.07 -15.10 -37.40
CA PHE B 1056 -6.17 -15.97 -37.01
C PHE B 1056 -6.89 -15.31 -35.83
N ASP B 1057 -8.11 -14.84 -36.07
CA ASP B 1057 -8.83 -14.03 -35.09
C ASP B 1057 -9.58 -14.84 -34.03
N HIS B 1058 -10.40 -15.76 -34.53
CA HIS B 1058 -11.34 -16.53 -33.73
C HIS B 1058 -12.00 -17.65 -34.52
N VAL B 1059 -12.71 -18.53 -33.81
CA VAL B 1059 -13.65 -19.45 -34.43
C VAL B 1059 -15.02 -19.27 -33.80
N VAL B 1060 -16.06 -19.49 -34.59
CA VAL B 1060 -17.45 -19.43 -34.15
C VAL B 1060 -18.12 -20.75 -34.52
N ILE B 1061 -18.84 -21.33 -33.57
CA ILE B 1061 -19.62 -22.54 -33.84
C ILE B 1061 -21.08 -22.14 -34.04
N LYS B 1062 -21.65 -22.58 -35.17
CA LYS B 1062 -23.05 -22.29 -35.47
C LYS B 1062 -23.72 -23.49 -36.09
N LYS B 1063 -25.03 -23.44 -36.23
CA LYS B 1063 -25.75 -24.55 -36.84
C LYS B 1063 -25.17 -25.00 -38.19
C1 GLC C . 46.93 30.64 10.86
C2 GLC C . 47.77 29.57 11.56
C3 GLC C . 47.92 28.33 10.70
C4 GLC C . 46.56 27.84 10.19
C5 GLC C . 45.77 28.98 9.55
C6 GLC C . 44.38 28.53 9.18
O1 GLC C . 47.60 31.19 9.72
O2 GLC C . 49.06 30.08 11.88
O3 GLC C . 48.52 27.28 11.47
O4 GLC C . 46.75 26.79 9.24
O5 GLC C . 45.67 30.09 10.45
O6 GLC C . 43.79 29.63 8.49
C1 GLC C . 42.51 29.23 7.95
C2 GLC C . 42.07 30.34 7.00
C3 GLC C . 41.76 31.60 7.80
C4 GLC C . 40.75 31.27 8.89
C5 GLC C . 41.30 30.16 9.78
C6 GLC C . 40.37 29.76 10.93
O2 GLC C . 43.08 30.58 6.01
O3 GLC C . 41.24 32.58 6.90
O4 GLC C . 40.44 32.46 9.63
O5 GLC C . 41.55 29.01 8.97
O6 GLC C . 39.11 29.32 10.45
C1 GLC D . 61.39 39.65 22.19
C2 GLC D . 62.49 40.58 21.70
C3 GLC D . 63.77 40.35 22.48
C4 GLC D . 63.51 40.46 23.98
C5 GLC D . 62.32 39.62 24.42
C6 GLC D . 61.93 39.92 25.86
O2 GLC D . 62.67 40.39 20.29
O3 GLC D . 64.73 41.33 22.08
O4 GLC D . 64.65 40.00 24.72
O5 GLC D . 61.19 39.86 23.59
O6 GLC D . 61.33 41.22 25.93
C1 GLC D . 66.11 40.90 22.02
C2 GLC D . 66.96 42.10 21.63
C3 GLC D . 66.67 42.52 20.19
C4 GLC D . 66.89 41.34 19.24
C5 GLC D . 66.09 40.13 19.72
C6 GLC D . 66.37 38.88 18.89
O2 GLC D . 66.69 43.19 22.52
O3 GLC D . 67.51 43.61 19.80
O4 GLC D . 66.46 41.71 17.93
O5 GLC D . 66.36 39.82 21.10
O6 GLC D . 65.53 37.83 19.41
C1 GLC D . 65.91 36.54 18.92
C2 GLC D . 64.79 35.55 19.24
C3 GLC D . 64.60 35.42 20.75
C4 GLC D . 65.93 35.01 21.40
C5 GLC D . 67.09 35.90 20.93
C6 GLC D . 68.45 35.34 21.37
O2 GLC D . 63.56 35.96 18.63
O3 GLC D . 63.58 34.42 20.93
O4 GLC D . 65.85 35.09 22.82
O5 GLC D . 67.12 36.05 19.50
O6 GLC D . 68.75 34.14 20.62
C1 GLC D . 62.92 34.42 22.22
C2 GLC D . 61.89 33.29 22.20
C3 GLC D . 60.76 33.60 21.24
C4 GLC D . 60.13 34.95 21.57
C5 GLC D . 61.23 36.02 21.63
C6 GLC D . 60.69 37.37 22.04
O2 GLC D . 62.50 32.04 21.88
O3 GLC D . 59.80 32.55 21.32
O4 GLC D . 59.17 35.29 20.56
O5 GLC D . 62.25 35.64 22.55
O6 GLC D . 61.78 38.30 21.86
C1 GLC E . 30.38 -10.71 -35.17
C2 GLC E . 30.21 -10.30 -36.63
C3 GLC E . 29.32 -9.08 -36.82
C4 GLC E . 28.00 -9.29 -36.08
C5 GLC E . 28.31 -9.61 -34.63
C6 GLC E . 27.06 -9.82 -33.80
O1 GLC E . 31.19 -9.75 -34.45
O2 GLC E . 31.50 -10.02 -37.17
O3 GLC E . 29.03 -8.87 -38.20
O4 GLC E . 27.19 -8.11 -36.18
O5 GLC E . 29.09 -10.80 -34.56
O6 GLC E . 26.38 -10.94 -34.36
C1 GLC E . 25.19 -11.22 -33.62
C2 GLC E . 24.69 -12.62 -33.98
C3 GLC E . 24.25 -12.64 -35.44
C4 GLC E . 23.19 -11.56 -35.66
C5 GLC E . 23.72 -10.19 -35.22
C6 GLC E . 22.65 -9.13 -35.35
O2 GLC E . 25.73 -13.59 -33.73
O3 GLC E . 23.70 -13.91 -35.75
O4 GLC E . 22.82 -11.52 -37.03
O5 GLC E . 24.17 -10.25 -33.86
O6 GLC E . 21.57 -9.38 -34.45
C1 GLC F . 28.18 8.24 -25.82
C2 GLC F . 28.15 8.47 -27.33
C3 GLC F . 26.94 7.76 -27.94
C4 GLC F . 27.03 6.27 -27.58
C5 GLC F . 27.12 6.08 -26.07
C6 GLC F . 27.33 4.62 -25.66
O2 GLC F . 28.13 9.88 -27.55
O3 GLC F . 27.01 7.94 -29.36
O4 GLC F . 25.92 5.54 -28.12
O5 GLC F . 28.22 6.84 -25.56
O6 GLC F . 28.61 4.17 -26.12
C1 GLC F . 25.83 8.54 -29.95
C2 GLC F . 25.97 8.44 -31.48
C3 GLC F . 27.06 9.39 -31.97
C4 GLC F . 26.77 10.82 -31.52
C5 GLC F . 26.64 10.83 -30.00
C6 GLC F . 26.33 12.22 -29.42
O2 GLC F . 26.33 7.09 -31.82
O3 GLC F . 27.15 9.35 -33.40
O4 GLC F . 27.86 11.67 -31.92
O5 GLC F . 25.63 9.90 -29.58
O6 GLC F . 26.48 12.17 -27.99
C1 GLC F . 26.67 13.50 -27.42
C2 GLC F . 26.79 13.42 -25.90
C3 GLC F . 25.49 12.95 -25.25
C4 GLC F . 24.37 13.92 -25.69
C5 GLC F . 24.33 14.00 -27.23
C6 GLC F . 23.32 15.01 -27.78
O2 GLC F . 27.91 12.58 -25.57
O3 GLC F . 25.70 12.90 -23.81
O4 GLC F . 23.07 13.57 -25.20
O5 GLC F . 25.61 14.40 -27.73
O6 GLC F . 23.51 16.27 -27.13
C1 GLC F . 25.05 11.79 -23.15
C2 GLC F . 25.29 11.90 -21.62
C3 GLC F . 26.76 11.67 -21.28
C4 GLC F . 27.21 10.32 -21.84
C5 GLC F . 26.86 10.18 -23.31
C6 GLC F . 27.11 8.76 -23.79
O2 GLC F . 24.77 13.14 -21.13
O3 GLC F . 26.96 11.64 -19.86
O4 GLC F . 28.64 10.19 -21.69
O5 GLC F . 25.48 10.50 -23.58
O6 GLC F . 27.03 8.87 -25.23
C1 GLC G . 34.92 19.41 -29.88
C2 GLC G . 35.47 20.53 -29.00
C3 GLC G . 36.36 19.98 -27.89
C4 GLC G . 35.67 18.88 -27.11
C5 GLC G . 35.21 17.80 -28.09
C6 GLC G . 34.46 16.65 -27.44
O1 GLC G . 35.95 18.87 -30.71
O2 GLC G . 36.20 21.48 -29.79
O3 GLC G . 36.76 21.05 -27.03
O4 GLC G . 36.54 18.33 -26.12
O5 GLC G . 34.34 18.37 -29.09
O6 GLC G . 34.29 15.64 -28.45
C1 GLC G . 33.19 14.75 -28.19
C2 GLC G . 33.19 13.63 -29.25
C3 GLC G . 32.67 14.13 -30.60
C4 GLC G . 31.32 14.81 -30.42
C5 GLC G . 31.43 15.93 -29.39
C6 GLC G . 30.07 16.57 -29.14
O2 GLC G . 34.51 13.10 -29.40
O3 GLC G . 32.59 13.00 -31.49
O4 GLC G . 30.86 15.37 -31.66
O5 GLC G . 31.92 15.39 -28.16
O6 GLC G . 29.28 15.70 -28.32
C1 GLC G . 32.77 13.30 -32.89
C2 GLC G . 32.67 11.98 -33.66
C3 GLC G . 33.90 11.12 -33.43
C4 GLC G . 35.19 11.91 -33.65
C5 GLC G . 35.18 13.26 -32.94
C6 GLC G . 36.38 14.11 -33.35
O2 GLC G . 31.51 11.27 -33.22
O3 GLC G . 33.87 10.02 -34.34
O4 GLC G . 36.28 11.11 -33.16
O5 GLC G . 33.98 13.98 -33.24
O6 GLC G . 36.44 15.29 -32.53
C1 GLC H . -10.06 -9.46 20.14
C2 GLC H . -10.68 -9.45 18.74
C3 GLC H . -9.94 -8.47 17.81
C4 GLC H . -9.92 -7.08 18.44
C5 GLC H . -9.40 -7.14 19.88
C6 GLC H . -9.59 -5.79 20.58
O2 GLC H . -10.72 -10.78 18.19
O3 GLC H . -10.56 -8.40 16.52
O4 GLC H . -9.07 -6.21 17.66
O5 GLC H . -10.09 -8.13 20.68
O6 GLC H . -8.82 -5.84 21.79
C1 GLC H . -8.01 -4.66 21.92
C2 GLC H . -7.13 -4.87 23.15
C3 GLC H . -7.98 -4.90 24.41
C4 GLC H . -8.82 -3.62 24.49
C5 GLC H . -9.65 -3.45 23.21
C6 GLC H . -10.44 -2.14 23.19
O2 GLC H . -6.36 -6.07 22.96
O3 GLC H . -7.07 -4.99 25.52
O4 GLC H . -9.68 -3.60 25.63
O5 GLC H . -8.78 -3.46 22.07
O6 GLC H . -9.54 -1.03 23.16
C1 GLC H . -7.32 -6.09 26.42
C2 GLC H . -6.46 -5.92 27.67
C3 GLC H . -4.98 -6.17 27.35
C4 GLC H . -4.78 -7.54 26.71
C5 GLC H . -5.70 -7.66 25.50
C6 GLC H . -5.62 -9.02 24.80
O2 GLC H . -6.63 -4.58 28.20
O3 GLC H . -4.20 -6.05 28.55
O4 GLC H . -3.41 -7.68 26.29
O5 GLC H . -7.08 -7.39 25.86
O6 GLC H . -6.35 -8.94 23.55
C1 GLC H . -5.86 -9.90 22.58
C2 GLC H . -6.59 -9.75 21.24
C3 GLC H . -8.08 -10.12 21.39
C4 GLC H . -8.16 -11.54 21.99
C5 GLC H . -7.34 -11.62 23.29
C6 GLC H . -7.34 -13.00 23.96
O2 GLC H . -6.39 -8.42 20.74
O3 GLC H . -8.72 -10.03 20.11
O4 GLC H . -9.50 -11.98 22.27
O5 GLC H . -5.98 -11.26 23.01
O6 GLC H . -7.02 -14.01 23.01
C1 GLC I . -10.29 12.66 33.87
C2 GLC I . -9.42 12.27 35.07
C3 GLC I . -9.41 10.76 35.29
C4 GLC I . -10.83 10.22 35.33
C5 GLC I . -11.57 10.64 34.06
C6 GLC I . -13.00 10.14 34.02
O1 GLC I . -9.66 12.24 32.64
O2 GLC I . -8.09 12.73 34.85
O3 GLC I . -8.76 10.46 36.52
O4 GLC I . -10.81 8.80 35.45
O5 GLC I . -11.59 12.07 33.97
O6 GLC I . -13.68 10.68 35.14
C1 GLC I . -15.04 10.22 35.18
C2 GLC I . -15.84 11.14 36.11
C3 GLC I . -15.38 10.95 37.55
C4 GLC I . -15.51 9.48 37.92
C5 GLC I . -14.69 8.63 36.95
C6 GLC I . -14.84 7.15 37.27
O2 GLC I . -15.68 12.51 35.74
O3 GLC I . -16.18 11.76 38.40
O4 GLC I . -15.07 9.29 39.27
O5 GLC I . -15.13 8.86 35.60
O6 GLC I . -16.19 6.73 37.04
C1 GLC J . -3.89 -13.95 -23.89
C2 GLC J . -4.30 -12.67 -24.62
C3 GLC J . -4.38 -11.49 -23.65
C4 GLC J . -5.29 -11.85 -22.47
C5 GLC J . -4.88 -13.18 -21.83
C6 GLC J . -5.88 -13.59 -20.75
O1 GLC J . -2.56 -13.86 -23.38
O2 GLC J . -3.39 -12.34 -25.69
O3 GLC J . -4.92 -10.33 -24.29
O4 GLC J . -5.24 -10.81 -21.49
O5 GLC J . -4.82 -14.21 -22.83
O6 GLC J . -5.37 -14.78 -20.13
C1 GLC J . -6.16 -15.14 -18.99
C2 GLC J . -5.45 -16.29 -18.27
C3 GLC J . -5.49 -17.55 -19.13
C4 GLC J . -6.94 -17.86 -19.50
C5 GLC J . -7.55 -16.67 -20.23
C6 GLC J . -9.01 -16.85 -20.67
O2 GLC J . -4.10 -15.90 -17.93
O3 GLC J . -4.90 -18.62 -18.41
O4 GLC J . -7.04 -19.03 -20.31
O5 GLC J . -7.48 -15.53 -19.37
O6 GLC J . -9.84 -17.15 -19.55
C1 GLC K . -0.21 -7.37 19.90
C2 GLC K . -0.21 -6.44 21.11
C3 GLC K . 0.42 -7.11 22.33
C4 GLC K . -0.25 -8.47 22.61
C5 GLC K . -0.28 -9.33 21.34
C6 GLC K . -1.07 -10.62 21.56
O2 GLC K . 0.48 -5.23 20.80
O3 GLC K . 0.26 -6.22 23.44
O4 GLC K . 0.49 -9.19 23.63
O5 GLC K . -0.87 -8.59 20.27
O6 GLC K . -2.47 -10.33 21.55
C1 GLC K . 1.31 -6.28 24.45
C2 GLC K . 1.00 -5.23 25.51
C3 GLC K . 1.29 -3.82 25.01
C4 GLC K . 2.68 -3.72 24.41
C5 GLC K . 2.92 -4.82 23.38
C6 GLC K . 4.36 -4.83 22.86
O2 GLC K . -0.37 -5.35 25.89
O3 GLC K . 1.16 -2.89 26.09
O4 GLC K . 2.80 -2.44 23.76
O5 GLC K . 2.64 -6.10 23.95
O6 GLC K . 4.43 -5.82 21.82
C1 GLC K . 5.76 -6.28 21.56
C2 GLC K . 5.73 -7.20 20.34
C3 GLC K . 5.07 -8.54 20.65
C4 GLC K . 5.65 -9.18 21.93
C5 GLC K . 5.70 -8.17 23.07
C6 GLC K . 6.36 -8.74 24.33
O2 GLC K . 5.05 -6.53 19.26
O3 GLC K . 5.26 -9.38 19.49
O4 GLC K . 4.85 -10.28 22.35
O5 GLC K . 6.39 -6.98 22.65
O6 GLC K . 7.68 -9.24 24.06
C1 GLC K . 4.25 -10.40 19.27
C2 GLC K . 4.58 -11.11 17.95
C3 GLC K . 4.34 -10.18 16.77
C4 GLC K . 2.90 -9.65 16.79
C5 GLC K . 2.61 -9.02 18.17
C6 GLC K . 1.17 -8.53 18.34
O2 GLC K . 5.94 -11.55 17.94
O3 GLC K . 4.62 -10.88 15.56
O4 GLC K . 2.69 -8.72 15.72
O5 GLC K . 2.90 -9.94 19.23
O6 GLC K . 1.13 -7.56 19.40
C1 GLC L . -5.34 -37.95 60.41
C2 GLC L . -4.12 -38.57 59.72
C3 GLC L . -3.22 -39.28 60.75
C4 GLC L . -2.88 -38.31 61.87
C5 GLC L . -4.17 -37.79 62.51
C6 GLC L . -3.94 -36.84 63.69
O2 GLC L . -4.53 -39.48 58.69
O3 GLC L . -2.04 -39.71 60.05
O4 GLC L . -2.04 -38.92 62.87
O5 GLC L . -4.95 -37.11 61.51
O6 GLC L . -2.68 -36.16 63.60
C1 GLC L . -1.41 -40.93 60.52
C2 GLC L . -0.27 -41.24 59.55
C3 GLC L . -0.84 -41.70 58.20
C4 GLC L . -1.71 -42.93 58.44
C5 GLC L . -2.84 -42.55 59.40
C6 GLC L . -3.82 -43.68 59.67
O2 GLC L . 0.56 -40.07 59.41
O3 GLC L . 0.20 -41.96 57.25
O4 GLC L . -2.23 -43.46 57.20
O5 GLC L . -2.29 -42.07 60.63
O6 GLC L . -4.88 -43.16 60.50
C1 GLC L . -5.63 -44.21 61.14
C2 GLC L . -6.92 -43.61 61.69
C3 GLC L . -6.61 -42.59 62.81
C4 GLC L . -5.70 -43.22 63.88
C5 GLC L . -4.51 -43.98 63.27
C6 GLC L . -3.77 -44.80 64.32
O2 GLC L . -7.64 -42.98 60.62
O3 GLC L . -7.87 -42.17 63.38
O4 GLC L . -5.16 -42.21 64.73
O5 GLC L . -4.93 -44.85 62.21
O6 GLC L . -4.61 -45.86 64.81
C1 GLC L . -7.90 -40.83 63.97
C2 GLC L . -9.33 -40.52 64.38
C3 GLC L . -10.23 -40.39 63.14
C4 GLC L . -9.68 -39.37 62.15
C5 GLC L . -8.20 -39.63 61.89
C6 GLC L . -7.55 -38.53 61.08
O2 GLC L . -9.82 -41.53 65.26
O3 GLC L . -11.56 -40.02 63.54
O4 GLC L . -10.42 -39.44 60.92
O5 GLC L . -7.44 -39.78 63.11
O6 GLC L . -6.24 -39.01 60.75
C1 GLC M . 7.45 -9.01 -41.52
C2 GLC M . 6.04 -8.85 -40.96
C3 GLC M . 5.03 -8.81 -42.09
C4 GLC M . 5.40 -7.78 -43.16
C5 GLC M . 6.88 -7.87 -43.55
C6 GLC M . 7.31 -6.70 -44.43
O2 GLC M . 5.72 -9.92 -40.08
O3 GLC M . 3.76 -8.52 -41.47
O4 GLC M . 4.63 -7.97 -44.36
O5 GLC M . 7.70 -7.91 -42.38
O6 GLC M . 7.39 -5.50 -43.63
C1 GLC M . 2.62 -8.98 -42.24
C2 GLC M . 1.36 -8.64 -41.47
C3 GLC M . 1.26 -9.45 -40.17
C4 GLC M . 1.28 -10.92 -40.56
C5 GLC M . 2.54 -11.22 -41.36
C6 GLC M . 2.60 -12.66 -41.86
O2 GLC M . 1.32 -7.24 -41.20
O3 GLC M . 0.07 -9.09 -39.48
O4 GLC M . 1.21 -11.75 -39.39
O5 GLC M . 2.63 -10.38 -42.52
O6 GLC M . 3.93 -12.85 -42.33
C1 GLC M . 4.16 -14.20 -42.73
C2 GLC M . 5.64 -14.33 -43.06
C3 GLC M . 5.98 -13.55 -44.34
C4 GLC M . 5.04 -13.97 -45.47
C5 GLC M . 3.57 -13.89 -45.05
C6 GLC M . 2.65 -14.46 -46.12
O2 GLC M . 6.41 -13.86 -41.95
O3 GLC M . 7.34 -13.89 -44.67
O4 GLC M . 5.22 -13.13 -46.62
O5 GLC M . 3.38 -14.63 -43.85
O6 GLC M . 2.90 -15.86 -46.30
C1 GLC M . 8.10 -12.85 -45.30
C2 GLC M . 9.48 -13.40 -45.67
C3 GLC M . 10.29 -13.67 -44.41
C4 GLC M . 10.38 -12.41 -43.56
C5 GLC M . 8.97 -11.89 -43.28
C6 GLC M . 8.94 -10.59 -42.49
O2 GLC M . 9.32 -14.61 -46.42
O3 GLC M . 11.59 -14.15 -44.78
O4 GLC M . 11.02 -12.68 -42.32
O5 GLC M . 8.26 -11.68 -44.50
O6 GLC M . 7.58 -10.30 -42.16
MG MG N . 3.37 19.19 6.16
MG MG O . 23.65 -8.61 -6.56
MG MG P . 38.68 2.06 -24.26
MG MG Q . 27.69 35.57 -11.11
MG MG R . -2.30 1.73 -28.42
CA CA S . 47.65 28.83 20.09
CL CL T . 18.33 16.03 -29.05
CL CL U . -6.96 26.16 -32.50
C1 GLC V . 29.76 6.32 -30.89
C2 GLC V . 30.33 5.25 -29.95
C3 GLC V . 30.64 3.95 -30.69
C4 GLC V . 29.42 3.48 -31.47
C5 GLC V . 28.80 4.60 -32.30
C6 GLC V . 27.47 4.17 -32.89
O1 GLC V . 30.71 6.74 -31.89
O2 GLC V . 31.51 5.73 -29.31
O3 GLC V . 31.02 2.95 -29.74
O4 GLC V . 29.80 2.39 -32.32
O5 GLC V . 28.59 5.79 -31.51
O6 GLC V . 27.23 4.91 -34.09
MG MG W . -37.37 -28.12 3.12
MG MG X . -4.46 6.19 17.45
MG MG Y . -29.46 6.32 12.32
CA CA Z . -9.37 -12.46 -31.60
CL CL AA . -15.19 -11.72 -41.57
CL CL BA . -42.81 -55.38 17.70
CL CL CA . -21.43 -38.51 38.70
CL CL DA . -23.10 -33.62 -8.31
CL CL EA . -15.23 -33.38 -37.79
C1 GLC FA . -5.06 -2.12 25.97
C2 GLC FA . -5.63 -0.92 25.21
C3 GLC FA . -5.61 0.34 26.07
C4 GLC FA . -6.28 0.08 27.42
C5 GLC FA . -5.67 -1.15 28.09
C6 GLC FA . -6.32 -1.49 29.42
O1 GLC FA . -3.66 -1.92 26.26
O2 GLC FA . -4.92 -0.69 24.00
O3 GLC FA . -6.29 1.39 25.37
O4 GLC FA . -6.10 1.24 28.24
O5 GLC FA . -5.77 -2.28 27.20
O6 GLC FA . -7.70 -1.78 29.23
#